data_1UUY
# 
_entry.id   1UUY 
# 
_audit_conform.dict_name       mmcif_pdbx.dic 
_audit_conform.dict_version    5.382 
_audit_conform.dict_location   http://mmcif.pdb.org/dictionaries/ascii/mmcif_pdbx.dic 
# 
loop_
_database_2.database_id 
_database_2.database_code 
_database_2.pdbx_database_accession 
_database_2.pdbx_DOI 
PDB   1UUY         pdb_00001uuy 10.2210/pdb1uuy/pdb 
PDBE  EBI-13111    ?            ?                   
WWPDB D_1290013111 ?            ?                   
# 
loop_
_pdbx_database_related.db_name 
_pdbx_database_related.db_id 
_pdbx_database_related.content_type 
_pdbx_database_related.details 
PDB 1EAV unspecified 
'CRYSTAL STRUCTURES OF HUMAN GEPHYRIN AND PLANT CNX1 G DOMAINS - COMPARATIVE ANALYSIS AND FUNCTIONAL IMPLICATIONS' 
PDB 1O8N unspecified 'THE ACTIVE SITE OF THE MOLYBDENUM COFACTOR BIOSENTHETIC PROTEIN DOMAIN CNX1G' 
PDB 1O8O unspecified 'THE ACTIVE SITE OF THE MOLYBDENUM COFACTOR BIOSENTHETIC PROTEIN DOMAIN CNX1G' 
PDB 1O8Q unspecified 'THE ACTIVE SITE OF THE MOLYBDENUM COFACTOR BIOSENTHETIC PROTEIN DOMAIN CNX1G' 
PDB 1UUY unspecified 'STRUCTURE OF A MOLYBDOPTERIN-BOUND CNX1G DOMAIN LINKS MOLYBDENUM AND COPPER METABOLISM' 
# 
_pdbx_database_status.status_code                     REL 
_pdbx_database_status.entry_id                        1UUY 
_pdbx_database_status.deposit_site                    PDBE 
_pdbx_database_status.process_site                    PDBE 
_pdbx_database_status.SG_entry                        . 
_pdbx_database_status.recvd_initial_deposition_date   2004-01-12 
_pdbx_database_status.pdb_format_compatible           Y 
_pdbx_database_status.status_code_sf                  REL 
_pdbx_database_status.status_code_mr                  ? 
_pdbx_database_status.status_code_cs                  ? 
_pdbx_database_status.methods_development_category    ? 
_pdbx_database_status.status_code_nmr_data            ? 
# 
loop_
_audit_author.name 
_audit_author.pdbx_ordinal 
'Kuper, J.'    1 
'Llamas, A.'   2 
'Hecht, H.J.'  3 
'Mendel, R.R.' 4 
'Schwarz, G.'  5 
# 
_citation.id                        primary 
_citation.title                     'Structure of a Molybdopterin-Bound Cnx1G Domain Links Molybdenum and Copper Metabolism' 
_citation.journal_abbrev            Nature 
_citation.journal_volume            430 
_citation.page_first                803 
_citation.page_last                 ? 
_citation.year                      2004 
_citation.journal_id_ASTM           NATUAS 
_citation.country                   UK 
_citation.journal_id_ISSN           0028-0836 
_citation.journal_id_CSD            0006 
_citation.book_publisher            ? 
_citation.pdbx_database_id_PubMed   15306815 
_citation.pdbx_database_id_DOI      10.1038/NATURE02681 
# 
loop_
_citation_author.citation_id 
_citation_author.name 
_citation_author.ordinal 
_citation_author.identifier_ORCID 
primary 'Kuper, J.'    1 ? 
primary 'Llamas, A.'   2 ? 
primary 'Hecht, H.J.'  3 ? 
primary 'Mendel, R.R.' 4 ? 
primary 'Schwarz, G.'  5 ? 
# 
_cell.entry_id           1UUY 
_cell.length_a           171.090 
_cell.length_b           171.090 
_cell.length_c           171.090 
_cell.angle_alpha        90.00 
_cell.angle_beta         90.00 
_cell.angle_gamma        90.00 
_cell.Z_PDB              96 
_cell.pdbx_unique_axis   ? 
# 
_symmetry.entry_id                         1UUY 
_symmetry.space_group_name_H-M             'F 41 3 2' 
_symmetry.pdbx_full_space_group_name_H-M   ? 
_symmetry.cell_setting                     ? 
_symmetry.Int_Tables_number                210 
# 
loop_
_entity.id 
_entity.type 
_entity.src_method 
_entity.pdbx_description 
_entity.formula_weight 
_entity.pdbx_number_of_molecules 
_entity.pdbx_ec 
_entity.pdbx_mutation 
_entity.pdbx_fragment 
_entity.details 
1 polymer     man 'MOLYBDOPTERIN BIOSYNTHESIS CNX1' 17699.518 1   ? YES 'G-DOMAIN, RESIDUES 462-624' 'BOUND MTE AMP COMPLEX' 
2 non-polymer syn 
'PHOSPHONIC ACIDMONO-(2-AMINO-5,6-DIMERCAPTO-4-OXO-3,7,8A,9,10,10A-HEXAHYDRO-4H-8-OXA-1,3,9,10-TETRAAZA-ANTHRACEN-7-YLMETHYL)ESTER' 
395.352   1   ? ?   ?                            ?                       
3 non-polymer syn 'ADENOSINE MONOPHOSPHATE' 347.221   1   ? ?   ?                            ?                       
4 non-polymer syn 'PROPANOIC ACID' 74.079    1   ? ?   ?                            ?                       
5 non-polymer syn IMIDAZOLE 69.085    1   ? ?   ?                            ?                       
6 non-polymer syn 'FORMIC ACID' 46.025    1   ? ?   ?                            ?                       
7 non-polymer syn 'COPPER (I) ION' 63.546    1   ? ?   ?                            ?                       
8 water       nat water 18.015    168 ? ?   ?                            ?                       
# 
_entity_name_com.entity_id   1 
_entity_name_com.name        CNX1 
# 
_entity_poly.entity_id                      1 
_entity_poly.type                           'polypeptide(L)' 
_entity_poly.nstd_linkage                   no 
_entity_poly.nstd_monomer                   no 
_entity_poly.pdbx_seq_one_letter_code       
;VPGPEYKVAILTVSDTVSAGAGPDRSGPRAVSVVDSSSEKLGGAKVVATAVVPDEVERIKDILQKWSDVDEMDLILTLGG
TGFTPRDVTPEATKKVIERETPGLLFVMMQESLKITPFAMLARSAAGIRGSTLIINMPGNPNAVAECMEALLPALKHALK
QIKGDKR
;
_entity_poly.pdbx_seq_one_letter_code_can   
;VPGPEYKVAILTVSDTVSAGAGPDRSGPRAVSVVDSSSEKLGGAKVVATAVVPDEVERIKDILQKWSDVDEMDLILTLGG
TGFTPRDVTPEATKKVIERETPGLLFVMMQESLKITPFAMLARSAAGIRGSTLIINMPGNPNAVAECMEALLPALKHALK
QIKGDKR
;
_entity_poly.pdbx_strand_id                 A 
_entity_poly.pdbx_target_identifier         ? 
# 
loop_
_entity_poly_seq.entity_id 
_entity_poly_seq.num 
_entity_poly_seq.mon_id 
_entity_poly_seq.hetero 
1 1   VAL n 
1 2   PRO n 
1 3   GLY n 
1 4   PRO n 
1 5   GLU n 
1 6   TYR n 
1 7   LYS n 
1 8   VAL n 
1 9   ALA n 
1 10  ILE n 
1 11  LEU n 
1 12  THR n 
1 13  VAL n 
1 14  SER n 
1 15  ASP n 
1 16  THR n 
1 17  VAL n 
1 18  SER n 
1 19  ALA n 
1 20  GLY n 
1 21  ALA n 
1 22  GLY n 
1 23  PRO n 
1 24  ASP n 
1 25  ARG n 
1 26  SER n 
1 27  GLY n 
1 28  PRO n 
1 29  ARG n 
1 30  ALA n 
1 31  VAL n 
1 32  SER n 
1 33  VAL n 
1 34  VAL n 
1 35  ASP n 
1 36  SER n 
1 37  SER n 
1 38  SER n 
1 39  GLU n 
1 40  LYS n 
1 41  LEU n 
1 42  GLY n 
1 43  GLY n 
1 44  ALA n 
1 45  LYS n 
1 46  VAL n 
1 47  VAL n 
1 48  ALA n 
1 49  THR n 
1 50  ALA n 
1 51  VAL n 
1 52  VAL n 
1 53  PRO n 
1 54  ASP n 
1 55  GLU n 
1 56  VAL n 
1 57  GLU n 
1 58  ARG n 
1 59  ILE n 
1 60  LYS n 
1 61  ASP n 
1 62  ILE n 
1 63  LEU n 
1 64  GLN n 
1 65  LYS n 
1 66  TRP n 
1 67  SER n 
1 68  ASP n 
1 69  VAL n 
1 70  ASP n 
1 71  GLU n 
1 72  MET n 
1 73  ASP n 
1 74  LEU n 
1 75  ILE n 
1 76  LEU n 
1 77  THR n 
1 78  LEU n 
1 79  GLY n 
1 80  GLY n 
1 81  THR n 
1 82  GLY n 
1 83  PHE n 
1 84  THR n 
1 85  PRO n 
1 86  ARG n 
1 87  ASP n 
1 88  VAL n 
1 89  THR n 
1 90  PRO n 
1 91  GLU n 
1 92  ALA n 
1 93  THR n 
1 94  LYS n 
1 95  LYS n 
1 96  VAL n 
1 97  ILE n 
1 98  GLU n 
1 99  ARG n 
1 100 GLU n 
1 101 THR n 
1 102 PRO n 
1 103 GLY n 
1 104 LEU n 
1 105 LEU n 
1 106 PHE n 
1 107 VAL n 
1 108 MET n 
1 109 MET n 
1 110 GLN n 
1 111 GLU n 
1 112 SER n 
1 113 LEU n 
1 114 LYS n 
1 115 ILE n 
1 116 THR n 
1 117 PRO n 
1 118 PHE n 
1 119 ALA n 
1 120 MET n 
1 121 LEU n 
1 122 ALA n 
1 123 ARG n 
1 124 SER n 
1 125 ALA n 
1 126 ALA n 
1 127 GLY n 
1 128 ILE n 
1 129 ARG n 
1 130 GLY n 
1 131 SER n 
1 132 THR n 
1 133 LEU n 
1 134 ILE n 
1 135 ILE n 
1 136 ASN n 
1 137 MET n 
1 138 PRO n 
1 139 GLY n 
1 140 ASN n 
1 141 PRO n 
1 142 ASN n 
1 143 ALA n 
1 144 VAL n 
1 145 ALA n 
1 146 GLU n 
1 147 CYS n 
1 148 MET n 
1 149 GLU n 
1 150 ALA n 
1 151 LEU n 
1 152 LEU n 
1 153 PRO n 
1 154 ALA n 
1 155 LEU n 
1 156 LYS n 
1 157 HIS n 
1 158 ALA n 
1 159 LEU n 
1 160 LYS n 
1 161 GLN n 
1 162 ILE n 
1 163 LYS n 
1 164 GLY n 
1 165 ASP n 
1 166 LYS n 
1 167 ARG n 
# 
_entity_src_gen.entity_id                          1 
_entity_src_gen.pdbx_src_id                        1 
_entity_src_gen.pdbx_alt_source_flag               sample 
_entity_src_gen.pdbx_seq_type                      ? 
_entity_src_gen.pdbx_beg_seq_num                   ? 
_entity_src_gen.pdbx_end_seq_num                   ? 
_entity_src_gen.gene_src_common_name               'MOUSE-EAR CRESS' 
_entity_src_gen.gene_src_genus                     ? 
_entity_src_gen.pdbx_gene_src_gene                 ? 
_entity_src_gen.gene_src_species                   ? 
_entity_src_gen.gene_src_strain                    ? 
_entity_src_gen.gene_src_tissue                    ? 
_entity_src_gen.gene_src_tissue_fraction           ? 
_entity_src_gen.gene_src_details                   ? 
_entity_src_gen.pdbx_gene_src_fragment             ? 
_entity_src_gen.pdbx_gene_src_scientific_name      'ARABIDOPSIS THALIANA' 
_entity_src_gen.pdbx_gene_src_ncbi_taxonomy_id     3702 
_entity_src_gen.pdbx_gene_src_variant              ? 
_entity_src_gen.pdbx_gene_src_cell_line            ? 
_entity_src_gen.pdbx_gene_src_atcc                 ? 
_entity_src_gen.pdbx_gene_src_organ                ? 
_entity_src_gen.pdbx_gene_src_organelle            ? 
_entity_src_gen.pdbx_gene_src_cell                 ? 
_entity_src_gen.pdbx_gene_src_cellular_location    ? 
_entity_src_gen.host_org_common_name               ? 
_entity_src_gen.pdbx_host_org_scientific_name      'ESCHERICHIA COLI' 
_entity_src_gen.pdbx_host_org_ncbi_taxonomy_id     562 
_entity_src_gen.host_org_genus                     ? 
_entity_src_gen.pdbx_host_org_gene                 ? 
_entity_src_gen.pdbx_host_org_organ                ? 
_entity_src_gen.host_org_species                   ? 
_entity_src_gen.pdbx_host_org_tissue               ? 
_entity_src_gen.pdbx_host_org_tissue_fraction      ? 
_entity_src_gen.pdbx_host_org_strain               RK5206 
_entity_src_gen.pdbx_host_org_variant              ? 
_entity_src_gen.pdbx_host_org_cell_line            ? 
_entity_src_gen.pdbx_host_org_atcc                 ? 
_entity_src_gen.pdbx_host_org_culture_collection   ? 
_entity_src_gen.pdbx_host_org_cell                 ? 
_entity_src_gen.pdbx_host_org_organelle            ? 
_entity_src_gen.pdbx_host_org_cellular_location    ? 
_entity_src_gen.pdbx_host_org_vector_type          ? 
_entity_src_gen.pdbx_host_org_vector               PQE60 
_entity_src_gen.host_org_details                   ? 
_entity_src_gen.expression_system_id               ? 
_entity_src_gen.plasmid_name                       ? 
_entity_src_gen.plasmid_details                    ? 
_entity_src_gen.pdbx_description                   ? 
# 
_struct_ref.id                         1 
_struct_ref.db_name                    UNP 
_struct_ref.db_code                    CNX1_ARATH 
_struct_ref.entity_id                  1 
_struct_ref.pdbx_seq_one_letter_code   ? 
_struct_ref.pdbx_align_begin           ? 
_struct_ref.pdbx_db_accession          Q39054 
_struct_ref.pdbx_db_isoform            ? 
# 
_struct_ref_seq.align_id                      1 
_struct_ref_seq.ref_id                        1 
_struct_ref_seq.pdbx_PDB_id_code              1UUY 
_struct_ref_seq.pdbx_strand_id                A 
_struct_ref_seq.seq_align_beg                 1 
_struct_ref_seq.pdbx_seq_align_beg_ins_code   ? 
_struct_ref_seq.seq_align_end                 163 
_struct_ref_seq.pdbx_seq_align_end_ins_code   ? 
_struct_ref_seq.pdbx_db_accession             Q39054 
_struct_ref_seq.db_align_beg                  462 
_struct_ref_seq.pdbx_db_align_beg_ins_code    ? 
_struct_ref_seq.db_align_end                  624 
_struct_ref_seq.pdbx_db_align_end_ins_code    ? 
_struct_ref_seq.pdbx_auth_seq_align_beg       1 
_struct_ref_seq.pdbx_auth_seq_align_end       163 
# 
_struct_ref_seq_dif.align_id                     1 
_struct_ref_seq_dif.pdbx_pdb_id_code             1UUY 
_struct_ref_seq_dif.mon_id                       ALA 
_struct_ref_seq_dif.pdbx_pdb_strand_id           A 
_struct_ref_seq_dif.seq_num                      122 
_struct_ref_seq_dif.pdbx_pdb_ins_code            ? 
_struct_ref_seq_dif.pdbx_seq_db_name             UNP 
_struct_ref_seq_dif.pdbx_seq_db_accession_code   Q39054 
_struct_ref_seq_dif.db_mon_id                    SER 
_struct_ref_seq_dif.pdbx_seq_db_seq_num          583 
_struct_ref_seq_dif.details                      'engineered mutation' 
_struct_ref_seq_dif.pdbx_auth_seq_num            122 
_struct_ref_seq_dif.pdbx_ordinal                 1 
# 
loop_
_chem_comp.id 
_chem_comp.type 
_chem_comp.mon_nstd_flag 
_chem_comp.name 
_chem_comp.pdbx_synonyms 
_chem_comp.formula 
_chem_comp.formula_weight 
ALA 'L-peptide linking' y ALANINE ? 'C3 H7 N O2'         89.093  
AMP non-polymer         . 'ADENOSINE MONOPHOSPHATE' ? 'C10 H14 N5 O7 P'    347.221 
ARG 'L-peptide linking' y ARGININE ? 'C6 H15 N4 O2 1'     175.209 
ASN 'L-peptide linking' y ASPARAGINE ? 'C4 H8 N2 O3'        132.118 
ASP 'L-peptide linking' y 'ASPARTIC ACID' ? 'C4 H7 N O4'         133.103 
CU1 non-polymer         . 'COPPER (I) ION' ? 'Cu 1'               63.546  
CYS 'L-peptide linking' y CYSTEINE ? 'C3 H7 N O2 S'       121.158 
FMT non-polymer         . 'FORMIC ACID' ? 'C H2 O2'            46.025  
GLN 'L-peptide linking' y GLUTAMINE ? 'C5 H10 N2 O3'       146.144 
GLU 'L-peptide linking' y 'GLUTAMIC ACID' ? 'C5 H9 N O4'         147.129 
GLY 'peptide linking'   y GLYCINE ? 'C2 H5 N O2'         75.067  
HIS 'L-peptide linking' y HISTIDINE ? 'C6 H10 N3 O2 1'     156.162 
HOH non-polymer         . WATER ? 'H2 O'               18.015  
ILE 'L-peptide linking' y ISOLEUCINE ? 'C6 H13 N O2'        131.173 
IMD non-polymer         . IMIDAZOLE ? 'C3 H5 N2 1'         69.085  
LEU 'L-peptide linking' y LEUCINE ? 'C6 H13 N O2'        131.173 
LYS 'L-peptide linking' y LYSINE ? 'C6 H15 N2 O2 1'     147.195 
MET 'L-peptide linking' y METHIONINE ? 'C5 H11 N O2 S'      149.211 
MTE non-polymer         . 
'PHOSPHONIC ACIDMONO-(2-AMINO-5,6-DIMERCAPTO-4-OXO-3,7,8A,9,10,10A-HEXAHYDRO-4H-8-OXA-1,3,9,10-TETRAAZA-ANTHRACEN-7-YLMETHYL)ESTER' 
? 'C10 H14 N5 O6 P S2' 395.352 
PHE 'L-peptide linking' y PHENYLALANINE ? 'C9 H11 N O2'        165.189 
PPI non-polymer         . 'PROPANOIC ACID' ? 'C3 H6 O2'           74.079  
PRO 'L-peptide linking' y PROLINE ? 'C5 H9 N O2'         115.130 
SER 'L-peptide linking' y SERINE ? 'C3 H7 N O3'         105.093 
THR 'L-peptide linking' y THREONINE ? 'C4 H9 N O3'         119.119 
TRP 'L-peptide linking' y TRYPTOPHAN ? 'C11 H12 N2 O2'      204.225 
TYR 'L-peptide linking' y TYROSINE ? 'C9 H11 N O3'        181.189 
VAL 'L-peptide linking' y VALINE ? 'C5 H11 N O2'        117.146 
# 
_exptl.entry_id          1UUY 
_exptl.method            'X-RAY DIFFRACTION' 
_exptl.crystals_number   1 
# 
_exptl_crystal.id                    1 
_exptl_crystal.density_meas          ? 
_exptl_crystal.density_Matthews      2.7 
_exptl_crystal.density_percent_sol   50.8 
_exptl_crystal.description           ? 
# 
_exptl_crystal_grow.crystal_id      1 
_exptl_crystal_grow.method          ? 
_exptl_crystal_grow.temp            ? 
_exptl_crystal_grow.temp_details    ? 
_exptl_crystal_grow.pH              7.80 
_exptl_crystal_grow.pdbx_pH_range   ? 
_exptl_crystal_grow.pdbx_details    '3.2 M SODIUM FORMATE ANAEROBIC, pH 7.80' 
# 
_diffrn.id                     1 
_diffrn.ambient_temp           100.0 
_diffrn.ambient_temp_details   ? 
_diffrn.crystal_id             1 
# 
_diffrn_detector.diffrn_id              1 
_diffrn_detector.detector               CCD 
_diffrn_detector.type                   MARRESEARCH 
_diffrn_detector.pdbx_collection_date   2003-07-15 
_diffrn_detector.details                ? 
# 
_diffrn_radiation.diffrn_id                        1 
_diffrn_radiation.wavelength_id                    1 
_diffrn_radiation.pdbx_monochromatic_or_laue_m_l   M 
_diffrn_radiation.monochromator                    ? 
_diffrn_radiation.pdbx_diffrn_protocol             'SINGLE WAVELENGTH' 
_diffrn_radiation.pdbx_scattering_type             x-ray 
# 
_diffrn_radiation_wavelength.id           1 
_diffrn_radiation_wavelength.wavelength   1.05 
_diffrn_radiation_wavelength.wt           1.0 
# 
_diffrn_source.diffrn_id                   1 
_diffrn_source.source                      SYNCHROTRON 
_diffrn_source.type                        'MPG/DESY, HAMBURG BEAMLINE BW6' 
_diffrn_source.pdbx_synchrotron_site       'MPG/DESY, HAMBURG' 
_diffrn_source.pdbx_synchrotron_beamline   BW6 
_diffrn_source.pdbx_wavelength             1.05 
_diffrn_source.pdbx_wavelength_list        ? 
# 
_reflns.pdbx_diffrn_id               1 
_reflns.pdbx_ordinal                 1 
_reflns.entry_id                     1UUY 
_reflns.observed_criterion_sigma_I   2.000 
_reflns.observed_criterion_sigma_F   ? 
_reflns.d_resolution_low             27.020 
_reflns.d_resolution_high            1.450 
_reflns.number_obs                   36739 
_reflns.number_all                   ? 
_reflns.percent_possible_obs         99.3 
_reflns.pdbx_Rmerge_I_obs            0.05500 
_reflns.pdbx_Rsym_value              ? 
_reflns.pdbx_netI_over_sigmaI        6.2678 
_reflns.B_iso_Wilson_estimate        ? 
_reflns.pdbx_redundancy              6.880 
# 
_reflns_shell.pdbx_diffrn_id         1 
_reflns_shell.pdbx_ordinal           1 
_reflns_shell.d_res_high             1.45 
_reflns_shell.d_res_low              1.53 
_reflns_shell.percent_possible_all   99.9 
_reflns_shell.Rmerge_I_obs           0.40000 
_reflns_shell.pdbx_Rsym_value        ? 
_reflns_shell.meanI_over_sigI_obs    1.780 
_reflns_shell.pdbx_redundancy        6.67 
# 
_refine.pdbx_refine_id                           'X-RAY DIFFRACTION' 
_refine.entry_id                                 1UUY 
_refine.pdbx_diffrn_id                           1 
_refine.pdbx_TLS_residual_ADP_flag               'LIKELY RESIDUAL' 
_refine.ls_number_reflns_obs                     36120 
_refine.ls_number_reflns_all                     ? 
_refine.pdbx_ls_sigma_I                          ? 
_refine.pdbx_ls_sigma_F                          ? 
_refine.pdbx_data_cutoff_high_absF               ? 
_refine.pdbx_data_cutoff_low_absF                ? 
_refine.pdbx_data_cutoff_high_rms_absF           ? 
_refine.ls_d_res_low                             27.00 
_refine.ls_d_res_high                            1.45 
_refine.ls_percent_reflns_obs                    98.9 
_refine.ls_R_factor_obs                          0.163 
_refine.ls_R_factor_all                          ? 
_refine.ls_R_factor_R_work                       0.162 
_refine.ls_R_factor_R_free                       0.179 
_refine.ls_R_factor_R_free_error                 ? 
_refine.ls_R_factor_R_free_error_details         ? 
_refine.ls_percent_reflns_R_free                 5.000 
_refine.ls_number_reflns_R_free                  1916 
_refine.ls_number_parameters                     ? 
_refine.ls_number_restraints                     ? 
_refine.occupancy_min                            ? 
_refine.occupancy_max                            ? 
_refine.correlation_coeff_Fo_to_Fc               0.967 
_refine.correlation_coeff_Fo_to_Fc_free          0.964 
_refine.B_iso_mean                               12.39 
_refine.aniso_B[1][1]                            ? 
_refine.aniso_B[2][2]                            ? 
_refine.aniso_B[3][3]                            ? 
_refine.aniso_B[1][2]                            ? 
_refine.aniso_B[1][3]                            ? 
_refine.aniso_B[2][3]                            ? 
_refine.solvent_model_details                    'BABINET MODEL WITH MASK' 
_refine.solvent_model_param_ksol                 ? 
_refine.solvent_model_param_bsol                 ? 
_refine.pdbx_solvent_vdw_probe_radii             1.40 
_refine.pdbx_solvent_ion_probe_radii             0.80 
_refine.pdbx_solvent_shrinkage_radii             0.80 
_refine.pdbx_ls_cross_valid_method               THROUGHOUT 
_refine.details                                  'HYDROGENS HAVE BEEN ADDED IN THE RIDING POSITIONS' 
_refine.pdbx_starting_model                      'PDB ENTRY 1UUX' 
_refine.pdbx_method_to_determine_struct          'MOLECULAR REPLACEMENT' 
_refine.pdbx_isotropic_thermal_model             ? 
_refine.pdbx_stereochemistry_target_values       'MAXIMUM LIKELIHOOD' 
_refine.pdbx_stereochem_target_val_spec_case     ? 
_refine.pdbx_R_Free_selection_details            RANDOM 
_refine.pdbx_overall_ESU_R                       0.052 
_refine.pdbx_overall_ESU_R_Free                  0.053 
_refine.overall_SU_ML                            0.029 
_refine.pdbx_overall_phase_error                 ? 
_refine.overall_SU_B                             0.737 
_refine.overall_SU_R_Cruickshank_DPI             ? 
_refine.pdbx_overall_SU_R_free_Cruickshank_DPI   ? 
_refine.pdbx_overall_SU_R_Blow_DPI               ? 
_refine.pdbx_overall_SU_R_free_Blow_DPI          ? 
# 
_refine_hist.pdbx_refine_id                   'X-RAY DIFFRACTION' 
_refine_hist.cycle_id                         LAST 
_refine_hist.pdbx_number_atoms_protein        1186 
_refine_hist.pdbx_number_atoms_nucleic_acid   0 
_refine_hist.pdbx_number_atoms_ligand         60 
_refine_hist.number_atoms_solvent             168 
_refine_hist.number_atoms_total               1414 
_refine_hist.d_res_high                       1.45 
_refine_hist.d_res_low                        27.00 
# 
loop_
_refine_ls_restr.type 
_refine_ls_restr.dev_ideal 
_refine_ls_restr.dev_ideal_target 
_refine_ls_restr.weight 
_refine_ls_restr.number 
_refine_ls_restr.pdbx_refine_id 
_refine_ls_restr.pdbx_restraint_function 
r_bond_refined_d             0.012 0.022 ? 1305 'X-RAY DIFFRACTION' ? 
r_bond_other_d               0.002 0.020 ? 1240 'X-RAY DIFFRACTION' ? 
r_angle_refined_deg          1.450 2.036 ? 1771 'X-RAY DIFFRACTION' ? 
r_angle_other_deg            1.086 3.000 ? 2897 'X-RAY DIFFRACTION' ? 
r_dihedral_angle_1_deg       4.850 5.000 ? 162  'X-RAY DIFFRACTION' ? 
r_dihedral_angle_2_deg       ?     ?     ? ?    'X-RAY DIFFRACTION' ? 
r_dihedral_angle_3_deg       ?     ?     ? ?    'X-RAY DIFFRACTION' ? 
r_dihedral_angle_4_deg       ?     ?     ? ?    'X-RAY DIFFRACTION' ? 
r_chiral_restr               0.184 0.200 ? 215  'X-RAY DIFFRACTION' ? 
r_gen_planes_refined         0.005 0.020 ? 1380 'X-RAY DIFFRACTION' ? 
r_gen_planes_other           0.002 0.020 ? 220  'X-RAY DIFFRACTION' ? 
r_nbd_refined                0.215 0.200 ? 276  'X-RAY DIFFRACTION' ? 
r_nbd_other                  0.240 0.200 ? 1451 'X-RAY DIFFRACTION' ? 
r_nbtor_refined              ?     ?     ? ?    'X-RAY DIFFRACTION' ? 
r_nbtor_other                0.083 0.200 ? 784  'X-RAY DIFFRACTION' ? 
r_xyhbond_nbd_refined        0.221 0.200 ? 131  'X-RAY DIFFRACTION' ? 
r_xyhbond_nbd_other          ?     ?     ? ?    'X-RAY DIFFRACTION' ? 
r_metal_ion_refined          ?     ?     ? ?    'X-RAY DIFFRACTION' ? 
r_metal_ion_other            ?     ?     ? ?    'X-RAY DIFFRACTION' ? 
r_symmetry_vdw_refined       0.296 0.200 ? 6    'X-RAY DIFFRACTION' ? 
r_symmetry_vdw_other         0.230 0.200 ? 70   'X-RAY DIFFRACTION' ? 
r_symmetry_hbond_refined     0.326 0.200 ? 37   'X-RAY DIFFRACTION' ? 
r_symmetry_hbond_other       ?     ?     ? ?    'X-RAY DIFFRACTION' ? 
r_symmetry_metal_ion_refined ?     ?     ? ?    'X-RAY DIFFRACTION' ? 
r_symmetry_metal_ion_other   ?     ?     ? ?    'X-RAY DIFFRACTION' ? 
r_mcbond_it                  1.600 5.000 ? 811  'X-RAY DIFFRACTION' ? 
r_mcbond_other               ?     ?     ? ?    'X-RAY DIFFRACTION' ? 
r_mcangle_it                 2.779 6.000 ? 1322 'X-RAY DIFFRACTION' ? 
r_mcangle_other              ?     ?     ? ?    'X-RAY DIFFRACTION' ? 
r_scbond_it                  3.299 6.000 ? 494  'X-RAY DIFFRACTION' ? 
r_scbond_other               ?     ?     ? ?    'X-RAY DIFFRACTION' ? 
r_scangle_it                 5.198 7.500 ? 448  'X-RAY DIFFRACTION' ? 
r_scangle_other              ?     ?     ? ?    'X-RAY DIFFRACTION' ? 
r_long_range_B_refined       ?     ?     ? ?    'X-RAY DIFFRACTION' ? 
r_long_range_B_other         ?     ?     ? ?    'X-RAY DIFFRACTION' ? 
r_rigid_bond_restr           ?     ?     ? ?    'X-RAY DIFFRACTION' ? 
r_sphericity_free            ?     ?     ? ?    'X-RAY DIFFRACTION' ? 
r_sphericity_bonded          ?     ?     ? ?    'X-RAY DIFFRACTION' ? 
# 
_refine_ls_shell.pdbx_refine_id                   'X-RAY DIFFRACTION' 
_refine_ls_shell.pdbx_total_number_of_bins_used   20 
_refine_ls_shell.d_res_high                       1.45 
_refine_ls_shell.d_res_low                        1.49 
_refine_ls_shell.number_reflns_R_work             2619 
_refine_ls_shell.R_factor_R_work                  0.2240 
_refine_ls_shell.percent_reflns_obs               ? 
_refine_ls_shell.R_factor_R_free                  0.2330 
_refine_ls_shell.R_factor_R_free_error            ? 
_refine_ls_shell.percent_reflns_R_free            ? 
_refine_ls_shell.number_reflns_R_free             157 
_refine_ls_shell.number_reflns_all                ? 
_refine_ls_shell.R_factor_all                     ? 
# 
_struct.entry_id                  1UUY 
_struct.title                     'Structure of a molybdopterin-bound cnx1g domain links molybdenum and copper metabolism' 
_struct.pdbx_model_details        ? 
_struct.pdbx_CASP_flag            ? 
_struct.pdbx_model_type_details   ? 
# 
_struct_keywords.entry_id        1UUY 
_struct_keywords.pdbx_keywords   CHELATASE 
_struct_keywords.text            'CHELATASE, MOLYBDENUM COFACTOR BIOSYNTHESIS' 
# 
loop_
_struct_asym.id 
_struct_asym.pdbx_blank_PDB_chainid_flag 
_struct_asym.pdbx_modified 
_struct_asym.entity_id 
_struct_asym.details 
A N N 1 ? 
B N N 2 ? 
C N N 3 ? 
D N N 4 ? 
E N N 5 ? 
F N N 6 ? 
G N N 7 ? 
H N N 8 ? 
# 
_struct_biol.id   1 
# 
loop_
_struct_conf.conf_type_id 
_struct_conf.id 
_struct_conf.pdbx_PDB_helix_id 
_struct_conf.beg_label_comp_id 
_struct_conf.beg_label_asym_id 
_struct_conf.beg_label_seq_id 
_struct_conf.pdbx_beg_PDB_ins_code 
_struct_conf.end_label_comp_id 
_struct_conf.end_label_asym_id 
_struct_conf.end_label_seq_id 
_struct_conf.pdbx_end_PDB_ins_code 
_struct_conf.beg_auth_comp_id 
_struct_conf.beg_auth_asym_id 
_struct_conf.beg_auth_seq_id 
_struct_conf.end_auth_comp_id 
_struct_conf.end_auth_asym_id 
_struct_conf.end_auth_seq_id 
_struct_conf.pdbx_PDB_helix_class 
_struct_conf.details 
_struct_conf.pdbx_PDB_helix_length 
HELX_P HELX_P1 1 SER A 14  ? ALA A 19  ? SER A 14  ALA A 19  1 ? 6  
HELX_P HELX_P2 2 ARG A 25  ? SER A 37  ? ARG A 25  SER A 37  1 ? 13 
HELX_P HELX_P3 3 GLU A 55  ? VAL A 69  ? GLU A 55  VAL A 69  1 ? 15 
HELX_P HELX_P4 4 VAL A 88  ? ILE A 97  ? VAL A 88  ILE A 97  1 ? 10 
HELX_P HELX_P5 5 THR A 101 ? THR A 116 ? THR A 101 THR A 116 1 ? 16 
HELX_P HELX_P6 6 PRO A 117 ? ALA A 122 ? PRO A 117 ALA A 122 5 ? 6  
HELX_P HELX_P7 7 ASN A 142 ? LYS A 163 ? ASN A 142 LYS A 163 1 ? 22 
# 
_struct_conf_type.id          HELX_P 
_struct_conf_type.criteria    ? 
_struct_conf_type.reference   ? 
# 
loop_
_struct_conn.id 
_struct_conn.conn_type_id 
_struct_conn.pdbx_leaving_atom_flag 
_struct_conn.pdbx_PDB_id 
_struct_conn.ptnr1_label_asym_id 
_struct_conn.ptnr1_label_comp_id 
_struct_conn.ptnr1_label_seq_id 
_struct_conn.ptnr1_label_atom_id 
_struct_conn.pdbx_ptnr1_label_alt_id 
_struct_conn.pdbx_ptnr1_PDB_ins_code 
_struct_conn.pdbx_ptnr1_standard_comp_id 
_struct_conn.ptnr1_symmetry 
_struct_conn.ptnr2_label_asym_id 
_struct_conn.ptnr2_label_comp_id 
_struct_conn.ptnr2_label_seq_id 
_struct_conn.ptnr2_label_atom_id 
_struct_conn.pdbx_ptnr2_label_alt_id 
_struct_conn.pdbx_ptnr2_PDB_ins_code 
_struct_conn.ptnr1_auth_asym_id 
_struct_conn.ptnr1_auth_comp_id 
_struct_conn.ptnr1_auth_seq_id 
_struct_conn.ptnr2_auth_asym_id 
_struct_conn.ptnr2_auth_comp_id 
_struct_conn.ptnr2_auth_seq_id 
_struct_conn.ptnr2_symmetry 
_struct_conn.pdbx_ptnr3_label_atom_id 
_struct_conn.pdbx_ptnr3_label_seq_id 
_struct_conn.pdbx_ptnr3_label_comp_id 
_struct_conn.pdbx_ptnr3_label_asym_id 
_struct_conn.pdbx_ptnr3_label_alt_id 
_struct_conn.pdbx_ptnr3_PDB_ins_code 
_struct_conn.details 
_struct_conn.pdbx_dist_value 
_struct_conn.pdbx_value_order 
_struct_conn.pdbx_role 
covale1 covale one ? B MTE . O1P   ? ? ? 1_555 C AMP . P  ? ? A MTE 1164 A AMP 1165 1_555  ? ? ? ? ? ? ? 1.647 ? ? 
metalc1 metalc ?   ? B MTE . "S2'" ? ? ? 1_555 G CU1 . CU ? ? A MTE 1164 A CU1 1169 1_555  ? ? ? ? ? ? ? 2.259 ? ? 
metalc2 metalc ?   ? B MTE . "S1'" ? ? ? 1_555 G CU1 . CU ? ? A MTE 1164 A CU1 1169 1_555  ? ? ? ? ? ? ? 2.283 ? ? 
metalc3 metalc ?   ? G CU1 . CU    ? ? ? 1_555 H HOH . O  ? ? A CU1 1169 A HOH 2161 35_466 ? ? ? ? ? ? ? 2.279 ? ? 
# 
loop_
_struct_conn_type.id 
_struct_conn_type.criteria 
_struct_conn_type.reference 
covale ? ? 
metalc ? ? 
# 
_struct_sheet.id               AA 
_struct_sheet.type             ? 
_struct_sheet.number_strands   6 
_struct_sheet.details          ? 
# 
loop_
_struct_sheet_order.sheet_id 
_struct_sheet_order.range_id_1 
_struct_sheet_order.range_id_2 
_struct_sheet_order.offset 
_struct_sheet_order.sense 
AA 1 2 ? parallel      
AA 2 3 ? parallel      
AA 3 4 ? parallel      
AA 4 5 ? anti-parallel 
AA 5 6 ? anti-parallel 
# 
loop_
_struct_sheet_range.sheet_id 
_struct_sheet_range.id 
_struct_sheet_range.beg_label_comp_id 
_struct_sheet_range.beg_label_asym_id 
_struct_sheet_range.beg_label_seq_id 
_struct_sheet_range.pdbx_beg_PDB_ins_code 
_struct_sheet_range.end_label_comp_id 
_struct_sheet_range.end_label_asym_id 
_struct_sheet_range.end_label_seq_id 
_struct_sheet_range.pdbx_end_PDB_ins_code 
_struct_sheet_range.beg_auth_comp_id 
_struct_sheet_range.beg_auth_asym_id 
_struct_sheet_range.beg_auth_seq_id 
_struct_sheet_range.end_auth_comp_id 
_struct_sheet_range.end_auth_asym_id 
_struct_sheet_range.end_auth_seq_id 
AA 1 ALA A 44  ? VAL A 52  ? ALA A 44  VAL A 52  
AA 2 TYR A 6   ? VAL A 13  ? TYR A 6   VAL A 13  
AA 3 LEU A 74  ? LEU A 78  ? LEU A 74  LEU A 78  
AA 4 THR A 132 ? MET A 137 ? THR A 132 MET A 137 
AA 5 ALA A 126 ? ARG A 129 ? ALA A 126 ARG A 129 
AA 6 ARG A 99  ? GLU A 100 ? ARG A 99  GLU A 100 
# 
loop_
_pdbx_struct_sheet_hbond.sheet_id 
_pdbx_struct_sheet_hbond.range_id_1 
_pdbx_struct_sheet_hbond.range_id_2 
_pdbx_struct_sheet_hbond.range_1_label_atom_id 
_pdbx_struct_sheet_hbond.range_1_label_comp_id 
_pdbx_struct_sheet_hbond.range_1_label_asym_id 
_pdbx_struct_sheet_hbond.range_1_label_seq_id 
_pdbx_struct_sheet_hbond.range_1_PDB_ins_code 
_pdbx_struct_sheet_hbond.range_1_auth_atom_id 
_pdbx_struct_sheet_hbond.range_1_auth_comp_id 
_pdbx_struct_sheet_hbond.range_1_auth_asym_id 
_pdbx_struct_sheet_hbond.range_1_auth_seq_id 
_pdbx_struct_sheet_hbond.range_2_label_atom_id 
_pdbx_struct_sheet_hbond.range_2_label_comp_id 
_pdbx_struct_sheet_hbond.range_2_label_asym_id 
_pdbx_struct_sheet_hbond.range_2_label_seq_id 
_pdbx_struct_sheet_hbond.range_2_PDB_ins_code 
_pdbx_struct_sheet_hbond.range_2_auth_atom_id 
_pdbx_struct_sheet_hbond.range_2_auth_comp_id 
_pdbx_struct_sheet_hbond.range_2_auth_asym_id 
_pdbx_struct_sheet_hbond.range_2_auth_seq_id 
AA 1 2 N LYS A 45  ? N LYS A 45  O TYR A 6   ? O TYR A 6   
AA 2 3 N ALA A 9   ? N ALA A 9   O LEU A 74  ? O LEU A 74  
AA 3 4 N ILE A 75  ? N ILE A 75  O LEU A 133 ? O LEU A 133 
AA 4 5 N ILE A 134 ? N ILE A 134 O GLY A 127 ? O GLY A 127 
AA 5 6 N ILE A 128 ? N ILE A 128 O ARG A 99  ? O ARG A 99  
# 
loop_
_struct_site.id 
_struct_site.pdbx_evidence_code 
_struct_site.pdbx_auth_asym_id 
_struct_site.pdbx_auth_comp_id 
_struct_site.pdbx_auth_seq_id 
_struct_site.pdbx_auth_ins_code 
_struct_site.pdbx_num_residues 
_struct_site.details 
AC1 Software ? ? ? ? 4  'BINDING SITE FOR RESIDUE CU1 A1169' 
AC2 Software ? ? ? ? 19 'BINDING SITE FOR RESIDUE MTE A1164' 
AC3 Software ? ? ? ? 11 'BINDING SITE FOR RESIDUE AMP A1165' 
AC4 Software ? ? ? ? 6  'BINDING SITE FOR RESIDUE PPI A1166' 
AC5 Software ? ? ? ? 3  'BINDING SITE FOR RESIDUE IMD A1167' 
AC6 Software ? ? ? ? 6  'BINDING SITE FOR RESIDUE FMT A1168' 
# 
loop_
_struct_site_gen.id 
_struct_site_gen.site_id 
_struct_site_gen.pdbx_num_res 
_struct_site_gen.label_comp_id 
_struct_site_gen.label_asym_id 
_struct_site_gen.label_seq_id 
_struct_site_gen.pdbx_auth_ins_code 
_struct_site_gen.auth_comp_id 
_struct_site_gen.auth_asym_id 
_struct_site_gen.auth_seq_id 
_struct_site_gen.label_atom_id 
_struct_site_gen.label_alt_id 
_struct_site_gen.symmetry 
_struct_site_gen.details 
1  AC1 4  HIS A 157 ? HIS A 157  . ? 1_555 ? 
2  AC1 4  GLN A 161 ? GLN A 161  . ? 1_555 ? 
3  AC1 4  MTE B .   ? MTE A 1164 . ? 1_555 ? 
4  AC1 4  HOH H .   ? HOH A 2161 . ? 1_555 ? 
5  AC2 19 GLY A 79  ? GLY A 79   . ? 1_555 ? 
6  AC2 19 GLY A 80  ? GLY A 80   . ? 1_555 ? 
7  AC2 19 THR A 81  ? THR A 81   . ? 1_555 ? 
8  AC2 19 GLY A 82  ? GLY A 82   . ? 1_555 ? 
9  AC2 19 ASP A 87  ? ASP A 87   . ? 1_555 ? 
10 AC2 19 SER A 112 ? SER A 112  . ? 1_555 ? 
11 AC2 19 PHE A 118 ? PHE A 118  . ? 1_555 ? 
12 AC2 19 ALA A 119 ? ALA A 119  . ? 1_555 ? 
13 AC2 19 ALA A 122 ? ALA A 122  . ? 1_555 ? 
14 AC2 19 PRO A 138 ? PRO A 138  . ? 1_555 ? 
15 AC2 19 GLY A 139 ? GLY A 139  . ? 1_555 ? 
16 AC2 19 ASN A 140 ? ASN A 140  . ? 1_555 ? 
17 AC2 19 ALA A 143 ? ALA A 143  . ? 1_555 ? 
18 AC2 19 GLU A 146 ? GLU A 146  . ? 1_555 ? 
19 AC2 19 GLN A 161 ? GLN A 161  . ? 1_555 ? 
20 AC2 19 AMP C .   ? AMP A 1165 . ? 1_555 ? 
21 AC2 19 CU1 G .   ? CU1 A 1169 . ? 1_555 ? 
22 AC2 19 HOH H .   ? HOH A 2164 . ? 1_555 ? 
23 AC2 19 HOH H .   ? HOH A 2166 . ? 1_555 ? 
24 AC3 11 THR A 12  ? THR A 12   . ? 1_555 ? 
25 AC3 11 PRO A 23  ? PRO A 23   . ? 1_555 ? 
26 AC3 11 ASP A 24  ? ASP A 24   . ? 1_555 ? 
27 AC3 11 ARG A 25  ? ARG A 25   . ? 1_555 ? 
28 AC3 11 SER A 26  ? SER A 26   . ? 1_555 ? 
29 AC3 11 GLY A 79  ? GLY A 79   . ? 1_555 ? 
30 AC3 11 GLY A 80  ? GLY A 80   . ? 1_555 ? 
31 AC3 11 GLY A 139 ? GLY A 139  . ? 1_555 ? 
32 AC3 11 MTE B .   ? MTE A 1164 . ? 1_555 ? 
33 AC3 11 HOH H .   ? HOH A 2165 . ? 1_555 ? 
34 AC3 11 HOH H .   ? HOH A 2166 . ? 1_555 ? 
35 AC4 6  GLY A 20  ? GLY A 20   . ? 1_555 ? 
36 AC4 6  GLY A 22  ? GLY A 22   . ? 1_555 ? 
37 AC4 6  PRO A 23  ? PRO A 23   . ? 1_555 ? 
38 AC4 6  ILE A 62  ? ILE A 62   . ? 1_555 ? 
39 AC4 6  LYS A 65  ? LYS A 65   . ? 1_555 ? 
40 AC4 6  TRP A 66  ? TRP A 66   . ? 1_555 ? 
41 AC5 3  LEU A 105 ? LEU A 105  . ? 1_555 ? 
42 AC5 3  PHE A 106 ? PHE A 106  . ? 1_555 ? 
43 AC5 3  FMT F .   ? FMT A 1168 . ? 1_555 ? 
44 AC6 6  PRO A 102 ? PRO A 102  . ? 1_555 ? 
45 AC6 6  LEU A 105 ? LEU A 105  . ? 1_555 ? 
46 AC6 6  IMD E .   ? IMD A 1167 . ? 1_555 ? 
47 AC6 6  HOH H .   ? HOH A 2140 . ? 1_555 ? 
48 AC6 6  HOH H .   ? HOH A 2167 . ? 1_555 ? 
49 AC6 6  HOH H .   ? HOH A 2168 . ? 1_555 ? 
# 
_atom_sites.entry_id                    1UUY 
_atom_sites.fract_transf_matrix[1][1]   -0.00154245 
_atom_sites.fract_transf_matrix[1][2]   -0.00512554 
_atom_sites.fract_transf_matrix[1][3]   0.00234812 
_atom_sites.fract_transf_matrix[2][1]   -0.00524175 
_atom_sites.fract_transf_matrix[2][2]   0.00040745 
_atom_sites.fract_transf_matrix[2][3]   -0.00255383 
_atom_sites.fract_transf_matrix[3][1]   0.00207579 
_atom_sites.fract_transf_matrix[3][2]   -0.00277971 
_atom_sites.fract_transf_matrix[3][3]   -0.00470407 
_atom_sites.fract_transf_vector[1]      0.102350 
_atom_sites.fract_transf_vector[2]      0.669917 
_atom_sites.fract_transf_vector[3]      0.974593 
# 
loop_
_atom_type.symbol 
C  
CU 
N  
O  
P  
S  
# 
loop_
_atom_site.group_PDB 
_atom_site.id 
_atom_site.type_symbol 
_atom_site.label_atom_id 
_atom_site.label_alt_id 
_atom_site.label_comp_id 
_atom_site.label_asym_id 
_atom_site.label_entity_id 
_atom_site.label_seq_id 
_atom_site.pdbx_PDB_ins_code 
_atom_site.Cartn_x 
_atom_site.Cartn_y 
_atom_site.Cartn_z 
_atom_site.occupancy 
_atom_site.B_iso_or_equiv 
_atom_site.pdbx_formal_charge 
_atom_site.auth_seq_id 
_atom_site.auth_comp_id 
_atom_site.auth_asym_id 
_atom_site.auth_atom_id 
_atom_site.pdbx_PDB_model_num 
ATOM   1    N  N     . GLY A 1 3   ? -9.597  9.777   -17.287 1.00 44.29 ? 3    GLY A N     1 
ATOM   2    C  CA    . GLY A 1 3   ? -9.198  8.991   -16.080 1.00 41.39 ? 3    GLY A CA    1 
ATOM   3    C  C     . GLY A 1 3   ? -9.784  9.542   -14.786 1.00 39.33 ? 3    GLY A C     1 
ATOM   4    O  O     . GLY A 1 3   ? -10.522 10.533  -14.800 1.00 42.80 ? 3    GLY A O     1 
ATOM   5    N  N     . PRO A 1 4   ? -9.448  8.911   -13.661 1.00 32.61 ? 4    PRO A N     1 
ATOM   6    C  CA    . PRO A 1 4   ? -10.015 9.282   -12.359 1.00 29.25 ? 4    PRO A CA    1 
ATOM   7    C  C     . PRO A 1 4   ? -9.369  10.534  -11.775 1.00 24.68 ? 4    PRO A C     1 
ATOM   8    O  O     . PRO A 1 4   ? -8.303  10.949  -12.236 1.00 26.47 ? 4    PRO A O     1 
ATOM   9    C  CB    . PRO A 1 4   ? -9.654  8.083   -11.485 1.00 28.61 ? 4    PRO A CB    1 
ATOM   10   C  CG    . PRO A 1 4   ? -8.340  7.632   -12.048 1.00 30.01 ? 4    PRO A CG    1 
ATOM   11   C  CD    . PRO A 1 4   ? -8.475  7.808   -13.537 1.00 32.75 ? 4    PRO A CD    1 
ATOM   12   N  N     . GLU A 1 5   ? -10.000 11.100  -10.750 1.00 23.03 ? 5    GLU A N     1 
ATOM   13   C  CA    . GLU A 1 5   ? -9.424  12.205  -9.983  1.00 22.05 ? 5    GLU A CA    1 
ATOM   14   C  C     . GLU A 1 5   ? -8.120  11.751  -9.342  1.00 19.24 ? 5    GLU A C     1 
ATOM   15   O  O     . GLU A 1 5   ? -7.113  12.487  -9.355  1.00 18.90 ? 5    GLU A O     1 
ATOM   16   C  CB    . GLU A 1 5   ? -10.400 12.658  -8.891  1.00 25.33 ? 5    GLU A CB    1 
ATOM   17   C  CG    . GLU A 1 5   ? -9.923  13.833  -8.045  1.00 30.09 ? 5    GLU A CG    1 
ATOM   18   C  CD    . GLU A 1 5   ? -10.076 15.182  -8.728  1.00 34.31 ? 5    GLU A CD    1 
ATOM   19   O  OE1   . GLU A 1 5   ? -10.721 15.255  -9.798  1.00 38.69 ? 5    GLU A OE1   1 
ATOM   20   O  OE2   . GLU A 1 5   ? -9.545  16.178  -8.181  1.00 38.63 ? 5    GLU A OE2   1 
ATOM   21   N  N     . TYR A 1 6   ? -8.134  10.529  -8.797  1.00 14.25 ? 6    TYR A N     1 
ATOM   22   C  CA    . TYR A 1 6   ? -6.964  9.976   -8.119  1.00 12.51 ? 6    TYR A CA    1 
ATOM   23   C  C     . TYR A 1 6   ? -6.613  8.634   -8.730  1.00 10.39 ? 6    TYR A C     1 
ATOM   24   O  O     . TYR A 1 6   ? -7.428  7.704   -8.752  1.00 12.69 ? 6    TYR A O     1 
ATOM   25   C  CB    . TYR A 1 6   ? -7.188  9.824   -6.606  1.00 12.02 ? 6    TYR A CB    1 
ATOM   26   C  CG    . TYR A 1 6   ? -7.519  11.144  -5.945  1.00 15.11 ? 6    TYR A CG    1 
ATOM   27   C  CD1   . TYR A 1 6   ? -8.740  11.346  -5.332  1.00 19.11 ? 6    TYR A CD1   1 
ATOM   28   C  CD2   . TYR A 1 6   ? -6.611  12.195  -5.963  1.00 13.84 ? 6    TYR A CD2   1 
ATOM   29   C  CE1   . TYR A 1 6   ? -9.048  12.577  -4.731  1.00 19.36 ? 6    TYR A CE1   1 
ATOM   30   C  CE2   . TYR A 1 6   ? -6.909  13.412  -5.372  1.00 16.65 ? 6    TYR A CE2   1 
ATOM   31   C  CZ    . TYR A 1 6   ? -8.130  13.592  -4.767  1.00 19.67 ? 6    TYR A CZ    1 
ATOM   32   O  OH    . TYR A 1 6   ? -8.437  14.806  -4.177  1.00 20.99 ? 6    TYR A OH    1 
ATOM   33   N  N     . LYS A 1 7   ? -5.384  8.544   -9.219  1.00 8.97  ? 7    LYS A N     1 
ATOM   34   C  CA    . LYS A 1 7   ? -4.873  7.326   -9.824  1.00 8.09  ? 7    LYS A CA    1 
ATOM   35   C  C     . LYS A 1 7   ? -4.237  6.479   -8.750  1.00 7.30  ? 7    LYS A C     1 
ATOM   36   O  O     . LYS A 1 7   ? -3.294  6.910   -8.086  1.00 7.99  ? 7    LYS A O     1 
ATOM   37   C  CB    . LYS A 1 7   ? -3.826  7.634   -10.895 1.00 9.58  ? 7    LYS A CB    1 
ATOM   38   C  CG    . LYS A 1 7   ? -4.374  8.326   -12.137 1.00 13.02 ? 7    LYS A CG    1 
ATOM   39   C  CD    . LYS A 1 7   ? -3.273  8.863   -13.060 1.00 18.47 ? 7    LYS A CD    1 
ATOM   40   C  CE    . LYS A 1 7   ? -2.228  7.834   -13.427 1.00 24.44 ? 7    LYS A CE    1 
ATOM   41   N  NZ    . LYS A 1 7   ? -1.364  8.269   -14.585 1.00 27.69 ? 7    LYS A NZ    1 
ATOM   42   N  N     . VAL A 1 8   ? -4.749  5.274   -8.554  1.00 6.82  ? 8    VAL A N     1 
ATOM   43   C  CA    . VAL A 1 8   ? -4.242  4.344   -7.557  1.00 7.73  ? 8    VAL A CA    1 
ATOM   44   C  C     . VAL A 1 8   ? -3.548  3.185   -8.254  1.00 6.21  ? 8    VAL A C     1 
ATOM   45   O  O     . VAL A 1 8   ? -4.028  2.679   -9.286  1.00 6.75  ? 8    VAL A O     1 
ATOM   46   C  CB    . VAL A 1 8   ? -5.372  3.791   -6.688  1.00 6.83  ? 8    VAL A CB    1 
ATOM   47   C  CG1   . VAL A 1 8   ? -4.826  2.874   -5.609  1.00 7.43  ? 8    VAL A CG1   1 
ATOM   48   C  CG2   . VAL A 1 8   ? -6.207  4.933   -6.111  1.00 9.12  ? 8    VAL A CG2   1 
ATOM   49   N  N     . ALA A 1 9   ? -2.406  2.795   -7.713  1.00 5.73  ? 9    ALA A N     1 
ATOM   50   C  CA    . ALA A 1 9   ? -1.678  1.620   -8.193  1.00 5.61  ? 9    ALA A CA    1 
ATOM   51   C  C     . ALA A 1 9   ? -1.419  0.674   -7.034  1.00 6.27  ? 9    ALA A C     1 
ATOM   52   O  O     . ALA A 1 9   ? -1.168  1.119   -5.914  1.00 7.73  ? 9    ALA A O     1 
ATOM   53   C  CB    . ALA A 1 9   ? -0.361  2.039   -8.837  1.00 8.20  ? 9    ALA A CB    1 
ATOM   54   N  N     . ILE A 1 10  ? -1.519  -0.617  -7.302  1.00 6.73  ? 10   ILE A N     1 
ATOM   55   C  CA    . ILE A 1 10  ? -1.337  -1.642  -6.285  1.00 6.84  ? 10   ILE A CA    1 
ATOM   56   C  C     . ILE A 1 10  ? -0.130  -2.497  -6.621  1.00 6.53  ? 10   ILE A C     1 
ATOM   57   O  O     . ILE A 1 10  ? -0.074  -3.081  -7.715  1.00 8.15  ? 10   ILE A O     1 
ATOM   58   C  CB    . ILE A 1 10  ? -2.564  -2.568  -6.209  1.00 8.30  ? 10   ILE A CB    1 
ATOM   59   C  CG1   . ILE A 1 10  ? -3.871  -1.809  -6.103  1.00 13.77 ? 10   ILE A CG1   1 
ATOM   60   C  CG2   . ILE A 1 10  ? -2.408  -3.602  -5.054  1.00 10.85 ? 10   ILE A CG2   1 
ATOM   61   C  CD1   . ILE A 1 10  ? -3.980  -0.992  -4.954  1.00 12.06 ? 10   ILE A CD1   1 
ATOM   62   N  N     . LEU A 1 11  ? 0.821   -2.590  -5.691  1.00 6.58  ? 11   LEU A N     1 
ATOM   63   C  CA    . LEU A 1 11  ? 2.033   -3.392  -5.847  1.00 6.66  ? 11   LEU A CA    1 
ATOM   64   C  C     . LEU A 1 11  ? 1.953   -4.587  -4.914  1.00 6.79  ? 11   LEU A C     1 
ATOM   65   O  O     . LEU A 1 11  ? 2.013   -4.418  -3.697  1.00 8.47  ? 11   LEU A O     1 
ATOM   66   C  CB    . LEU A 1 11  ? 3.272   -2.565  -5.496  1.00 8.00  ? 11   LEU A CB    1 
ATOM   67   C  CG    . LEU A 1 11  ? 4.585   -3.276  -5.713  1.00 9.13  ? 11   LEU A CG    1 
ATOM   68   C  CD1   . LEU A 1 11  ? 4.803   -3.583  -7.174  1.00 9.80  ? 11   LEU A CD1   1 
ATOM   69   C  CD2   . LEU A 1 11  ? 5.708   -2.423  -5.176  1.00 11.03 ? 11   LEU A CD2   1 
ATOM   70   N  N     . THR A 1 12  ? 1.833   -5.794  -5.452  1.00 6.68  ? 12   THR A N     1 
ATOM   71   C  CA    . THR A 1 12  ? 1.946   -7.003  -4.663  1.00 7.06  ? 12   THR A CA    1 
ATOM   72   C  C     . THR A 1 12  ? 3.408   -7.351  -4.555  1.00 6.90  ? 12   THR A C     1 
ATOM   73   O  O     . THR A 1 12  ? 4.089   -7.456  -5.582  1.00 7.85  ? 12   THR A O     1 
ATOM   74   C  CB    . THR A 1 12  ? 1.171   -8.107  -5.333  1.00 7.57  ? 12   THR A CB    1 
ATOM   75   O  OG1   . THR A 1 12  ? -0.232  -7.764  -5.274  1.00 8.19  ? 12   THR A OG1   1 
ATOM   76   C  CG2   . THR A 1 12  ? 1.317   -9.429  -4.584  1.00 8.99  ? 12   THR A CG2   1 
ATOM   77   N  N     . VAL A 1 13  ? 3.885   -7.543  -3.329  1.00 6.70  ? 13   VAL A N     1 
ATOM   78   C  CA    . VAL A 1 13  ? 5.272   -7.887  -3.066  1.00 6.93  ? 13   VAL A CA    1 
ATOM   79   C  C     . VAL A 1 13  ? 5.288   -9.310  -2.541  1.00 7.74  ? 13   VAL A C     1 
ATOM   80   O  O     . VAL A 1 13  ? 4.797   -9.601  -1.446  1.00 9.59  ? 13   VAL A O     1 
ATOM   81   C  CB    . VAL A 1 13  ? 5.920   -6.940  -2.056  1.00 8.24  ? 13   VAL A CB    1 
ATOM   82   C  CG1   . VAL A 1 13  ? 7.380   -7.316  -1.885  1.00 7.99  ? 13   VAL A CG1   1 
ATOM   83   C  CG2   . VAL A 1 13  ? 5.788   -5.490  -2.503  1.00 8.46  ? 13   VAL A CG2   1 
ATOM   84   N  N     . SER A 1 14  ? 5.824   -10.217 -3.341  1.00 7.05  ? 14   SER A N     1 
ATOM   85   C  CA    . SER A 1 14  ? 5.813   -11.629 -3.026  1.00 8.60  ? 14   SER A CA    1 
ATOM   86   C  C     . SER A 1 14  ? 6.745   -12.428 -3.927  1.00 7.92  ? 14   SER A C     1 
ATOM   87   O  O     . SER A 1 14  ? 6.525   -12.504 -5.152  1.00 7.43  ? 14   SER A O     1 
ATOM   88   C  CB    . SER A 1 14  ? 4.404   -12.191 -3.221  1.00 9.76  ? 14   SER A CB    1 
ATOM   89   O  OG    . SER A 1 14  ? 4.392   -13.620 -3.066  1.00 11.18 ? 14   SER A OG    1 
ATOM   90   N  N     . ASP A 1 15  ? 7.768   -13.054 -3.339  1.00 7.61  ? 15   ASP A N     1 
ATOM   91   C  CA    . ASP A 1 15  ? 8.604   -14.028 -4.077  1.00 8.99  ? 15   ASP A CA    1 
ATOM   92   C  C     . ASP A 1 15  ? 7.742   -15.115 -4.755  1.00 9.32  ? 15   ASP A C     1 
ATOM   93   O  O     . ASP A 1 15  ? 7.956   -15.443 -5.914  1.00 10.47 ? 15   ASP A O     1 
ATOM   94   C  CB    . ASP A 1 15  ? 9.597   -14.722 -3.140  1.00 9.47  ? 15   ASP A CB    1 
ATOM   95   C  CG    . ASP A 1 15  ? 10.822  -13.896 -2.841  1.00 13.15 ? 15   ASP A CG    1 
ATOM   96   O  OD1   . ASP A 1 15  ? 11.098  -12.917 -3.545  1.00 11.43 ? 15   ASP A OD1   1 
ATOM   97   O  OD2   . ASP A 1 15  ? 11.583  -14.198 -1.892  1.00 16.80 ? 15   ASP A OD2   1 
ATOM   98   N  N     . THR A 1 16  ? 6.754   -15.630 -4.028  1.00 9.43  ? 16   THR A N     1 
ATOM   99   C  CA    . THR A 1 16  ? 5.892   -16.721 -4.475  1.00 9.39  ? 16   THR A CA    1 
ATOM   100  C  C     . THR A 1 16  ? 5.081   -16.326 -5.706  1.00 9.26  ? 16   THR A C     1 
ATOM   101  O  O     . THR A 1 16  ? 5.071   -17.016 -6.695  1.00 11.30 ? 16   THR A O     1 
ATOM   102  C  CB    . THR A 1 16  ? 4.954   -17.106 -3.333  1.00 13.24 ? 16   THR A CB    1 
ATOM   103  O  OG1   . THR A 1 16  ? 5.717   -17.721 -2.287  1.00 18.92 ? 16   THR A OG1   1 
ATOM   104  C  CG2   . THR A 1 16  ? 3.974   -18.193 -3.749  1.00 16.25 ? 16   THR A CG2   1 
ATOM   105  N  N     . VAL A 1 17  ? 4.405   -15.191 -5.640  1.00 8.81  ? 17   VAL A N     1 
ATOM   106  C  CA    . VAL A 1 17  ? 3.607   -14.758 -6.772  1.00 10.26 ? 17   VAL A CA    1 
ATOM   107  C  C     . VAL A 1 17  ? 4.498   -14.385 -7.942  1.00 11.12 ? 17   VAL A C     1 
ATOM   108  O  O     . VAL A 1 17  ? 4.212   -14.730 -9.093  1.00 12.71 ? 17   VAL A O     1 
ATOM   109  C  CB    . VAL A 1 17  ? 2.671   -13.598 -6.405  1.00 10.77 ? 17   VAL A CB    1 
ATOM   110  C  CG1   . VAL A 1 17  ? 1.803   -13.204 -7.611  1.00 13.01 ? 17   VAL A CG1   1 
ATOM   111  C  CG2   . VAL A 1 17  ? 1.787   -13.982 -5.198  1.00 12.65 ? 17   VAL A CG2   1 
ATOM   112  N  N     . SER A 1 18  ? 5.597   -13.698 -7.652  1.00 10.41 ? 18   SER A N     1 
ATOM   113  C  CA    . SER A 1 18  ? 6.495   -13.250 -8.701  1.00 12.50 ? 18   SER A CA    1 
ATOM   114  C  C     . SER A 1 18  ? 7.093   -14.427 -9.464  1.00 12.90 ? 18   SER A C     1 
ATOM   115  O  O     . SER A 1 18  ? 7.248   -14.342 -10.674 1.00 16.40 ? 18   SER A O     1 
ATOM   116  C  CB    . SER A 1 18  ? 7.617   -12.378 -8.111  1.00 13.95 ? 18   SER A CB    1 
ATOM   117  O  OG    . SER A 1 18  ? 8.425   -11.850 -9.153  1.00 19.51 ? 18   SER A OG    1 
ATOM   118  N  N     . ALA A 1 19  ? 7.383   -15.522 -8.759  1.00 13.76 ? 19   ALA A N     1 
ATOM   119  C  CA    . ALA A 1 19  ? 7.974   -16.741 -9.344  1.00 15.35 ? 19   ALA A CA    1 
ATOM   120  C  C     . ALA A 1 19  ? 6.955   -17.640 -10.032 1.00 17.28 ? 19   ALA A C     1 
ATOM   121  O  O     . ALA A 1 19  ? 7.329   -18.664 -10.610 1.00 17.83 ? 19   ALA A O     1 
ATOM   122  C  CB    . ALA A 1 19  ? 8.678   -17.534 -8.278  1.00 17.37 ? 19   ALA A CB    1 
ATOM   123  N  N     . GLY A 1 20  ? 5.673   -17.306 -9.947  1.00 14.66 ? 20   GLY A N     1 
ATOM   124  C  CA    . GLY A 1 20  ? 4.632   -18.142 -10.535 1.00 16.61 ? 20   GLY A CA    1 
ATOM   125  C  C     . GLY A 1 20  ? 4.299   -19.378 -9.718  1.00 18.34 ? 20   GLY A C     1 
ATOM   126  O  O     . GLY A 1 20  ? 3.740   -20.356 -10.250 1.00 18.04 ? 20   GLY A O     1 
ATOM   127  N  N     . ALA A 1 21  ? 4.657   -19.366 -8.439  1.00 16.66 ? 21   ALA A N     1 
ATOM   128  C  CA    . ALA A 1 21  ? 4.406   -20.475 -7.527  1.00 16.99 ? 21   ALA A CA    1 
ATOM   129  C  C     . ALA A 1 21  ? 3.050   -20.388 -6.839  1.00 16.48 ? 21   ALA A C     1 
ATOM   130  O  O     . ALA A 1 21  ? 2.651   -21.296 -6.110  1.00 19.41 ? 21   ALA A O     1 
ATOM   131  C  CB    . ALA A 1 21  ? 5.515   -20.566 -6.489  1.00 18.39 ? 21   ALA A CB    1 
ATOM   132  N  N     . GLY A 1 22  ? 2.342   -19.284 -7.052  1.00 14.94 ? 22   GLY A N     1 
ATOM   133  C  CA    . GLY A 1 22  ? 0.988   -19.160 -6.553  1.00 11.69 ? 22   GLY A CA    1 
ATOM   134  C  C     . GLY A 1 22  ? 0.339   -17.923 -7.146  1.00 10.57 ? 22   GLY A C     1 
ATOM   135  O  O     . GLY A 1 22  ? 1.022   -17.058 -7.694  1.00 10.23 ? 22   GLY A O     1 
ATOM   136  N  N     . PRO A 1 23  ? -0.978  -17.827 -7.026  1.00 8.42  ? 23   PRO A N     1 
ATOM   137  C  CA    . PRO A 1 23  ? -1.691  -16.648 -7.520  1.00 9.41  ? 23   PRO A CA    1 
ATOM   138  C  C     . PRO A 1 23  ? -1.619  -15.503 -6.541  1.00 7.38  ? 23   PRO A C     1 
ATOM   139  O  O     . PRO A 1 23  ? -1.298  -15.670 -5.358  1.00 8.70  ? 23   PRO A O     1 
ATOM   140  C  CB    . PRO A 1 23  ? -3.123  -17.126 -7.590  1.00 10.34 ? 23   PRO A CB    1 
ATOM   141  C  CG    . PRO A 1 23  ? -3.229  -18.050 -6.429  1.00 12.48 ? 23   PRO A CG    1 
ATOM   142  C  CD    . PRO A 1 23  ? -1.897  -18.784 -6.378  1.00 10.80 ? 23   PRO A CD    1 
ATOM   143  N  N     . ASP A 1 24  ? -1.969  -14.325 -7.014  1.00 6.72  ? 24   ASP A N     1 
ATOM   144  C  CA    . ASP A 1 24  ? -2.136  -13.169 -6.182  1.00 5.76  ? 24   ASP A CA    1 
ATOM   145  C  C     . ASP A 1 24  ? -3.554  -13.153 -5.593  1.00 7.46  ? 24   ASP A C     1 
ATOM   146  O  O     . ASP A 1 24  ? -4.532  -12.988 -6.317  1.00 6.81  ? 24   ASP A O     1 
ATOM   147  C  CB    . ASP A 1 24  ? -1.875  -11.912 -7.016  1.00 7.07  ? 24   ASP A CB    1 
ATOM   148  C  CG    . ASP A 1 24  ? -1.836  -10.678 -6.199  1.00 8.98  ? 24   ASP A CG    1 
ATOM   149  O  OD1   . ASP A 1 24  ? -1.611  -9.612  -6.787  1.00 11.08 ? 24   ASP A OD1   1 
ATOM   150  O  OD2   . ASP A 1 24  ? -2.040  -10.684 -4.966  1.00 9.00  ? 24   ASP A OD2   1 
ATOM   151  N  N     . ARG A 1 25  ? -3.662  -13.339 -4.280  1.00 8.43  ? 25   ARG A N     1 
ATOM   152  C  CA    . ARG A 1 25  ? -4.944  -13.254 -3.582  1.00 8.33  ? 25   ARG A CA    1 
ATOM   153  C  C     . ARG A 1 25  ? -5.165  -11.915 -2.877  1.00 8.41  ? 25   ARG A C     1 
ATOM   154  O  O     . ARG A 1 25  ? -6.295  -11.554 -2.587  1.00 13.63 ? 25   ARG A O     1 
ATOM   155  C  CB    . ARG A 1 25  ? -5.111  -14.436 -2.602  1.00 11.52 ? 25   ARG A CB    1 
ATOM   156  C  CG    . ARG A 1 25  ? -5.052  -15.783 -3.295  1.00 11.72 ? 25   ARG A CG    1 
ATOM   157  C  CD    . ARG A 1 25  ? -5.236  -16.995 -2.364  1.00 19.47 ? 25   ARG A CD    1 
ATOM   158  N  NE    . ARG A 1 25  ? -5.171  -18.265 -3.093  1.00 24.23 ? 25   ARG A NE    1 
ATOM   159  C  CZ    . ARG A 1 25  ? -6.167  -18.801 -3.804  1.00 27.89 ? 25   ARG A CZ    1 
ATOM   160  N  NH1   . ARG A 1 25  ? -7.352  -18.194 -3.897  1.00 29.09 ? 25   ARG A NH1   1 
ATOM   161  N  NH2   . ARG A 1 25  ? -5.982  -19.963 -4.429  1.00 29.84 ? 25   ARG A NH2   1 
ATOM   162  N  N     . SER A 1 26  ? -4.104  -11.159 -2.656  1.00 7.87  ? 26   SER A N     1 
ATOM   163  C  CA    . SER A 1 26  ? -4.195  -9.883  -1.977  1.00 8.36  ? 26   SER A CA    1 
ATOM   164  C  C     . SER A 1 26  ? -4.532  -8.779  -2.947  1.00 7.49  ? 26   SER A C     1 
ATOM   165  O  O     . SER A 1 26  ? -5.370  -7.919  -2.668  1.00 8.70  ? 26   SER A O     1 
ATOM   166  C  CB    . SER A 1 26  ? -2.876  -9.571  -1.273  1.00 13.01 ? 26   SER A CB    1 
ATOM   167  O  OG    . SER A 1 26  ? -2.613  -10.633 -0.368  1.00 18.38 ? 26   SER A OG    1 
ATOM   168  N  N     . GLY A 1 27  ? -3.844  -8.755  -4.084  1.00 7.37  ? 27   GLY A N     1 
ATOM   169  C  CA    . GLY A 1 27  ? -4.082  -7.776  -5.124  1.00 7.35  ? 27   GLY A CA    1 
ATOM   170  C  C     . GLY A 1 27  ? -5.549  -7.563  -5.477  1.00 6.60  ? 27   GLY A C     1 
ATOM   171  O  O     . GLY A 1 27  ? -6.033  -6.421  -5.488  1.00 7.33  ? 27   GLY A O     1 
ATOM   172  N  N     . PRO A 1 28  ? -6.283  -8.617  -5.822  1.00 6.37  ? 28   PRO A N     1 
ATOM   173  C  CA    . PRO A 1 28  ? -7.692  -8.404  -6.173  1.00 7.34  ? 28   PRO A CA    1 
ATOM   174  C  C     . PRO A 1 28  ? -8.533  -7.863  -5.033  1.00 7.78  ? 28   PRO A C     1 
ATOM   175  O  O     . PRO A 1 28  ? -9.450  -7.100  -5.269  1.00 7.82  ? 28   PRO A O     1 
ATOM   176  C  CB    . PRO A 1 28  ? -8.172  -9.787  -6.643  1.00 6.62  ? 28   PRO A CB    1 
ATOM   177  C  CG    . PRO A 1 28  ? -7.149  -10.768 -6.091  1.00 6.98  ? 28   PRO A CG    1 
ATOM   178  C  CD    . PRO A 1 28  ? -5.862  -10.014 -6.031  1.00 6.69  ? 28   PRO A CD    1 
ATOM   179  N  N     . ARG A 1 29  ? -8.210  -8.236  -3.803  1.00 7.85  ? 29   ARG A N     1 
ATOM   180  C  CA    . ARG A 1 29  ? -8.946  -7.704  -2.679  1.00 9.65  ? 29   ARG A CA    1 
ATOM   181  C  C     . ARG A 1 29  ? -8.674  -6.212  -2.498  1.00 9.25  ? 29   ARG A C     1 
ATOM   182  O  O     . ARG A 1 29  ? -9.601  -5.437  -2.213  1.00 9.78  ? 29   ARG A O     1 
ATOM   183  C  CB    . ARG A 1 29  ? -8.610  -8.501  -1.404  1.00 11.18 ? 29   ARG A CB    1 
ATOM   184  C  CG    . ARG A 1 29  ? -9.026  -9.993  -1.445  1.00 22.42 ? 29   ARG A CG    1 
ATOM   185  C  CD    . ARG A 1 29  ? -10.070 -10.417 -2.503  1.00 26.49 ? 29   ARG A CD    1 
ATOM   186  N  NE    . ARG A 1 29  ? -11.387 -9.851  -2.207  1.00 29.53 ? 29   ARG A NE    1 
ATOM   187  C  CZ    . ARG A 1 29  ? -12.267 -9.376  -3.100  1.00 29.05 ? 29   ARG A CZ    1 
ATOM   188  N  NH1   . ARG A 1 29  ? -12.020 -9.390  -4.420  1.00 22.44 ? 29   ARG A NH1   1 
ATOM   189  N  NH2   . ARG A 1 29  ? -13.416 -8.872  -2.651  1.00 26.42 ? 29   ARG A NH2   1 
ATOM   190  N  N     . ALA A 1 30  ? -7.435  -5.774  -2.719  1.00 6.85  ? 30   ALA A N     1 
ATOM   191  C  CA    . ALA A 1 30  ? -7.112  -4.361  -2.642  1.00 8.68  ? 30   ALA A CA    1 
ATOM   192  C  C     . ALA A 1 30  ? -7.849  -3.564  -3.729  1.00 8.63  ? 30   ALA A C     1 
ATOM   193  O  O     . ALA A 1 30  ? -8.386  -2.484  -3.492  1.00 8.62  ? 30   ALA A O     1 
ATOM   194  C  CB    . ALA A 1 30  ? -5.596  -4.125  -2.757  1.00 10.05 ? 30   ALA A CB    1 
ATOM   195  N  N     . VAL A 1 31  ? -7.860  -4.090  -4.941  1.00 7.19  ? 31   VAL A N     1 
ATOM   196  C  CA    . VAL A 1 31  ? -8.543  -3.422  -6.025  1.00 7.31  ? 31   VAL A CA    1 
ATOM   197  C  C     . VAL A 1 31  ? -10.031 -3.296  -5.696  1.00 9.18  ? 31   VAL A C     1 
ATOM   198  O  O     . VAL A 1 31  ? -10.625 -2.234  -5.878  1.00 9.14  ? 31   VAL A O     1 
ATOM   199  C  CB    . VAL A 1 31  ? -8.369  -4.163  -7.362  1.00 6.43  ? 31   VAL A CB    1 
ATOM   200  C  CG1   . VAL A 1 31  ? -9.222  -3.511  -8.430  1.00 7.24  ? 31   VAL A CG1   1 
ATOM   201  C  CG2   . VAL A 1 31  ? -6.907  -4.221  -7.808  1.00 7.41  ? 31   VAL A CG2   1 
ATOM   202  N  N     . SER A 1 32  ? -10.623 -4.367  -5.193  1.00 7.25  ? 32   SER A N     1 
ATOM   203  C  CA    . SER A 1 32  ? -12.033 -4.391  -4.849  1.00 7.34  ? 32   SER A CA    1 
ATOM   204  C  C     . SER A 1 32  ? -12.368 -3.392  -3.754  1.00 8.78  ? 32   SER A C     1 
ATOM   205  O  O     . SER A 1 32  ? -13.383 -2.697  -3.865  1.00 9.86  ? 32   SER A O     1 
ATOM   206  C  CB    A SER A 1 32  ? -12.410 -5.802  -4.390  0.50 9.14  ? 32   SER A CB    1 
ATOM   207  C  CB    B SER A 1 32  ? -12.437 -5.783  -4.397  0.50 7.83  ? 32   SER A CB    1 
ATOM   208  O  OG    A SER A 1 32  ? -13.809 -5.964  -4.215  0.50 12.55 ? 32   SER A OG    1 
ATOM   209  O  OG    B SER A 1 32  ? -12.249 -6.712  -5.443  0.50 7.59  ? 32   SER A OG    1 
ATOM   210  N  N     . VAL A 1 33  ? -11.518 -3.273  -2.742  1.00 9.10  ? 33   VAL A N     1 
ATOM   211  C  CA    . VAL A 1 33  ? -11.796 -2.318  -1.668  1.00 9.72  ? 33   VAL A CA    1 
ATOM   212  C  C     . VAL A 1 33  ? -11.670 -0.873  -2.146  1.00 10.77 ? 33   VAL A C     1 
ATOM   213  O  O     . VAL A 1 33  ? -12.492 -0.040  -1.784  1.00 12.61 ? 33   VAL A O     1 
ATOM   214  C  CB    A VAL A 1 33  ? -10.827 -2.524  -0.480  0.50 12.33 ? 33   VAL A CB    1 
ATOM   215  C  CB    B VAL A 1 33  ? -11.017 -2.579  -0.361  0.50 12.64 ? 33   VAL A CB    1 
ATOM   216  C  CG1   A VAL A 1 33  ? -10.996 -1.408  0.567   0.50 13.06 ? 33   VAL A CG1   1 
ATOM   217  C  CG1   B VAL A 1 33  ? -11.349 -3.955  0.204   0.50 15.48 ? 33   VAL A CG1   1 
ATOM   218  C  CG2   A VAL A 1 33  ? -11.005 -3.893  0.166   0.50 14.16 ? 33   VAL A CG2   1 
ATOM   219  C  CG2   B VAL A 1 33  ? -9.537  -2.400  -0.536  0.50 14.40 ? 33   VAL A CG2   1 
ATOM   220  N  N     . VAL A 1 34  ? -10.683 -0.567  -2.988  1.00 9.87  ? 34   VAL A N     1 
ATOM   221  C  CA    . VAL A 1 34  ? -10.521 0.783   -3.498  1.00 11.71 ? 34   VAL A CA    1 
ATOM   222  C  C     . VAL A 1 34  ? -11.703 1.133   -4.393  1.00 13.87 ? 34   VAL A C     1 
ATOM   223  O  O     . VAL A 1 34  ? -12.324 2.192   -4.221  1.00 13.36 ? 34   VAL A O     1 
ATOM   224  C  CB    . VAL A 1 34  ? -9.173  0.954   -4.273  1.00 11.93 ? 34   VAL A CB    1 
ATOM   225  C  CG1   . VAL A 1 34  ? -9.126  2.309   -4.992  1.00 14.07 ? 34   VAL A CG1   1 
ATOM   226  C  CG2   . VAL A 1 34  ? -7.994  0.802   -3.337  1.00 14.69 ? 34   VAL A CG2   1 
ATOM   227  N  N     . ASP A 1 35  ? -12.031 0.253   -5.337  1.00 12.00 ? 35   ASP A N     1 
ATOM   228  C  CA    . ASP A 1 35  ? -13.144 0.454   -6.290  1.00 14.87 ? 35   ASP A CA    1 
ATOM   229  C  C     . ASP A 1 35  ? -14.441 0.739   -5.575  1.00 11.52 ? 35   ASP A C     1 
ATOM   230  O  O     . ASP A 1 35  ? -15.174 1.670   -5.935  1.00 12.44 ? 35   ASP A O     1 
ATOM   231  C  CB    . ASP A 1 35  ? -13.372 -0.800  -7.186  1.00 17.19 ? 35   ASP A CB    1 
ATOM   232  C  CG    . ASP A 1 35  ? -14.729 -0.774  -7.956  1.00 22.13 ? 35   ASP A CG    1 
ATOM   233  O  OD1   . ASP A 1 35  ? -15.710 -1.463  -7.566  1.00 24.84 ? 35   ASP A OD1   1 
ATOM   234  O  OD2   . ASP A 1 35  ? -14.901 -0.099  -8.985  1.00 24.55 ? 35   ASP A OD2   1 
ATOM   235  N  N     . SER A 1 36  ? -14.749 -0.088  -4.590  1.00 11.65 ? 36   SER A N     1 
ATOM   236  C  CA    . SER A 1 36  ? -16.017 -0.011  -3.887  1.00 12.39 ? 36   SER A CA    1 
ATOM   237  C  C     . SER A 1 36  ? -16.070 1.209   -2.958  1.00 13.77 ? 36   SER A C     1 
ATOM   238  O  O     . SER A 1 36  ? -17.146 1.581   -2.524  1.00 16.60 ? 36   SER A O     1 
ATOM   239  C  CB    . SER A 1 36  ? -16.280 -1.295  -3.117  1.00 15.35 ? 36   SER A CB    1 
ATOM   240  O  OG    . SER A 1 36  ? -15.383 -1.466  -2.054  1.00 19.85 ? 36   SER A OG    1 
ATOM   241  N  N     . SER A 1 37  ? -14.919 1.822   -2.688  1.00 13.49 ? 37   SER A N     1 
ATOM   242  C  CA    . SER A 1 37  ? -14.807 3.064   -1.918  1.00 15.06 ? 37   SER A CA    1 
ATOM   243  C  C     . SER A 1 37  ? -14.449 4.270   -2.791  1.00 14.78 ? 37   SER A C     1 
ATOM   244  O  O     . SER A 1 37  ? -14.020 5.304   -2.264  1.00 13.86 ? 37   SER A O     1 
ATOM   245  C  CB    . SER A 1 37  ? -13.715 2.910   -0.852  1.00 16.62 ? 37   SER A CB    1 
ATOM   246  O  OG    . SER A 1 37  ? -13.912 1.764   -0.056  1.00 23.23 ? 37   SER A OG    1 
ATOM   247  N  N     . SER A 1 38  ? -14.644 4.177   -4.103  1.00 13.50 ? 38   SER A N     1 
ATOM   248  C  CA    . SER A 1 38  ? -14.108 5.169   -5.025  1.00 13.46 ? 38   SER A CA    1 
ATOM   249  C  C     . SER A 1 38  ? -14.639 6.576   -4.746  1.00 15.10 ? 38   SER A C     1 
ATOM   250  O  O     . SER A 1 38  ? -13.892 7.538   -4.796  1.00 17.83 ? 38   SER A O     1 
ATOM   251  C  CB    . SER A 1 38  ? -14.362 4.779   -6.480  1.00 16.71 ? 38   SER A CB    1 
ATOM   252  O  OG    . SER A 1 38  ? -15.727 4.565   -6.743  1.00 19.91 ? 38   SER A OG    1 
ATOM   253  N  N     . GLU A 1 39  ? -15.927 6.670   -4.442  1.00 16.07 ? 39   GLU A N     1 
ATOM   254  C  CA    . GLU A 1 39  ? -16.569 7.948   -4.118  1.00 18.84 ? 39   GLU A CA    1 
ATOM   255  C  C     . GLU A 1 39  ? -16.123 8.494   -2.767  1.00 18.09 ? 39   GLU A C     1 
ATOM   256  O  O     . GLU A 1 39  ? -15.863 9.699   -2.641  1.00 19.83 ? 39   GLU A O     1 
ATOM   257  C  CB    . GLU A 1 39  ? -18.090 7.790   -4.129  1.00 22.76 ? 39   GLU A CB    1 
ATOM   258  C  CG    . GLU A 1 39  ? -18.840 9.101   -4.291  1.00 30.10 ? 39   GLU A CG    1 
ATOM   259  C  CD    . GLU A 1 39  ? -20.354 8.919   -4.283  1.00 35.28 ? 39   GLU A CD    1 
ATOM   260  O  OE1   . GLU A 1 39  ? -20.839 7.840   -4.704  1.00 37.81 ? 39   GLU A OE1   1 
ATOM   261  O  OE2   . GLU A 1 39  ? -21.057 9.863   -3.854  1.00 39.34 ? 39   GLU A OE2   1 
ATOM   262  N  N     . LYS A 1 40  ? -16.032 7.620   -1.762  1.00 18.54 ? 40   LYS A N     1 
ATOM   263  C  CA    . LYS A 1 40  ? -15.555 8.015   -0.434  1.00 19.20 ? 40   LYS A CA    1 
ATOM   264  C  C     . LYS A 1 40  ? -14.121 8.518   -0.502  1.00 18.73 ? 40   LYS A C     1 
ATOM   265  O  O     . LYS A 1 40  ? -13.696 9.293   0.361   1.00 18.27 ? 40   LYS A O     1 
ATOM   266  C  CB    . LYS A 1 40  ? -15.599 6.847   0.555   1.00 23.79 ? 40   LYS A CB    1 
ATOM   267  C  CG    . LYS A 1 40  ? -16.982 6.348   0.902   1.00 30.15 ? 40   LYS A CG    1 
ATOM   268  C  CD    . LYS A 1 40  ? -16.895 5.090   1.777   1.00 35.29 ? 40   LYS A CD    1 
ATOM   269  C  CE    . LYS A 1 40  ? -18.238 4.727   2.411   1.00 38.31 ? 40   LYS A CE    1 
ATOM   270  N  NZ    . LYS A 1 40  ? -18.065 4.022   3.716   1.00 40.31 ? 40   LYS A NZ    1 
ATOM   271  N  N     . LEU A 1 41  ? -13.379 8.090   -1.526  1.00 15.92 ? 41   LEU A N     1 
ATOM   272  C  CA    . LEU A 1 41  ? -11.979 8.482   -1.696  1.00 17.90 ? 41   LEU A CA    1 
ATOM   273  C  C     . LEU A 1 41  ? -11.799 9.740   -2.563  1.00 20.32 ? 41   LEU A C     1 
ATOM   274  O  O     . LEU A 1 41  ? -10.675 10.194  -2.777  1.00 23.87 ? 41   LEU A O     1 
ATOM   275  C  CB    . LEU A 1 41  ? -11.178 7.311   -2.291  1.00 16.33 ? 41   LEU A CB    1 
ATOM   276  C  CG    . LEU A 1 41  ? -10.884 6.146   -1.351  1.00 17.73 ? 41   LEU A CG    1 
ATOM   277  C  CD1   . LEU A 1 41  ? -10.387 4.936   -2.108  1.00 17.93 ? 41   LEU A CD1   1 
ATOM   278  C  CD2   . LEU A 1 41  ? -9.852  6.533   -0.318  1.00 21.77 ? 41   LEU A CD2   1 
ATOM   279  N  N     . GLY A 1 42  ? -12.900 10.295  -3.062  1.00 18.88 ? 42   GLY A N     1 
ATOM   280  C  CA    . GLY A 1 42  ? -12.880 11.512  -3.853  1.00 19.46 ? 42   GLY A CA    1 
ATOM   281  C  C     . GLY A 1 42  ? -12.817 11.293  -5.353  1.00 18.26 ? 42   GLY A C     1 
ATOM   282  O  O     . GLY A 1 42  ? -12.570 12.234  -6.099  1.00 21.57 ? 42   GLY A O     1 
ATOM   283  N  N     . GLY A 1 43  ? -13.050 10.057  -5.795  1.00 18.39 ? 43   GLY A N     1 
ATOM   284  C  CA    . GLY A 1 43  ? -12.976 9.705   -7.204  1.00 16.86 ? 43   GLY A CA    1 
ATOM   285  C  C     . GLY A 1 43  ? -11.680 8.969   -7.528  1.00 17.70 ? 43   GLY A C     1 
ATOM   286  O  O     . GLY A 1 43  ? -10.910 9.375   -8.401  1.00 19.66 ? 43   GLY A O     1 
ATOM   287  N  N     . ALA A 1 44  ? -11.439 7.878   -6.822  1.00 15.56 ? 44   ALA A N     1 
ATOM   288  C  CA    . ALA A 1 44  ? -10.211 7.103   -7.007  1.00 14.77 ? 44   ALA A CA    1 
ATOM   289  C  C     . ALA A 1 44  ? -10.495 5.862   -7.831  1.00 17.77 ? 44   ALA A C     1 
ATOM   290  O  O     . ALA A 1 44  ? -11.574 5.278   -7.759  1.00 20.46 ? 44   ALA A O     1 
ATOM   291  C  CB    . ALA A 1 44  ? -9.642  6.727   -5.691  1.00 17.49 ? 44   ALA A CB    1 
ATOM   292  N  N     . LYS A 1 45  ? -9.522  5.459   -8.627  1.00 12.22 ? 45   LYS A N     1 
ATOM   293  C  CA    . LYS A 1 45  ? -9.641  4.238   -9.409  1.00 13.51 ? 45   LYS A CA    1 
ATOM   294  C  C     . LYS A 1 45  ? -8.284  3.570   -9.468  1.00 11.06 ? 45   LYS A C     1 
ATOM   295  O  O     . LYS A 1 45  ? -7.272  4.248   -9.650  1.00 8.67  ? 45   LYS A O     1 
ATOM   296  C  CB    . LYS A 1 45  ? -10.102 4.599   -10.818 1.00 15.15 ? 45   LYS A CB    1 
ATOM   297  C  CG    . LYS A 1 45  ? -10.174 3.460   -11.827 1.00 20.36 ? 45   LYS A CG    1 
ATOM   298  C  CD    . LYS A 1 45  ? -10.911 3.882   -13.103 1.00 28.08 ? 45   LYS A CD    1 
ATOM   299  C  CE    . LYS A 1 45  ? -10.071 3.668   -14.355 1.00 31.09 ? 45   LYS A CE    1 
ATOM   300  N  NZ    . LYS A 1 45  ? -10.832 3.979   -15.600 1.00 34.17 ? 45   LYS A NZ    1 
ATOM   301  N  N     . VAL A 1 46  ? -8.254  2.242   -9.342  1.00 9.64  ? 46   VAL A N     1 
ATOM   302  C  CA    . VAL A 1 46  ? -7.022  1.501   -9.564  1.00 8.10  ? 46   VAL A CA    1 
ATOM   303  C  C     . VAL A 1 46  ? -6.790  1.394   -11.057 1.00 7.58  ? 46   VAL A C     1 
ATOM   304  O  O     . VAL A 1 46  ? -7.553  0.760   -11.786 1.00 9.03  ? 46   VAL A O     1 
ATOM   305  C  CB    . VAL A 1 46  ? -7.014  0.084   -8.931  1.00 8.58  ? 46   VAL A CB    1 
ATOM   306  C  CG1   . VAL A 1 46  ? -5.726  -0.614  -9.236  1.00 9.17  ? 46   VAL A CG1   1 
ATOM   307  C  CG2   . VAL A 1 46  ? -7.218  0.178   -7.435  1.00 12.05 ? 46   VAL A CG2   1 
ATOM   308  N  N     . VAL A 1 47  ? -5.718  2.030   -11.510 1.00 6.88  ? 47   VAL A N     1 
ATOM   309  C  CA    . VAL A 1 47  ? -5.343  2.069   -12.909 1.00 7.00  ? 47   VAL A CA    1 
ATOM   310  C  C     . VAL A 1 47  ? -4.243  1.107   -13.295 1.00 7.30  ? 47   VAL A C     1 
ATOM   311  O  O     . VAL A 1 47  ? -4.072  0.831   -14.469 1.00 9.18  ? 47   VAL A O     1 
ATOM   312  C  CB    . VAL A 1 47  ? -4.950  3.497   -13.340 1.00 8.05  ? 47   VAL A CB    1 
ATOM   313  C  CG1   . VAL A 1 47  ? -6.113  4.454   -13.103 1.00 10.95 ? 47   VAL A CG1   1 
ATOM   314  C  CG2   . VAL A 1 47  ? -3.727  3.976   -12.642 1.00 9.90  ? 47   VAL A CG2   1 
ATOM   315  N  N     . ALA A 1 48  ? -3.535  0.557   -12.302 1.00 6.77  ? 48   ALA A N     1 
ATOM   316  C  CA    . ALA A 1 48  ? -2.388  -0.295  -12.548 1.00 6.94  ? 48   ALA A CA    1 
ATOM   317  C  C     . ALA A 1 48  ? -2.108  -1.177  -11.364 1.00 6.54  ? 48   ALA A C     1 
ATOM   318  O  O     . ALA A 1 48  ? -2.208  -0.761  -10.215 1.00 6.96  ? 48   ALA A O     1 
ATOM   319  C  CB    . ALA A 1 48  ? -1.155  0.550   -12.843 1.00 9.10  ? 48   ALA A CB    1 
ATOM   320  N  N     . THR A 1 49  ? -1.710  -2.407  -11.667 1.00 6.60  ? 49   THR A N     1 
ATOM   321  C  CA    . THR A 1 49  ? -1.148  -3.310  -10.671 1.00 6.87  ? 49   THR A CA    1 
ATOM   322  C  C     . THR A 1 49  ? 0.125   -3.942  -11.187 1.00 7.46  ? 49   THR A C     1 
ATOM   323  O  O     . THR A 1 49  ? 0.389   -3.999  -12.397 1.00 7.97  ? 49   THR A O     1 
ATOM   324  C  CB    . THR A 1 49  ? -2.126  -4.420  -10.239 1.00 7.87  ? 49   THR A CB    1 
ATOM   325  O  OG1   . THR A 1 49  ? -2.375  -5.311  -11.332 1.00 8.93  ? 49   THR A OG1   1 
ATOM   326  C  CG2   . THR A 1 49  ? -3.495  -3.881  -9.847  1.00 8.93  ? 49   THR A CG2   1 
ATOM   327  N  N     . ALA A 1 50  ? 0.946   -4.406  -10.263 1.00 7.21  ? 50   ALA A N     1 
ATOM   328  C  CA    . ALA A 1 50  ? 2.146   -5.144  -10.597 1.00 6.75  ? 50   ALA A CA    1 
ATOM   329  C  C     . ALA A 1 50  ? 2.535   -6.057  -9.450  1.00 6.38  ? 50   ALA A C     1 
ATOM   330  O  O     . ALA A 1 50  ? 2.056   -5.883  -8.323  1.00 7.15  ? 50   ALA A O     1 
ATOM   331  C  CB    . ALA A 1 50  ? 3.272   -4.172  -10.893 1.00 8.61  ? 50   ALA A CB    1 
ATOM   332  N  N     . VAL A 1 51  ? 3.406   -7.006  -9.745  1.00 7.41  ? 51   VAL A N     1 
ATOM   333  C  CA    . VAL A 1 51  ? 3.940   -7.928  -8.767  1.00 5.91  ? 51   VAL A CA    1 
ATOM   334  C  C     . VAL A 1 51  ? 5.458   -7.853  -8.869  1.00 8.71  ? 51   VAL A C     1 
ATOM   335  O  O     . VAL A 1 51  ? 6.018   -7.868  -9.971  1.00 9.98  ? 51   VAL A O     1 
ATOM   336  C  CB    . VAL A 1 51  ? 3.477   -9.362  -9.020  1.00 8.72  ? 51   VAL A CB    1 
ATOM   337  C  CG1   . VAL A 1 51  ? 4.114   -10.301 -8.015  1.00 11.01 ? 51   VAL A CG1   1 
ATOM   338  C  CG2   . VAL A 1 51  ? 1.952   -9.482  -8.998  1.00 9.77  ? 51   VAL A CG2   1 
ATOM   339  N  N     . VAL A 1 52  ? 6.126   -7.789  -7.729  1.00 7.89  ? 52   VAL A N     1 
ATOM   340  C  CA    . VAL A 1 52  ? 7.569   -7.822  -7.651  1.00 8.75  ? 52   VAL A CA    1 
ATOM   341  C  C     . VAL A 1 52  ? 7.946   -8.836  -6.575  1.00 7.28  ? 52   VAL A C     1 
ATOM   342  O  O     . VAL A 1 52  ? 7.142   -9.111  -5.664  1.00 7.57  ? 52   VAL A O     1 
ATOM   343  C  CB    . VAL A 1 52  ? 8.181   -6.444  -7.317  1.00 9.50  ? 52   VAL A CB    1 
ATOM   344  C  CG1   . VAL A 1 52  ? 8.018   -5.489  -8.507  1.00 10.87 ? 52   VAL A CG1   1 
ATOM   345  C  CG2   . VAL A 1 52  ? 7.590   -5.880  -6.006  1.00 10.62 ? 52   VAL A CG2   1 
ATOM   346  N  N     . PRO A 1 53  ? 9.148   -9.387  -6.646  1.00 7.88  ? 53   PRO A N     1 
ATOM   347  C  CA    . PRO A 1 53  ? 9.655   -10.237 -5.571  1.00 8.00  ? 53   PRO A CA    1 
ATOM   348  C  C     . PRO A 1 53  ? 10.029  -9.423  -4.330  1.00 6.67  ? 53   PRO A C     1 
ATOM   349  O  O     . PRO A 1 53  ? 10.035  -8.180  -4.371  1.00 8.50  ? 53   PRO A O     1 
ATOM   350  C  CB    . PRO A 1 53  ? 10.878  -10.900 -6.198  1.00 8.28  ? 53   PRO A CB    1 
ATOM   351  C  CG    . PRO A 1 53  ? 11.345  -9.918  -7.200  1.00 10.08 ? 53   PRO A CG    1 
ATOM   352  C  CD    . PRO A 1 53  ? 10.128  -9.216  -7.726  1.00 9.41  ? 53   PRO A CD    1 
ATOM   353  N  N     . ASP A 1 54  ? 10.354  -10.136 -3.256  1.00 8.62  ? 54   ASP A N     1 
ATOM   354  C  CA    . ASP A 1 54  ? 10.803  -9.549  -2.003  1.00 8.82  ? 54   ASP A CA    1 
ATOM   355  C  C     . ASP A 1 54  ? 12.258  -9.138  -2.152  1.00 8.72  ? 54   ASP A C     1 
ATOM   356  O  O     . ASP A 1 54  ? 13.149  -9.787  -1.618  1.00 10.80 ? 54   ASP A O     1 
ATOM   357  C  CB    . ASP A 1 54  ? 10.649  -10.585 -0.907  1.00 7.79  ? 54   ASP A CB    1 
ATOM   358  C  CG    . ASP A 1 54  ? 9.229   -10.929 -0.619  1.00 9.94  ? 54   ASP A CG    1 
ATOM   359  O  OD1   . ASP A 1 54  ? 8.485   -10.072 -0.088  1.00 11.47 ? 54   ASP A OD1   1 
ATOM   360  O  OD2   . ASP A 1 54  ? 8.780   -12.072 -0.873  1.00 12.35 ? 54   ASP A OD2   1 
ATOM   361  N  N     . GLU A 1 55  ? 12.483  -8.066  -2.907  1.00 8.72  ? 55   GLU A N     1 
ATOM   362  C  CA    . GLU A 1 55  ? 13.819  -7.595  -3.237  1.00 9.92  ? 55   GLU A CA    1 
ATOM   363  C  C     . GLU A 1 55  ? 13.767  -6.082  -3.177  1.00 8.41  ? 55   GLU A C     1 
ATOM   364  O  O     . GLU A 1 55  ? 13.003  -5.452  -3.900  1.00 9.66  ? 55   GLU A O     1 
ATOM   365  C  CB    . GLU A 1 55  ? 14.239  -8.060  -4.633  1.00 11.58 ? 55   GLU A CB    1 
ATOM   366  C  CG    . GLU A 1 55  ? 14.435  -9.568  -4.766  1.00 12.69 ? 55   GLU A CG    1 
ATOM   367  C  CD    . GLU A 1 55  ? 14.788  -10.010 -6.173  1.00 19.35 ? 55   GLU A CD    1 
ATOM   368  O  OE1   . GLU A 1 55  ? 15.250  -9.160  -6.967  1.00 22.45 ? 55   GLU A OE1   1 
ATOM   369  O  OE2   . GLU A 1 55  ? 14.594  -11.211 -6.502  1.00 20.60 ? 55   GLU A OE2   1 
ATOM   370  N  N     . VAL A 1 56  ? 14.583  -5.501  -2.316  1.00 8.57  ? 56   VAL A N     1 
ATOM   371  C  CA    . VAL A 1 56  ? 14.529  -4.067  -2.074  1.00 9.79  ? 56   VAL A CA    1 
ATOM   372  C  C     . VAL A 1 56  ? 14.688  -3.261  -3.349  1.00 9.81  ? 56   VAL A C     1 
ATOM   373  O  O     . VAL A 1 56  ? 13.928  -2.316  -3.575  1.00 10.03 ? 56   VAL A O     1 
ATOM   374  C  CB    . VAL A 1 56  ? 15.565  -3.639  -1.049  1.00 12.26 ? 56   VAL A CB    1 
ATOM   375  C  CG1   . VAL A 1 56  ? 15.717  -2.131  -1.019  1.00 15.20 ? 56   VAL A CG1   1 
ATOM   376  C  CG2   . VAL A 1 56  ? 15.187  -4.118  0.291   1.00 15.09 ? 56   VAL A CG2   1 
ATOM   377  N  N     . GLU A 1 57  ? 15.642  -3.586  -4.202  1.00 9.51  ? 57   GLU A N     1 
ATOM   378  C  CA    . GLU A 1 57  ? 15.861  -2.753  -5.382  1.00 11.25 ? 57   GLU A CA    1 
ATOM   379  C  C     . GLU A 1 57  ? 14.670  -2.808  -6.318  1.00 10.85 ? 57   GLU A C     1 
ATOM   380  O  O     . GLU A 1 57  ? 14.318  -1.801  -6.922  1.00 11.90 ? 57   GLU A O     1 
ATOM   381  C  CB    A GLU A 1 57  ? 17.161  -3.136  -6.089  0.50 13.22 ? 57   GLU A CB    1 
ATOM   382  C  CB    B GLU A 1 57  ? 17.131  -3.165  -6.137  0.50 13.59 ? 57   GLU A CB    1 
ATOM   383  C  CG    A GLU A 1 57  ? 18.408  -2.744  -5.303  0.50 15.51 ? 57   GLU A CG    1 
ATOM   384  C  CG    B GLU A 1 57  ? 17.379  -2.353  -7.406  0.50 17.01 ? 57   GLU A CG    1 
ATOM   385  C  CD    A GLU A 1 57  ? 18.480  -1.250  -5.014  0.50 20.35 ? 57   GLU A CD    1 
ATOM   386  C  CD    B GLU A 1 57  ? 18.767  -2.550  -7.988  0.50 21.18 ? 57   GLU A CD    1 
ATOM   387  O  OE1   A GLU A 1 57  ? 18.447  -0.459  -5.981  0.50 25.29 ? 57   GLU A OE1   1 
ATOM   388  O  OE1   B GLU A 1 57  ? 19.285  -1.594  -8.600  0.50 22.55 ? 57   GLU A OE1   1 
ATOM   389  O  OE2   A GLU A 1 57  ? 18.553  -0.864  -3.824  0.50 20.43 ? 57   GLU A OE2   1 
ATOM   390  O  OE2   B GLU A 1 57  ? 19.337  -3.655  -7.843  0.50 22.66 ? 57   GLU A OE2   1 
ATOM   391  N  N     . ARG A 1 58  ? 14.034  -3.967  -6.451  1.00 9.98  ? 58   ARG A N     1 
ATOM   392  C  CA    . ARG A 1 58  ? 12.878  -4.093  -7.348  1.00 10.33 ? 58   ARG A CA    1 
ATOM   393  C  C     . ARG A 1 58  ? 11.699  -3.261  -6.835  1.00 9.84  ? 58   ARG A C     1 
ATOM   394  O  O     . ARG A 1 58  ? 11.013  -2.578  -7.602  1.00 10.38 ? 58   ARG A O     1 
ATOM   395  C  CB    . ARG A 1 58  ? 12.417  -5.552  -7.507  1.00 13.75 ? 58   ARG A CB    1 
ATOM   396  C  CG    A ARG A 1 58  ? 13.224  -6.362  -8.517  0.50 19.66 ? 58   ARG A CG    1 
ATOM   397  C  CG    B ARG A 1 58  ? 13.382  -6.507  -8.213  0.50 13.63 ? 58   ARG A CG    1 
ATOM   398  C  CD    A ARG A 1 58  ? 13.217  -5.772  -9.953  0.50 22.22 ? 58   ARG A CD    1 
ATOM   399  C  CD    B ARG A 1 58  ? 13.296  -6.517  -9.722  0.50 11.43 ? 58   ARG A CD    1 
ATOM   400  N  NE    A ARG A 1 58  ? 11.948  -5.924  -10.688 0.50 25.26 ? 58   ARG A NE    1 
ATOM   401  N  NE    B ARG A 1 58  ? 11.933  -6.697  -10.223 0.50 14.31 ? 58   ARG A NE    1 
ATOM   402  C  CZ    A ARG A 1 58  ? 10.992  -4.987  -10.846 0.50 22.67 ? 58   ARG A CZ    1 
ATOM   403  C  CZ    B ARG A 1 58  ? 11.390  -7.839  -10.652 0.50 15.12 ? 58   ARG A CZ    1 
ATOM   404  N  NH1   A ARG A 1 58  ? 11.090  -3.771  -10.299 0.50 15.91 ? 58   ARG A NH1   1 
ATOM   405  N  NH1   B ARG A 1 58  ? 12.073  -8.971  -10.639 0.50 15.09 ? 58   ARG A NH1   1 
ATOM   406  N  NH2   A ARG A 1 58  ? 9.904   -5.280  -11.557 0.50 26.26 ? 58   ARG A NH2   1 
ATOM   407  N  NH2   B ARG A 1 58  ? 10.132  -7.845  -11.083 0.50 17.36 ? 58   ARG A NH2   1 
ATOM   408  N  N     . ILE A 1 59  ? 11.454  -3.328  -5.535  1.00 8.27  ? 59   ILE A N     1 
ATOM   409  C  CA    . ILE A 1 59  ? 10.381  -2.578  -4.913  1.00 7.51  ? 59   ILE A CA    1 
ATOM   410  C  C     . ILE A 1 59  ? 10.651  -1.081  -5.049  1.00 8.10  ? 59   ILE A C     1 
ATOM   411  O  O     . ILE A 1 59  ? 9.765   -0.319  -5.463  1.00 8.75  ? 59   ILE A O     1 
ATOM   412  C  CB    . ILE A 1 59  ? 10.243  -2.954  -3.421  1.00 7.08  ? 59   ILE A CB    1 
ATOM   413  C  CG1   . ILE A 1 59  ? 9.889   -4.434  -3.256  1.00 7.38  ? 59   ILE A CG1   1 
ATOM   414  C  CG2   . ILE A 1 59  ? 9.182   -2.101  -2.756  1.00 7.80  ? 59   ILE A CG2   1 
ATOM   415  C  CD1   . ILE A 1 59  ? 10.235  -4.992  -1.877  1.00 7.88  ? 59   ILE A CD1   1 
ATOM   416  N  N     . LYS A 1 60  ? 11.857  -0.658  -4.689  1.00 8.28  ? 60   LYS A N     1 
ATOM   417  C  CA    . LYS A 1 60  ? 12.238  0.744   -4.827  1.00 8.89  ? 60   LYS A CA    1 
ATOM   418  C  C     . LYS A 1 60  ? 12.035  1.243   -6.244  1.00 10.28 ? 60   LYS A C     1 
ATOM   419  O  O     . LYS A 1 60  ? 11.502  2.336   -6.450  1.00 9.99  ? 60   LYS A O     1 
ATOM   420  C  CB    . LYS A 1 60  ? 13.692  0.969   -4.444  1.00 12.06 ? 60   LYS A CB    1 
ATOM   421  C  CG    . LYS A 1 60  ? 13.968  0.954   -3.021  1.00 17.72 ? 60   LYS A CG    1 
ATOM   422  C  CD    . LYS A 1 60  ? 15.435  1.287   -2.771  1.00 21.21 ? 60   LYS A CD    1 
ATOM   423  C  CE    . LYS A 1 60  ? 15.953  2.420   -3.676  1.00 24.03 ? 60   LYS A CE    1 
ATOM   424  N  NZ    . LYS A 1 60  ? 16.303  2.010   -5.086  1.00 32.81 ? 60   LYS A NZ    1 
ATOM   425  N  N     . ASP A 1 61  ? 12.470  0.475   -7.237  1.00 9.49  ? 61   ASP A N     1 
ATOM   426  C  CA    . ASP A 1 61  ? 12.432  0.924   -8.613  1.00 11.92 ? 61   ASP A CA    1 
ATOM   427  C  C     . ASP A 1 61  ? 10.994  1.176   -9.057  1.00 9.43  ? 61   ASP A C     1 
ATOM   428  O  O     . ASP A 1 61  ? 10.722  2.176   -9.742  1.00 10.97 ? 61   ASP A O     1 
ATOM   429  C  CB    . ASP A 1 61  ? 13.113  -0.089  -9.545  1.00 12.52 ? 61   ASP A CB    1 
ATOM   430  C  CG    . ASP A 1 61  ? 14.638  0.033   -9.553  1.00 17.54 ? 61   ASP A CG    1 
ATOM   431  O  OD1   . ASP A 1 61  ? 15.206  1.021   -9.021  1.00 20.85 ? 61   ASP A OD1   1 
ATOM   432  O  OD2   . ASP A 1 61  ? 15.352  -0.851  -10.060 1.00 21.94 ? 61   ASP A OD2   1 
ATOM   433  N  N     . ILE A 1 62  ? 10.061  0.299   -8.699  1.00 8.44  ? 62   ILE A N     1 
ATOM   434  C  CA    . ILE A 1 62  ? 8.682   0.473   -9.123  1.00 10.55 ? 62   ILE A CA    1 
ATOM   435  C  C     . ILE A 1 62  ? 8.046   1.646   -8.368  1.00 8.71  ? 62   ILE A C     1 
ATOM   436  O  O     . ILE A 1 62  ? 7.318   2.438   -8.958  1.00 7.75  ? 62   ILE A O     1 
ATOM   437  C  CB    . ILE A 1 62  ? 7.855   -0.827  -9.015  1.00 13.93 ? 62   ILE A CB    1 
ATOM   438  C  CG1   . ILE A 1 62  ? 6.455   -0.642  -9.602  1.00 17.41 ? 62   ILE A CG1   1 
ATOM   439  C  CG2   . ILE A 1 62  ? 7.729   -1.304  -7.618  1.00 19.36 ? 62   ILE A CG2   1 
ATOM   440  C  CD1   . ILE A 1 62  ? 6.078   -1.808  -10.493 1.00 23.84 ? 62   ILE A CD1   1 
ATOM   441  N  N     . LEU A 1 63  ? 8.326   1.787   -7.080  1.00 7.29  ? 63   LEU A N     1 
ATOM   442  C  CA    . LEU A 1 63  ? 7.764   2.914   -6.338  1.00 7.29  ? 63   LEU A CA    1 
ATOM   443  C  C     . LEU A 1 63  ? 8.253   4.230   -6.896  1.00 7.79  ? 63   LEU A C     1 
ATOM   444  O  O     . LEU A 1 63  ? 7.483   5.182   -7.026  1.00 8.85  ? 63   LEU A O     1 
ATOM   445  C  CB    . LEU A 1 63  ? 8.085   2.811   -4.856  1.00 7.41  ? 63   LEU A CB    1 
ATOM   446  C  CG    . LEU A 1 63  ? 7.487   1.601   -4.106  1.00 7.55  ? 63   LEU A CG    1 
ATOM   447  C  CD1   . LEU A 1 63  ? 7.943   1.622   -2.662  1.00 9.35  ? 63   LEU A CD1   1 
ATOM   448  C  CD2   . LEU A 1 63  ? 5.969   1.593   -4.222  1.00 8.63  ? 63   LEU A CD2   1 
ATOM   449  N  N     . GLN A 1 64  ? 9.518   4.287   -7.267  1.00 7.51  ? 64   GLN A N     1 
ATOM   450  C  CA    . GLN A 1 64  ? 10.077  5.506   -7.851  1.00 8.07  ? 64   GLN A CA    1 
ATOM   451  C  C     . GLN A 1 64  ? 9.457   5.769   -9.220  1.00 8.00  ? 64   GLN A C     1 
ATOM   452  O  O     . GLN A 1 64  ? 9.115   6.900   -9.529  1.00 8.02  ? 64   GLN A O     1 
ATOM   453  C  CB    . GLN A 1 64  ? 11.601  5.409   -8.001  1.00 9.46  ? 64   GLN A CB    1 
ATOM   454  C  CG    . GLN A 1 64  ? 12.332  5.435   -6.699  1.00 11.22 ? 64   GLN A CG    1 
ATOM   455  C  CD    . GLN A 1 64  ? 13.796  5.032   -6.822  1.00 16.61 ? 64   GLN A CD    1 
ATOM   456  O  OE1   . GLN A 1 64  ? 14.159  4.225   -7.679  1.00 19.52 ? 64   GLN A OE1   1 
ATOM   457  N  NE2   . GLN A 1 64  ? 14.629  5.561   -5.929  1.00 24.49 ? 64   GLN A NE2   1 
ATOM   458  N  N     . LYS A 1 65  ? 9.341   4.755   -10.080 1.00 7.29  ? 65   LYS A N     1 
ATOM   459  C  CA    . LYS A 1 65  ? 8.759   4.946   -11.408 1.00 8.11  ? 65   LYS A CA    1 
ATOM   460  C  C     . LYS A 1 65  ? 7.295   5.407   -11.337 1.00 6.69  ? 65   LYS A C     1 
ATOM   461  O  O     . LYS A 1 65  ? 6.891   6.361   -12.003 1.00 8.00  ? 65   LYS A O     1 
ATOM   462  C  CB    . LYS A 1 65  ? 8.852   3.670   -12.256 1.00 11.11 ? 65   LYS A CB    1 
ATOM   463  C  CG    . LYS A 1 65  ? 8.425   3.895   -13.706 1.00 15.42 ? 65   LYS A CG    1 
ATOM   464  C  CD    . LYS A 1 65  ? 8.503   2.603   -14.533 1.00 21.70 ? 65   LYS A CD    1 
ATOM   465  C  CE    . LYS A 1 65  ? 7.531   2.622   -15.736 1.00 27.75 ? 65   LYS A CE    1 
ATOM   466  N  NZ    . LYS A 1 65  ? 6.179   2.024   -15.416 1.00 28.36 ? 65   LYS A NZ    1 
ATOM   467  N  N     . TRP A 1 66  ? 6.504   4.750   -10.505 1.00 7.37  ? 66   TRP A N     1 
ATOM   468  C  CA    . TRP A 1 66  ? 5.107   5.098   -10.361 1.00 6.80  ? 66   TRP A CA    1 
ATOM   469  C  C     . TRP A 1 66  ? 4.902   6.501   -9.816  1.00 6.26  ? 66   TRP A C     1 
ATOM   470  O  O     . TRP A 1 66  ? 3.976   7.179   -10.231 1.00 7.31  ? 66   TRP A O     1 
ATOM   471  C  CB    . TRP A 1 66  ? 4.393   4.063   -9.511  1.00 6.24  ? 66   TRP A CB    1 
ATOM   472  C  CG    . TRP A 1 66  ? 3.998   2.779   -10.262 1.00 7.97  ? 66   TRP A CG    1 
ATOM   473  C  CD1   . TRP A 1 66  ? 4.116   2.540   -11.600 1.00 12.34 ? 66   TRP A CD1   1 
ATOM   474  C  CD2   . TRP A 1 66  ? 3.370   1.637   -9.704  1.00 6.74  ? 66   TRP A CD2   1 
ATOM   475  N  NE1   . TRP A 1 66  ? 3.604   1.299   -11.903 1.00 12.64 ? 66   TRP A NE1   1 
ATOM   476  C  CE2   . TRP A 1 66  ? 3.135   0.728   -10.749 1.00 9.18  ? 66   TRP A CE2   1 
ATOM   477  C  CE3   . TRP A 1 66  ? 2.984   1.286   -8.418  1.00 8.14  ? 66   TRP A CE3   1 
ATOM   478  C  CZ2   . TRP A 1 66  ? 2.548   -0.514  -10.530 1.00 10.38 ? 66   TRP A CZ2   1 
ATOM   479  C  CZ3   . TRP A 1 66  ? 2.384   0.056   -8.208  1.00 8.66  ? 66   TRP A CZ3   1 
ATOM   480  C  CH2   . TRP A 1 66  ? 2.177   -0.819  -9.263  1.00 9.01  ? 66   TRP A CH2   1 
ATOM   481  N  N     . SER A 1 67  ? 5.783   6.941   -8.932  1.00 6.06  ? 67   SER A N     1 
ATOM   482  C  CA    . SER A 1 67  ? 5.674   8.285   -8.355  1.00 6.67  ? 67   SER A CA    1 
ATOM   483  C  C     . SER A 1 67  ? 6.224   9.343   -9.310  1.00 6.43  ? 67   SER A C     1 
ATOM   484  O  O     . SER A 1 67  ? 5.609   10.383  -9.509  1.00 9.25  ? 67   SER A O     1 
ATOM   485  C  CB    . SER A 1 67  ? 6.462   8.372   -7.051  1.00 6.99  ? 67   SER A CB    1 
ATOM   486  O  OG    . SER A 1 67  ? 6.049   7.405   -6.103  1.00 8.87  ? 67   SER A OG    1 
ATOM   487  N  N     . ASP A 1 68  ? 7.397   9.092   -9.892  1.00 6.50  ? 68   ASP A N     1 
ATOM   488  C  CA    . ASP A 1 68  ? 8.139   10.110  -10.621 1.00 6.77  ? 68   ASP A CA    1 
ATOM   489  C  C     . ASP A 1 68  ? 7.767   10.182  -12.079 1.00 5.65  ? 68   ASP A C     1 
ATOM   490  O  O     . ASP A 1 68  ? 7.861   11.249  -12.668 1.00 7.71  ? 68   ASP A O     1 
ATOM   491  C  CB    . ASP A 1 68  ? 9.634   9.797   -10.574 1.00 6.19  ? 68   ASP A CB    1 
ATOM   492  C  CG    . ASP A 1 68  ? 10.223  9.817   -9.198  1.00 9.31  ? 68   ASP A CG    1 
ATOM   493  O  OD1   . ASP A 1 68  ? 9.576   10.201  -8.199  1.00 8.39  ? 68   ASP A OD1   1 
ATOM   494  O  OD2   . ASP A 1 68  ? 11.406  9.439   -9.047  1.00 10.80 ? 68   ASP A OD2   1 
ATOM   495  N  N     . VAL A 1 69  ? 7.405   9.063   -12.702 1.00 5.69  ? 69   VAL A N     1 
ATOM   496  C  CA    . VAL A 1 69  ? 7.154   9.014   -14.128 1.00 6.47  ? 69   VAL A CA    1 
ATOM   497  C  C     . VAL A 1 69  ? 5.675   8.856   -14.453 1.00 6.79  ? 69   VAL A C     1 
ATOM   498  O  O     . VAL A 1 69  ? 5.113   9.627   -15.231 1.00 8.01  ? 69   VAL A O     1 
ATOM   499  C  CB    . VAL A 1 69  ? 7.953   7.859   -14.767 1.00 7.65  ? 69   VAL A CB    1 
ATOM   500  C  CG1   . VAL A 1 69  ? 7.595   7.690   -16.218 1.00 8.82  ? 69   VAL A CG1   1 
ATOM   501  C  CG2   . VAL A 1 69  ? 9.475   8.095   -14.592 1.00 9.01  ? 69   VAL A CG2   1 
ATOM   502  N  N     . ASP A 1 70  ? 5.035   7.865   -13.839 1.00 6.21  ? 70   ASP A N     1 
ATOM   503  C  CA    . ASP A 1 70  ? 3.663   7.521   -14.191 1.00 7.72  ? 70   ASP A CA    1 
ATOM   504  C  C     . ASP A 1 70  ? 2.606   8.348   -13.493 1.00 10.00 ? 70   ASP A C     1 
ATOM   505  O  O     . ASP A 1 70  ? 1.416   8.238   -13.826 1.00 13.39 ? 70   ASP A O     1 
ATOM   506  C  CB    . ASP A 1 70  ? 3.401   6.036   -13.945 1.00 8.92  ? 70   ASP A CB    1 
ATOM   507  C  CG    . ASP A 1 70  ? 4.275   5.165   -14.788 1.00 11.48 ? 70   ASP A CG    1 
ATOM   508  O  OD1   . ASP A 1 70  ? 4.308   5.372   -16.021 1.00 16.38 ? 70   ASP A OD1   1 
ATOM   509  O  OD2   . ASP A 1 70  ? 4.986   4.271   -14.307 1.00 17.77 ? 70   ASP A OD2   1 
ATOM   510  N  N     . GLU A 1 71  ? 3.014   9.182   -12.557 1.00 9.59  ? 71   GLU A N     1 
ATOM   511  C  CA    . GLU A 1 71  ? 2.105   10.182  -11.979 1.00 12.29 ? 71   GLU A CA    1 
ATOM   512  C  C     . GLU A 1 71  ? 0.975   9.520   -11.174 1.00 10.80 ? 71   GLU A C     1 
ATOM   513  O  O     . GLU A 1 71  ? -0.145  10.031  -11.130 1.00 10.35 ? 71   GLU A O     1 
ATOM   514  C  CB    . GLU A 1 71  ? 1.490   11.132  -13.058 1.00 16.52 ? 71   GLU A CB    1 
ATOM   515  C  CG    . GLU A 1 71  ? 2.333   11.481  -14.316 1.00 17.80 ? 71   GLU A CG    1 
ATOM   516  C  CD    . GLU A 1 71  ? 1.797   12.641  -15.187 1.00 25.19 ? 71   GLU A CD    1 
ATOM   517  O  OE1   . GLU A 1 71  ? 0.826   13.357  -14.791 1.00 24.29 ? 71   GLU A OE1   1 
ATOM   518  O  OE2   . GLU A 1 71  ? 2.379   12.866  -16.298 1.00 19.23 ? 71   GLU A OE2   1 
ATOM   519  N  N     . MET A 1 72  ? 1.246   8.391   -10.528 1.00 7.16  ? 72   MET A N     1 
ATOM   520  C  CA    . MET A 1 72  ? 0.277   7.833   -9.578  1.00 5.88  ? 72   MET A CA    1 
ATOM   521  C  C     . MET A 1 72  ? 0.075   8.756   -8.402  1.00 7.81  ? 72   MET A C     1 
ATOM   522  O  O     . MET A 1 72  ? 0.981   9.501   -8.017  1.00 8.57  ? 72   MET A O     1 
ATOM   523  C  CB    . MET A 1 72  ? 0.712   6.453   -9.095  1.00 7.33  ? 72   MET A CB    1 
ATOM   524  C  CG    . MET A 1 72  ? 0.915   5.434   -10.192 1.00 10.04 ? 72   MET A CG    1 
ATOM   525  S  SD    . MET A 1 72  ? -0.542  5.106   -11.185 1.00 9.83  ? 72   MET A SD    1 
ATOM   526  C  CE    . MET A 1 72  ? 0.235   4.046   -12.419 1.00 16.20 ? 72   MET A CE    1 
ATOM   527  N  N     . ASP A 1 73  ? -1.105  8.710   -7.808  1.00 7.44  ? 73   ASP A N     1 
ATOM   528  C  CA    . ASP A 1 73  ? -1.432  9.525   -6.655  1.00 6.82  ? 73   ASP A CA    1 
ATOM   529  C  C     . ASP A 1 73  ? -1.401  8.755   -5.350  1.00 6.01  ? 73   ASP A C     1 
ATOM   530  O  O     . ASP A 1 73  ? -1.064  9.311   -4.312  1.00 6.46  ? 73   ASP A O     1 
ATOM   531  C  CB    . ASP A 1 73  ? -2.789  10.169  -6.871  1.00 7.20  ? 73   ASP A CB    1 
ATOM   532  C  CG    . ASP A 1 73  ? -2.831  10.961  -8.145  1.00 9.04  ? 73   ASP A CG    1 
ATOM   533  O  OD1   . ASP A 1 73  ? -1.885  11.775  -8.337  1.00 12.13 ? 73   ASP A OD1   1 
ATOM   534  O  OD2   . ASP A 1 73  ? -3.729  10.831  -8.993  1.00 10.19 ? 73   ASP A OD2   1 
ATOM   535  N  N     . LEU A 1 74  ? -1.773  7.483   -5.416  1.00 6.16  ? 74   LEU A N     1 
ATOM   536  C  CA    . LEU A 1 74  ? -1.764  6.591   -4.261  1.00 6.14  ? 74   LEU A CA    1 
ATOM   537  C  C     . LEU A 1 74  ? -1.178  5.257   -4.688  1.00 6.48  ? 74   LEU A C     1 
ATOM   538  O  O     . LEU A 1 74  ? -1.648  4.676   -5.669  1.00 7.09  ? 74   LEU A O     1 
ATOM   539  C  CB    . LEU A 1 74  ? -3.185  6.376   -3.736  1.00 7.30  ? 74   LEU A CB    1 
ATOM   540  C  CG    . LEU A 1 74  ? -3.347  5.408   -2.551  1.00 7.01  ? 74   LEU A CG    1 
ATOM   541  C  CD1   . LEU A 1 74  ? -2.637  5.878   -1.297  1.00 7.99  ? 74   LEU A CD1   1 
ATOM   542  C  CD2   . LEU A 1 74  ? -4.795  5.197   -2.233  1.00 8.66  ? 74   LEU A CD2   1 
ATOM   543  N  N     . ILE A 1 75  ? -0.175  4.786   -3.969  1.00 6.70  ? 75   ILE A N     1 
ATOM   544  C  CA    . ILE A 1 75  ? 0.362   3.458   -4.173  1.00 6.10  ? 75   ILE A CA    1 
ATOM   545  C  C     . ILE A 1 75  ? 0.147   2.672   -2.896  1.00 6.56  ? 75   ILE A C     1 
ATOM   546  O  O     . ILE A 1 75  ? 0.599   3.079   -1.830  1.00 7.15  ? 75   ILE A O     1 
ATOM   547  C  CB    . ILE A 1 75  ? 1.861   3.449   -4.528  1.00 6.17  ? 75   ILE A CB    1 
ATOM   548  C  CG1   . ILE A 1 75  ? 2.166   4.286   -5.776  1.00 6.67  ? 75   ILE A CG1   1 
ATOM   549  C  CG2   . ILE A 1 75  ? 2.341   2.004   -4.715  1.00 7.77  ? 75   ILE A CG2   1 
ATOM   550  C  CD1   . ILE A 1 75  ? 3.647   4.527   -5.965  1.00 9.02  ? 75   ILE A CD1   1 
ATOM   551  N  N     . LEU A 1 76  ? -0.569  1.560   -2.984  1.00 6.64  ? 76   LEU A N     1 
ATOM   552  C  CA    . LEU A 1 76  ? -0.674  0.613   -1.888  1.00 6.83  ? 76   LEU A CA    1 
ATOM   553  C  C     . LEU A 1 76  ? 0.233   -0.550  -2.209  1.00 8.16  ? 76   LEU A C     1 
ATOM   554  O  O     . LEU A 1 76  ? 0.152   -1.108  -3.303  1.00 8.45  ? 76   LEU A O     1 
ATOM   555  C  CB    . LEU A 1 76  ? -2.107  0.107   -1.714  1.00 7.91  ? 76   LEU A CB    1 
ATOM   556  C  CG    . LEU A 1 76  ? -3.185  1.170   -1.560  1.00 8.89  ? 76   LEU A CG    1 
ATOM   557  C  CD1   . LEU A 1 76  ? -4.555  0.504   -1.356  1.00 10.55 ? 76   LEU A CD1   1 
ATOM   558  C  CD2   . LEU A 1 76  ? -2.900  2.075   -0.402  1.00 9.53  ? 76   LEU A CD2   1 
ATOM   559  N  N     . THR A 1 77  ? 1.111   -0.916  -1.291  1.00 7.11  ? 77   THR A N     1 
ATOM   560  C  CA    . THR A 1 77  ? 1.866   -2.145  -1.433  1.00 6.68  ? 77   THR A CA    1 
ATOM   561  C  C     . THR A 1 77  ? 1.259   -3.192  -0.535  1.00 6.84  ? 77   THR A C     1 
ATOM   562  O  O     . THR A 1 77  ? 0.732   -2.868  0.530   1.00 7.67  ? 77   THR A O     1 
ATOM   563  C  CB    . THR A 1 77  ? 3.369   -1.984  -1.090  1.00 8.07  ? 77   THR A CB    1 
ATOM   564  O  OG1   . THR A 1 77  ? 3.557   -1.759  0.309   1.00 7.77  ? 77   THR A OG1   1 
ATOM   565  C  CG2   . THR A 1 77  ? 3.987   -0.789  -1.808  1.00 8.68  ? 77   THR A CG2   1 
ATOM   566  N  N     . LEU A 1 78  ? 1.351   -4.454  -0.937  1.00 6.34  ? 78   LEU A N     1 
ATOM   567  C  CA    . LEU A 1 78  ? 0.760   -5.567  -0.206  1.00 6.54  ? 78   LEU A CA    1 
ATOM   568  C  C     . LEU A 1 78  ? 1.836   -6.609  0.022   1.00 8.28  ? 78   LEU A C     1 
ATOM   569  O  O     . LEU A 1 78  ? 2.424   -7.134  -0.912  1.00 9.60  ? 78   LEU A O     1 
ATOM   570  C  CB    . LEU A 1 78  ? -0.389  -6.184  -0.994  1.00 8.27  ? 78   LEU A CB    1 
ATOM   571  C  CG    . LEU A 1 78  ? -1.394  -5.251  -1.666  1.00 8.02  ? 78   LEU A CG    1 
ATOM   572  C  CD1   . LEU A 1 78  ? -2.373  -6.044  -2.507  1.00 9.87  ? 78   LEU A CD1   1 
ATOM   573  C  CD2   . LEU A 1 78  ? -2.125  -4.403  -0.658  1.00 13.01 ? 78   LEU A CD2   1 
ATOM   574  N  N     . GLY A 1 79  ? 2.118   -6.902  1.274   1.00 7.18  ? 79   GLY A N     1 
ATOM   575  C  CA    . GLY A 1 79  ? 3.055   -7.943  1.610   1.00 7.69  ? 79   GLY A CA    1 
ATOM   576  C  C     . GLY A 1 79  ? 4.447   -7.468  1.927   1.00 7.56  ? 79   GLY A C     1 
ATOM   577  O  O     . GLY A 1 79  ? 4.843   -6.341  1.661   1.00 7.97  ? 79   GLY A O     1 
ATOM   578  N  N     . GLY A 1 80  ? 5.202   -8.380  2.516   1.00 7.78  ? 80   GLY A N     1 
ATOM   579  C  CA    . GLY A 1 80  ? 6.590   -8.124  2.841   1.00 8.31  ? 80   GLY A CA    1 
ATOM   580  C  C     . GLY A 1 80  ? 6.784   -7.205  4.021   1.00 7.81  ? 80   GLY A C     1 
ATOM   581  O  O     . GLY A 1 80  ? 7.835   -6.606  4.142   1.00 8.04  ? 80   GLY A O     1 
ATOM   582  N  N     . THR A 1 81  ? 5.793   -7.118  4.919   1.00 6.55  ? 81   THR A N     1 
ATOM   583  C  CA    . THR A 1 81  ? 5.919   -6.245  6.078   1.00 8.14  ? 81   THR A CA    1 
ATOM   584  C  C     . THR A 1 81  ? 6.259   -6.941  7.368   1.00 8.87  ? 81   THR A C     1 
ATOM   585  O  O     . THR A 1 81  ? 6.500   -6.251  8.349   1.00 10.24 ? 81   THR A O     1 
ATOM   586  C  CB    . THR A 1 81  ? 4.675   -5.390  6.336   1.00 8.85  ? 81   THR A CB    1 
ATOM   587  O  OG1   . THR A 1 81  ? 3.614   -6.215  6.805   1.00 11.93 ? 81   THR A OG1   1 
ATOM   588  C  CG2   . THR A 1 81  ? 4.171   -4.690  5.073   1.00 10.79 ? 81   THR A CG2   1 
ATOM   589  N  N     . GLY A 1 82  ? 6.324   -8.262  7.378   1.00 7.59  ? 82   GLY A N     1 
ATOM   590  C  CA    . GLY A 1 82  ? 6.510   -9.014  8.606   1.00 7.98  ? 82   GLY A CA    1 
ATOM   591  C  C     . GLY A 1 82  ? 7.941   -9.186  9.044   1.00 7.52  ? 82   GLY A C     1 
ATOM   592  O  O     . GLY A 1 82  ? 8.844   -8.415  8.697   1.00 6.94  ? 82   GLY A O     1 
ATOM   593  N  N     . PHE A 1 83  ? 8.149   -10.213 9.858   1.00 6.76  ? 83   PHE A N     1 
ATOM   594  C  CA    . PHE A 1 83  ? 9.387   -10.393 10.615  1.00 6.90  ? 83   PHE A CA    1 
ATOM   595  C  C     . PHE A 1 83  ? 10.359  -11.371 9.951   1.00 9.17  ? 83   PHE A C     1 
ATOM   596  O  O     . PHE A 1 83  ? 11.453  -11.576 10.473  1.00 10.78 ? 83   PHE A O     1 
ATOM   597  C  CB    . PHE A 1 83  ? 9.083   -10.874 12.036  1.00 6.85  ? 83   PHE A CB    1 
ATOM   598  C  CG    . PHE A 1 83  ? 8.733   -9.785  13.029  1.00 6.11  ? 83   PHE A CG    1 
ATOM   599  C  CD1   . PHE A 1 83  ? 7.931   -8.699  12.683  1.00 7.56  ? 83   PHE A CD1   1 
ATOM   600  C  CD2   . PHE A 1 83  ? 9.167   -9.888  14.332  1.00 7.13  ? 83   PHE A CD2   1 
ATOM   601  C  CE1   . PHE A 1 83  ? 7.612   -7.736  13.639  1.00 6.99  ? 83   PHE A CE1   1 
ATOM   602  C  CE2   . PHE A 1 83  ? 8.831   -8.922  15.267  1.00 7.23  ? 83   PHE A CE2   1 
ATOM   603  C  CZ    . PHE A 1 83  ? 8.050   -7.861  14.919  1.00 7.03  ? 83   PHE A CZ    1 
ATOM   604  N  N     . THR A 1 84  ? 9.999   -11.967 8.824   1.00 8.15  ? 84   THR A N     1 
ATOM   605  C  CA    . THR A 1 84  ? 10.900  -12.933 8.202   1.00 7.08  ? 84   THR A CA    1 
ATOM   606  C  C     . THR A 1 84  ? 12.032  -12.205 7.501   1.00 7.53  ? 84   THR A C     1 
ATOM   607  O  O     . THR A 1 84  ? 11.902  -11.039 7.138   1.00 7.93  ? 84   THR A O     1 
ATOM   608  C  CB    . THR A 1 84  ? 10.197  -13.888 7.219   1.00 8.50  ? 84   THR A CB    1 
ATOM   609  O  OG1   . THR A 1 84  ? 9.836   -13.196 6.016   1.00 11.53 ? 84   THR A OG1   1 
ATOM   610  C  CG2   . THR A 1 84  ? 8.903   -14.460 7.800   1.00 10.51 ? 84   THR A CG2   1 
ATOM   611  N  N     . PRO A 1 85  ? 13.145  -12.888 7.270   1.00 8.32  ? 85   PRO A N     1 
ATOM   612  C  CA    . PRO A 1 85  ? 14.279  -12.235 6.629   1.00 10.05 ? 85   PRO A CA    1 
ATOM   613  C  C     . PRO A 1 85  ? 13.971  -11.638 5.281   1.00 10.67 ? 85   PRO A C     1 
ATOM   614  O  O     . PRO A 1 85  ? 14.594  -10.656 4.927   1.00 12.77 ? 85   PRO A O     1 
ATOM   615  C  CB    . PRO A 1 85  ? 15.319  -13.358 6.517   1.00 11.73 ? 85   PRO A CB    1 
ATOM   616  C  CG    . PRO A 1 85  ? 14.966  -14.317 7.533   1.00 10.79 ? 85   PRO A CG    1 
ATOM   617  C  CD    . PRO A 1 85  ? 13.473  -14.246 7.720   1.00 10.03 ? 85   PRO A CD    1 
ATOM   618  N  N     . ARG A 1 86  ? 13.016  -12.199 4.561   1.00 9.22  ? 86   ARG A N     1 
ATOM   619  C  CA    . ARG A 1 86  ? 12.703  -11.719 3.218   1.00 11.87 ? 86   ARG A CA    1 
ATOM   620  C  C     . ARG A 1 86  ? 11.649  -10.626 3.206   1.00 13.06 ? 86   ARG A C     1 
ATOM   621  O  O     . ARG A 1 86  ? 11.318  -10.114 2.140   1.00 17.91 ? 86   ARG A O     1 
ATOM   622  C  CB    . ARG A 1 86  ? 12.240  -12.862 2.317   1.00 17.85 ? 86   ARG A CB    1 
ATOM   623  C  CG    . ARG A 1 86  ? 13.268  -13.986 2.206   1.00 28.43 ? 86   ARG A CG    1 
ATOM   624  C  CD    . ARG A 1 86  ? 13.971  -14.091 0.866   1.00 37.78 ? 86   ARG A CD    1 
ATOM   625  N  NE    . ARG A 1 86  ? 15.021  -13.075 0.693   1.00 45.27 ? 86   ARG A NE    1 
ATOM   626  C  CZ    . ARG A 1 86  ? 16.098  -13.207 -0.095  1.00 50.63 ? 86   ARG A CZ    1 
ATOM   627  N  NH1   . ARG A 1 86  ? 16.298  -14.314 -0.813  1.00 52.68 ? 86   ARG A NH1   1 
ATOM   628  N  NH2   . ARG A 1 86  ? 16.985  -12.219 -0.177  1.00 52.98 ? 86   ARG A NH2   1 
ATOM   629  N  N     . ASP A 1 87  ? 11.131  -10.237 4.370   1.00 8.59  ? 87   ASP A N     1 
ATOM   630  C  CA    . ASP A 1 87  ? 10.168  -9.132  4.453   1.00 8.47  ? 87   ASP A CA    1 
ATOM   631  C  C     . ASP A 1 87  ? 10.910  -7.799  4.472   1.00 7.94  ? 87   ASP A C     1 
ATOM   632  O  O     . ASP A 1 87  ? 11.392  -7.374  5.515   1.00 8.28  ? 87   ASP A O     1 
ATOM   633  C  CB    . ASP A 1 87  ? 9.323   -9.248  5.713   1.00 7.82  ? 87   ASP A CB    1 
ATOM   634  C  CG    . ASP A 1 87  ? 8.356   -10.384 5.678   1.00 10.95 ? 87   ASP A CG    1 
ATOM   635  O  OD1   . ASP A 1 87  ? 7.719   -10.639 4.640   1.00 14.52 ? 87   ASP A OD1   1 
ATOM   636  O  OD2   . ASP A 1 87  ? 8.131   -11.088 6.670   1.00 11.19 ? 87   ASP A OD2   1 
ATOM   637  N  N     . VAL A 1 88  ? 11.051  -7.172  3.314   1.00 8.31  ? 88   VAL A N     1 
ATOM   638  C  CA    . VAL A 1 88  ? 11.848  -5.966  3.148   1.00 9.74  ? 88   VAL A CA    1 
ATOM   639  C  C     . VAL A 1 88  ? 11.085  -4.778  2.565   1.00 8.28  ? 88   VAL A C     1 
ATOM   640  O  O     . VAL A 1 88  ? 11.667  -3.759  2.239   1.00 7.71  ? 88   VAL A O     1 
ATOM   641  C  CB    . VAL A 1 88  ? 13.093  -6.261  2.297   1.00 10.15 ? 88   VAL A CB    1 
ATOM   642  C  CG1   . VAL A 1 88  ? 13.982  -7.270  3.032   1.00 13.98 ? 88   VAL A CG1   1 
ATOM   643  C  CG2   . VAL A 1 88  ? 12.741  -6.745  0.920   1.00 10.59 ? 88   VAL A CG2   1 
ATOM   644  N  N     . THR A 1 89  ? 9.765   -4.892  2.462   1.00 7.52  ? 89   THR A N     1 
ATOM   645  C  CA    . THR A 1 89  ? 8.977   -3.801  1.888   1.00 6.37  ? 89   THR A CA    1 
ATOM   646  C  C     . THR A 1 89  ? 9.133   -2.494  2.642   1.00 7.04  ? 89   THR A C     1 
ATOM   647  O  O     . THR A 1 89  ? 9.290   -1.455  2.008   1.00 7.64  ? 89   THR A O     1 
ATOM   648  C  CB    . THR A 1 89  ? 7.514   -4.192  1.755   1.00 6.48  ? 89   THR A CB    1 
ATOM   649  O  OG1   . THR A 1 89  ? 7.433   -5.378  0.958   1.00 8.06  ? 89   THR A OG1   1 
ATOM   650  C  CG2   . THR A 1 89  ? 6.723   -3.122  1.059   1.00 9.00  ? 89   THR A CG2   1 
ATOM   651  N  N     . PRO A 1 90  ? 9.108   -2.496  3.982   1.00 6.48  ? 90   PRO A N     1 
ATOM   652  C  CA    . PRO A 1 90  ? 9.234   -1.209  4.679   1.00 6.67  ? 90   PRO A CA    1 
ATOM   653  C  C     . PRO A 1 90  ? 10.571  -0.542  4.436   1.00 6.62  ? 90   PRO A C     1 
ATOM   654  O  O     . PRO A 1 90  ? 10.613  0.688   4.311   1.00 8.59  ? 90   PRO A O     1 
ATOM   655  C  CB    . PRO A 1 90  ? 9.008   -1.572  6.154   1.00 8.01  ? 90   PRO A CB    1 
ATOM   656  C  CG    . PRO A 1 90  ? 8.220   -2.878  6.107   1.00 7.54  ? 90   PRO A CG    1 
ATOM   657  C  CD    . PRO A 1 90  ? 8.831   -3.595  4.937   1.00 7.68  ? 90   PRO A CD    1 
ATOM   658  N  N     . GLU A 1 91  ? 11.628  -1.332  4.345   1.00 7.19  ? 91   GLU A N     1 
ATOM   659  C  CA    . GLU A 1 91  ? 12.950  -0.771  4.147   1.00 8.37  ? 91   GLU A CA    1 
ATOM   660  C  C     . GLU A 1 91  ? 13.061  -0.147  2.757   1.00 8.51  ? 91   GLU A C     1 
ATOM   661  O  O     . GLU A 1 91  ? 13.601  0.943   2.611   1.00 10.03 ? 91   GLU A O     1 
ATOM   662  C  CB    . GLU A 1 91  ? 14.012  -1.822  4.348   1.00 8.77  ? 91   GLU A CB    1 
ATOM   663  C  CG    . GLU A 1 91  ? 14.252  -2.180  5.812   1.00 10.45 ? 91   GLU A CG    1 
ATOM   664  C  CD    . GLU A 1 91  ? 13.068  -2.859  6.471   1.00 12.18 ? 91   GLU A CD    1 
ATOM   665  O  OE1   . GLU A 1 91  ? 12.733  -2.448  7.608   1.00 12.89 ? 91   GLU A OE1   1 
ATOM   666  O  OE2   . GLU A 1 91  ? 12.453  -3.777  5.851   1.00 10.85 ? 91   GLU A OE2   1 
ATOM   667  N  N     . ALA A 1 92  ? 12.506  -0.784  1.739   1.00 8.50  ? 92   ALA A N     1 
ATOM   668  C  CA    . ALA A 1 92  ? 12.481  -0.206  0.406   1.00 8.80  ? 92   ALA A CA    1 
ATOM   669  C  C     . ALA A 1 92  ? 11.668  1.077   0.387   1.00 9.08  ? 92   ALA A C     1 
ATOM   670  O  O     . ALA A 1 92  ? 12.031  2.068   -0.246  1.00 9.88  ? 92   ALA A O     1 
ATOM   671  C  CB    . ALA A 1 92  ? 11.877  -1.208  -0.585  1.00 9.76  ? 92   ALA A CB    1 
ATOM   672  N  N     . THR A 1 93  ? 10.532  1.053   1.067   1.00 8.08  ? 93   THR A N     1 
ATOM   673  C  CA    . THR A 1 93  ? 9.625   2.187   1.120   1.00 8.66  ? 93   THR A CA    1 
ATOM   674  C  C     . THR A 1 93  ? 10.262  3.389   1.786   1.00 8.83  ? 93   THR A C     1 
ATOM   675  O  O     . THR A 1 93  ? 10.128  4.526   1.316   1.00 8.22  ? 93   THR A O     1 
ATOM   676  C  CB    . THR A 1 93  ? 8.329   1.756   1.819   1.00 7.79  ? 93   THR A CB    1 
ATOM   677  O  OG1   . THR A 1 93  ? 7.738   0.671   1.069   1.00 8.34  ? 93   THR A OG1   1 
ATOM   678  C  CG2   . THR A 1 93  ? 7.290   2.868   1.844   1.00 10.24 ? 93   THR A CG2   1 
ATOM   679  N  N     . LYS A 1 94  ? 10.938  3.159   2.910   1.00 8.42  ? 94   LYS A N     1 
ATOM   680  C  CA    . LYS A 1 94  ? 11.596  4.240   3.635   1.00 9.58  ? 94   LYS A CA    1 
ATOM   681  C  C     . LYS A 1 94  ? 12.650  4.934   2.791   1.00 9.81  ? 94   LYS A C     1 
ATOM   682  O  O     . LYS A 1 94  ? 12.848  6.147   2.937   1.00 13.10 ? 94   LYS A O     1 
ATOM   683  C  CB    . LYS A 1 94  ? 12.220  3.718   4.926   1.00 9.92  ? 94   LYS A CB    1 
ATOM   684  C  CG    . LYS A 1 94  ? 11.216  3.317   5.954   1.00 12.99 ? 94   LYS A CG    1 
ATOM   685  C  CD    . LYS A 1 94  ? 11.887  2.596   7.122   1.00 14.97 ? 94   LYS A CD    1 
ATOM   686  C  CE    . LYS A 1 94  ? 10.831  1.982   8.012   1.00 20.44 ? 94   LYS A CE    1 
ATOM   687  N  NZ    . LYS A 1 94  ? 11.428  1.262   9.166   1.00 23.92 ? 94   LYS A NZ    1 
ATOM   688  N  N     . LYS A 1 95  ? 13.296  4.201   1.896   1.00 9.80  ? 95   LYS A N     1 
ATOM   689  C  CA    . LYS A 1 95  ? 14.257  4.798   0.981   1.00 11.03 ? 95   LYS A CA    1 
ATOM   690  C  C     . LYS A 1 95  ? 13.610  5.774   0.012   1.00 11.98 ? 95   LYS A C     1 
ATOM   691  O  O     . LYS A 1 95  ? 14.212  6.799   -0.312  1.00 17.15 ? 95   LYS A O     1 
ATOM   692  C  CB    . LYS A 1 95  ? 15.029  3.722   0.209   1.00 13.85 ? 95   LYS A CB    1 
ATOM   693  C  CG    . LYS A 1 95  ? 16.005  2.936   1.058   1.00 18.72 ? 95   LYS A CG    1 
ATOM   694  C  CD    . LYS A 1 95  ? 16.533  1.715   0.312   1.00 27.10 ? 95   LYS A CD    1 
ATOM   695  C  CE    . LYS A 1 95  ? 17.453  0.866   1.164   1.00 31.11 ? 95   LYS A CE    1 
ATOM   696  N  NZ    . LYS A 1 95  ? 18.366  0.066   0.308   1.00 33.12 ? 95   LYS A NZ    1 
ATOM   697  N  N     . VAL A 1 96  ? 12.393  5.497   -0.441  1.00 8.42  ? 96   VAL A N     1 
ATOM   698  C  CA    . VAL A 1 96  ? 11.779  6.292   -1.503  1.00 10.21 ? 96   VAL A CA    1 
ATOM   699  C  C     . VAL A 1 96  ? 10.920  7.440   -1.005  1.00 10.36 ? 96   VAL A C     1 
ATOM   700  O  O     . VAL A 1 96  ? 10.812  8.445   -1.655  1.00 9.09  ? 96   VAL A O     1 
ATOM   701  C  CB    . VAL A 1 96  ? 10.977  5.424   -2.476  1.00 14.03 ? 96   VAL A CB    1 
ATOM   702  C  CG1   . VAL A 1 96  ? 11.816  4.262   -3.000  1.00 12.52 ? 96   VAL A CG1   1 
ATOM   703  C  CG2   . VAL A 1 96  ? 9.768   4.914   -1.878  1.00 15.78 ? 96   VAL A CG2   1 
ATOM   704  N  N     . ILE A 1 97  ? 10.335  7.319   0.169   1.00 8.84  ? 97   ILE A N     1 
ATOM   705  C  CA    . ILE A 1 97  ? 9.493   8.383   0.676   1.00 8.83  ? 97   ILE A CA    1 
ATOM   706  C  C     . ILE A 1 97  ? 10.346  9.546   1.131   1.00 9.43  ? 97   ILE A C     1 
ATOM   707  O  O     . ILE A 1 97  ? 11.489  9.387   1.568   1.00 10.88 ? 97   ILE A O     1 
ATOM   708  C  CB    . ILE A 1 97  ? 8.544   7.922   1.782   1.00 11.12 ? 97   ILE A CB    1 
ATOM   709  C  CG1   . ILE A 1 97  ? 9.318   7.414   2.986   1.00 10.89 ? 97   ILE A CG1   1 
ATOM   710  C  CG2   . ILE A 1 97  ? 7.554   6.887   1.242   1.00 11.32 ? 97   ILE A CG2   1 
ATOM   711  C  CD1   . ILE A 1 97  ? 8.460   6.991   4.140   1.00 15.98 ? 97   ILE A CD1   1 
ATOM   712  N  N     . GLU A 1 98  ? 9.762   10.728  0.995   1.00 7.98  ? 98   GLU A N     1 
ATOM   713  C  CA    . GLU A 1 98  ? 10.393  11.976  1.359   1.00 7.32  ? 98   GLU A CA    1 
ATOM   714  C  C     . GLU A 1 98  ? 9.887   12.511  2.692   1.00 9.05  ? 98   GLU A C     1 
ATOM   715  O  O     . GLU A 1 98  ? 10.662  13.121  3.460   1.00 11.94 ? 98   GLU A O     1 
ATOM   716  C  CB    . GLU A 1 98  ? 10.164  13.014  0.250   1.00 8.96  ? 98   GLU A CB    1 
ATOM   717  C  CG    . GLU A 1 98  ? 10.782  12.646  -1.094  1.00 8.47  ? 98   GLU A CG    1 
ATOM   718  C  CD    . GLU A 1 98  ? 10.232  13.426  -2.279  1.00 12.94 ? 98   GLU A CD    1 
ATOM   719  O  OE1   . GLU A 1 98  ? 9.209   14.146  -2.157  1.00 13.19 ? 98   GLU A OE1   1 
ATOM   720  O  OE2   . GLU A 1 98  ? 10.853  13.305  -3.348  1.00 16.88 ? 98   GLU A OE2   1 
ATOM   721  N  N     . ARG A 1 99  ? 8.602   12.319  2.956   1.00 9.39  ? 99   ARG A N     1 
ATOM   722  C  CA    . ARG A 1 99  ? 7.943   12.827  4.159   1.00 9.42  ? 99   ARG A CA    1 
ATOM   723  C  C     . ARG A 1 99  ? 7.100   11.711  4.778   1.00 8.77  ? 99   ARG A C     1 
ATOM   724  O  O     . ARG A 1 99  ? 6.170   11.221  4.163   1.00 11.19 ? 99   ARG A O     1 
ATOM   725  C  CB    . ARG A 1 99  ? 7.077   14.030  3.820   1.00 12.19 ? 99   ARG A CB    1 
ATOM   726  C  CG    . ARG A 1 99  ? 7.898   15.244  3.366   1.00 13.21 ? 99   ARG A CG    1 
ATOM   727  C  CD    . ARG A 1 99  ? 7.070   16.512  3.200   1.00 16.02 ? 99   ARG A CD    1 
ATOM   728  N  NE    . ARG A 1 99  ? 6.091   16.375  2.116   1.00 17.17 ? 99   ARG A NE    1 
ATOM   729  C  CZ    . ARG A 1 99  ? 4.824   16.777  2.165   1.00 20.50 ? 99   ARG A CZ    1 
ATOM   730  N  NH1   . ARG A 1 99  ? 4.310   17.345  3.265   1.00 16.25 ? 99   ARG A NH1   1 
ATOM   731  N  NH2   . ARG A 1 99  ? 4.039   16.595  1.097   1.00 20.39 ? 99   ARG A NH2   1 
ATOM   732  N  N     . GLU A 1 100 ? 7.418   11.300  5.990   1.00 7.30  ? 100  GLU A N     1 
ATOM   733  C  CA    . GLU A 1 100 ? 6.721   10.203  6.634   1.00 8.20  ? 100  GLU A CA    1 
ATOM   734  C  C     . GLU A 1 100 ? 5.322   10.610  7.099   1.00 6.85  ? 100  GLU A C     1 
ATOM   735  O  O     . GLU A 1 100 ? 5.085   11.750  7.478   1.00 8.40  ? 100  GLU A O     1 
ATOM   736  C  CB    . GLU A 1 100 ? 7.504   9.744   7.863   1.00 9.89  ? 100  GLU A CB    1 
ATOM   737  C  CG    . GLU A 1 100 ? 8.910   9.246   7.589   1.00 16.73 ? 100  GLU A CG    1 
ATOM   738  C  CD    . GLU A 1 100 ? 9.657   8.932   8.885   1.00 23.24 ? 100  GLU A CD    1 
ATOM   739  O  OE1   . GLU A 1 100 ? 9.857   9.846   9.726   1.00 30.75 ? 100  GLU A OE1   1 
ATOM   740  O  OE2   . GLU A 1 100 ? 10.020  7.763   9.079   1.00 35.86 ? 100  GLU A OE2   1 
ATOM   741  N  N     . THR A 1 101 ? 4.418   9.647   7.098   1.00 7.24  ? 101  THR A N     1 
ATOM   742  C  CA    . THR A 1 101 ? 3.015   9.865   7.496   1.00 5.85  ? 101  THR A CA    1 
ATOM   743  C  C     . THR A 1 101 ? 2.625   8.900   8.620   1.00 5.90  ? 101  THR A C     1 
ATOM   744  O  O     . THR A 1 101 ? 1.852   7.935   8.403   1.00 7.93  ? 101  THR A O     1 
ATOM   745  C  CB    . THR A 1 101 ? 2.067   9.744   6.299   1.00 6.90  ? 101  THR A CB    1 
ATOM   746  O  OG1   . THR A 1 101 ? 2.232   8.464   5.669   1.00 7.31  ? 101  THR A OG1   1 
ATOM   747  C  CG2   . THR A 1 101 ? 2.328   10.792  5.236   1.00 7.65  ? 101  THR A CG2   1 
ATOM   748  N  N     . PRO A 1 102 ? 3.159   9.111   9.807   1.00 6.01  ? 102  PRO A N     1 
ATOM   749  C  CA    . PRO A 1 102 ? 2.984   8.132   10.880  1.00 6.86  ? 102  PRO A CA    1 
ATOM   750  C  C     . PRO A 1 102 ? 1.554   7.963   11.347  1.00 8.29  ? 102  PRO A C     1 
ATOM   751  O  O     . PRO A 1 102 ? 1.252   6.904   11.901  1.00 8.76  ? 102  PRO A O     1 
ATOM   752  C  CB    . PRO A 1 102 ? 3.847   8.688   12.012  1.00 9.14  ? 102  PRO A CB    1 
ATOM   753  C  CG    . PRO A 1 102 ? 3.913   10.176  11.721  1.00 10.29 ? 102  PRO A CG    1 
ATOM   754  C  CD    . PRO A 1 102 ? 4.012   10.234  10.223  1.00 6.91  ? 102  PRO A CD    1 
ATOM   755  N  N     . GLY A 1 103 ? 0.698   8.970   11.195  1.00 6.14  ? 103  GLY A N     1 
ATOM   756  C  CA    . GLY A 1 103 ? -0.684  8.826   11.635  1.00 7.43  ? 103  GLY A CA    1 
ATOM   757  C  C     . GLY A 1 103 ? -1.425  7.742   10.884  1.00 7.88  ? 103  GLY A C     1 
ATOM   758  O  O     . GLY A 1 103 ? -2.324  7.089   11.427  1.00 8.00  ? 103  GLY A O     1 
ATOM   759  N  N     . LEU A 1 104 ? -1.069  7.534   9.626   1.00 7.15  ? 104  LEU A N     1 
ATOM   760  C  CA    . LEU A 1 104 ? -1.713  6.492   8.840   1.00 7.21  ? 104  LEU A CA    1 
ATOM   761  C  C     . LEU A 1 104 ? -1.342  5.124   9.403   1.00 8.29  ? 104  LEU A C     1 
ATOM   762  O  O     . LEU A 1 104 ? -2.174  4.236   9.512   1.00 9.15  ? 104  LEU A O     1 
ATOM   763  C  CB    . LEU A 1 104 ? -1.294  6.582   7.369   1.00 9.01  ? 104  LEU A CB    1 
ATOM   764  C  CG    . LEU A 1 104 ? -1.600  7.896   6.692   1.00 9.69  ? 104  LEU A CG    1 
ATOM   765  C  CD1   . LEU A 1 104 ? -1.303  7.765   5.187   1.00 9.64  ? 104  LEU A CD1   1 
ATOM   766  C  CD2   . LEU A 1 104 ? -3.015  8.364   6.909   1.00 11.47 ? 104  LEU A CD2   1 
ATOM   767  N  N     . LEU A 1 105 ? -0.084  4.972   9.787   1.00 7.62  ? 105  LEU A N     1 
ATOM   768  C  CA    . LEU A 1 105 ? 0.399   3.730   10.408  1.00 7.74  ? 105  LEU A CA    1 
ATOM   769  C  C     . LEU A 1 105 ? -0.244  3.509   11.760  1.00 7.57  ? 105  LEU A C     1 
ATOM   770  O  O     . LEU A 1 105 ? -0.594  2.385   12.114  1.00 7.68  ? 105  LEU A O     1 
ATOM   771  C  CB    . LEU A 1 105 ? 1.908   3.762   10.556  1.00 7.58  ? 105  LEU A CB    1 
ATOM   772  C  CG    . LEU A 1 105 ? 2.686   3.958   9.248   1.00 9.09  ? 105  LEU A CG    1 
ATOM   773  C  CD1   . LEU A 1 105 ? 4.144   4.111   9.543   1.00 9.27  ? 105  LEU A CD1   1 
ATOM   774  C  CD2   . LEU A 1 105 ? 2.392   2.807   8.300   1.00 9.18  ? 105  LEU A CD2   1 
ATOM   775  N  N     . PHE A 1 106 ? -0.430  4.588   12.513  1.00 7.93  ? 106  PHE A N     1 
ATOM   776  C  CA    . PHE A 1 106 ? -1.062  4.523   13.824  1.00 6.06  ? 106  PHE A CA    1 
ATOM   777  C  C     . PHE A 1 106 ? -2.469  3.963   13.683  1.00 7.88  ? 106  PHE A C     1 
ATOM   778  O  O     . PHE A 1 106 ? -2.853  3.009   14.383  1.00 7.12  ? 106  PHE A O     1 
ATOM   779  C  CB    . PHE A 1 106 ? -1.077  5.903   14.501  1.00 6.01  ? 106  PHE A CB    1 
ATOM   780  C  CG    . PHE A 1 106 ? -1.613  5.873   15.908  1.00 6.31  ? 106  PHE A CG    1 
ATOM   781  C  CD1   . PHE A 1 106 ? -0.774  6.003   17.005  1.00 7.62  ? 106  PHE A CD1   1 
ATOM   782  C  CD2   . PHE A 1 106 ? -2.979  5.714   16.137  1.00 6.41  ? 106  PHE A CD2   1 
ATOM   783  C  CE1   . PHE A 1 106 ? -1.277  5.939   18.280  1.00 7.46  ? 106  PHE A CE1   1 
ATOM   784  C  CE2   . PHE A 1 106 ? -3.477  5.671   17.428  1.00 7.67  ? 106  PHE A CE2   1 
ATOM   785  C  CZ    . PHE A 1 106 ? -2.624  5.777   18.479  1.00 7.71  ? 106  PHE A CZ    1 
ATOM   786  N  N     . VAL A 1 107 ? -3.256  4.520   12.774  1.00 7.47  ? 107  VAL A N     1 
ATOM   787  C  CA    A VAL A 1 107 ? -4.646  4.109   12.638  0.50 7.81  ? 107  VAL A CA    1 
ATOM   788  C  CA    B VAL A 1 107 ? -4.652  4.086   12.677  0.50 8.61  ? 107  VAL A CA    1 
ATOM   789  C  C     . VAL A 1 107 ? -4.749  2.663   12.139  1.00 7.35  ? 107  VAL A C     1 
ATOM   790  O  O     . VAL A 1 107 ? -5.580  1.904   12.610  1.00 7.89  ? 107  VAL A O     1 
ATOM   791  C  CB    A VAL A 1 107 ? -5.402  5.089   11.723  0.50 8.54  ? 107  VAL A CB    1 
ATOM   792  C  CB    B VAL A 1 107 ? -5.572  5.049   11.869  0.50 11.04 ? 107  VAL A CB    1 
ATOM   793  C  CG1   A VAL A 1 107 ? -6.678  4.473   11.181  0.50 10.30 ? 107  VAL A CG1   1 
ATOM   794  C  CG1   B VAL A 1 107 ? -5.541  6.435   12.451  0.50 12.21 ? 107  VAL A CG1   1 
ATOM   795  C  CG2   A VAL A 1 107 ? -5.723  6.343   12.483  0.50 7.53  ? 107  VAL A CG2   1 
ATOM   796  C  CG2   B VAL A 1 107 ? -5.235  5.062   10.388  0.50 10.44 ? 107  VAL A CG2   1 
ATOM   797  N  N     . MET A 1 108 ? -3.907  2.288   11.178  1.00 8.20  ? 108  MET A N     1 
ATOM   798  C  CA    . MET A 1 108 ? -3.910  0.905   10.669  1.00 8.20  ? 108  MET A CA    1 
ATOM   799  C  C     . MET A 1 108 ? -3.593  -0.081  11.787  1.00 7.62  ? 108  MET A C     1 
ATOM   800  O  O     . MET A 1 108 ? -4.257  -1.095  11.943  1.00 8.82  ? 108  MET A O     1 
ATOM   801  C  CB    . MET A 1 108 ? -2.926  0.748   9.503   1.00 9.70  ? 108  MET A CB    1 
ATOM   802  C  CG    . MET A 1 108 ? -3.417  1.406   8.220   1.00 9.78  ? 108  MET A CG    1 
ATOM   803  S  SD    . MET A 1 108 ? -2.441  0.911   6.778   1.00 14.09 ? 108  MET A SD    1 
ATOM   804  C  CE    . MET A 1 108 ? -0.947  1.632   7.222   1.00 11.21 ? 108  MET A CE    1 
ATOM   805  N  N     . MET A 1 109 ? -2.610  0.248   12.609  1.00 7.61  ? 109  MET A N     1 
ATOM   806  C  CA    . MET A 1 109 ? -2.218  -0.628  13.714  1.00 6.97  ? 109  MET A CA    1 
ATOM   807  C  C     . MET A 1 109 ? -3.306  -0.692  14.782  1.00 7.29  ? 109  MET A C     1 
ATOM   808  O  O     . MET A 1 109 ? -3.679  -1.767  15.272  1.00 7.94  ? 109  MET A O     1 
ATOM   809  C  CB    . MET A 1 109 ? -0.897  -0.151  14.320  1.00 7.71  ? 109  MET A CB    1 
ATOM   810  C  CG    . MET A 1 109 ? -0.312  -1.067  15.381  1.00 7.67  ? 109  MET A CG    1 
ATOM   811  S  SD    . MET A 1 109 ? 0.058   -2.753  14.824  1.00 9.22  ? 109  MET A SD    1 
ATOM   812  C  CE    . MET A 1 109 ? 1.353   -2.438  13.624  1.00 9.74  ? 109  MET A CE    1 
ATOM   813  N  N     . GLN A 1 110 ? -3.822  0.470   15.166  1.00 7.39  ? 110  GLN A N     1 
ATOM   814  C  CA    . GLN A 1 110 ? -4.857  0.547   16.178  1.00 6.23  ? 110  GLN A CA    1 
ATOM   815  C  C     . GLN A 1 110 ? -6.069  -0.294  15.788  1.00 6.59  ? 110  GLN A C     1 
ATOM   816  O  O     . GLN A 1 110 ? -6.599  -1.056  16.608  1.00 7.17  ? 110  GLN A O     1 
ATOM   817  C  CB    . GLN A 1 110 ? -5.266  2.004   16.367  1.00 8.11  ? 110  GLN A CB    1 
ATOM   818  C  CG    . GLN A 1 110 ? -6.262  2.250   17.455  1.00 10.37 ? 110  GLN A CG    1 
ATOM   819  C  CD    . GLN A 1 110 ? -6.700  3.711   17.502  1.00 8.99  ? 110  GLN A CD    1 
ATOM   820  O  OE1   . GLN A 1 110 ? -7.098  4.271   16.471  1.00 14.82 ? 110  GLN A OE1   1 
ATOM   821  N  NE2   . GLN A 1 110 ? -6.598  4.318   18.655  1.00 10.53 ? 110  GLN A NE2   1 
ATOM   822  N  N     . GLU A 1 111 ? -6.505  -0.161  14.549  1.00 8.46  ? 111  GLU A N     1 
ATOM   823  C  CA    . GLU A 1 111 ? -7.686  -0.897  14.109  1.00 9.69  ? 111  GLU A CA    1 
ATOM   824  C  C     . GLU A 1 111 ? -7.400  -2.377  13.889  1.00 9.37  ? 111  GLU A C     1 
ATOM   825  O  O     . GLU A 1 111 ? -8.221  -3.239  14.255  1.00 10.86 ? 111  GLU A O     1 
ATOM   826  C  CB    . GLU A 1 111 ? -8.307  -0.232  12.873  1.00 11.45 ? 111  GLU A CB    1 
ATOM   827  C  CG    . GLU A 1 111 ? -8.831  1.190   13.137  1.00 14.00 ? 111  GLU A CG    1 
ATOM   828  C  CD    . GLU A 1 111 ? -9.981  1.285   14.133  1.00 20.76 ? 111  GLU A CD    1 
ATOM   829  O  OE1   . GLU A 1 111 ? -10.838 0.385   14.157  1.00 21.75 ? 111  GLU A OE1   1 
ATOM   830  O  OE2   . GLU A 1 111 ? -10.035 2.277   14.887  1.00 26.37 ? 111  GLU A OE2   1 
ATOM   831  N  N     . SER A 1 112 ? -6.242  -2.695  13.322  1.00 10.28 ? 112  SER A N     1 
ATOM   832  C  CA    . SER A 1 112 ? -5.844  -4.083  13.073  1.00 10.53 ? 112  SER A CA    1 
ATOM   833  C  C     . SER A 1 112 ? -5.712  -4.875  14.372  1.00 9.78  ? 112  SER A C     1 
ATOM   834  O  O     . SER A 1 112 ? -6.079  -6.042  14.430  1.00 10.14 ? 112  SER A O     1 
ATOM   835  C  CB    . SER A 1 112 ? -4.550  -4.152  12.263  1.00 11.84 ? 112  SER A CB    1 
ATOM   836  O  OG    . SER A 1 112 ? -4.739  -3.592  10.974  1.00 15.84 ? 112  SER A OG    1 
ATOM   837  N  N     . LEU A 1 113 ? -5.238  -4.246  15.436  1.00 8.03  ? 113  LEU A N     1 
ATOM   838  C  CA    . LEU A 1 113 ? -5.071  -4.947  16.707  1.00 7.87  ? 113  LEU A CA    1 
ATOM   839  C  C     . LEU A 1 113 ? -6.402  -5.367  17.319  1.00 10.07 ? 113  LEU A C     1 
ATOM   840  O  O     . LEU A 1 113 ? -6.443  -6.283  18.148  1.00 11.94 ? 113  LEU A O     1 
ATOM   841  C  CB    . LEU A 1 113 ? -4.294  -4.069  17.690  1.00 8.43  ? 113  LEU A CB    1 
ATOM   842  C  CG    . LEU A 1 113 ? -2.787  -3.994  17.482  1.00 7.44  ? 113  LEU A CG    1 
ATOM   843  C  CD1   . LEU A 1 113 ? -2.234  -2.845  18.258  1.00 9.90  ? 113  LEU A CD1   1 
ATOM   844  C  CD2   . LEU A 1 113 ? -2.090  -5.278  17.908  1.00 8.21  ? 113  LEU A CD2   1 
ATOM   845  N  N     . LYS A 1 114 ? -7.483  -4.685  16.938  1.00 11.03 ? 114  LYS A N     1 
ATOM   846  C  CA    . LYS A 1 114 ? -8.823  -5.074  17.393  1.00 11.68 ? 114  LYS A CA    1 
ATOM   847  C  C     . LYS A 1 114 ? -9.244  -6.398  16.800  1.00 13.40 ? 114  LYS A C     1 
ATOM   848  O  O     . LYS A 1 114 ? -10.064 -7.107  17.406  1.00 15.20 ? 114  LYS A O     1 
ATOM   849  C  CB    . LYS A 1 114 ? -9.860  -3.999  17.056  1.00 11.11 ? 114  LYS A CB    1 
ATOM   850  C  CG    . LYS A 1 114 ? -9.646  -2.703  17.790  1.00 13.99 ? 114  LYS A CG    1 
ATOM   851  C  CD    . LYS A 1 114 ? -10.580 -1.609  17.307  1.00 18.76 ? 114  LYS A CD    1 
ATOM   852  C  CE    . LYS A 1 114 ? -10.274 -0.306  17.997  1.00 21.16 ? 114  LYS A CE    1 
ATOM   853  N  NZ    . LYS A 1 114 ? -11.059 0.820   17.423  1.00 24.87 ? 114  LYS A NZ    1 
ATOM   854  N  N     . ILE A 1 115 ? -8.690  -6.731  15.646  1.00 12.59 ? 115  ILE A N     1 
ATOM   855  C  CA    . ILE A 1 115 ? -8.986  -7.970  14.933  1.00 14.61 ? 115  ILE A CA    1 
ATOM   856  C  C     . ILE A 1 115 ? -8.072  -9.114  15.361  1.00 16.86 ? 115  ILE A C     1 
ATOM   857  O  O     . ILE A 1 115 ? -8.548  -10.222 15.614  1.00 18.53 ? 115  ILE A O     1 
ATOM   858  C  CB    . ILE A 1 115 ? -8.898  -7.740  13.423  1.00 18.82 ? 115  ILE A CB    1 
ATOM   859  C  CG1   . ILE A 1 115 ? -9.904  -6.657  13.012  1.00 20.95 ? 115  ILE A CG1   1 
ATOM   860  C  CG2   . ILE A 1 115 ? -9.190  -9.029  12.659  1.00 21.32 ? 115  ILE A CG2   1 
ATOM   861  C  CD1   . ILE A 1 115 ? -9.566  -5.981  11.735  1.00 24.32 ? 115  ILE A CD1   1 
ATOM   862  N  N     . THR A 1 116 ? -6.771  -8.855  15.447  1.00 14.54 ? 116  THR A N     1 
ATOM   863  C  CA    . THR A 1 116 ? -5.807  -9.889  15.817  1.00 13.89 ? 116  THR A CA    1 
ATOM   864  C  C     . THR A 1 116 ? -4.563  -9.300  16.480  1.00 11.55 ? 116  THR A C     1 
ATOM   865  O  O     . THR A 1 116 ? -4.077  -8.263  16.038  1.00 10.66 ? 116  THR A O     1 
ATOM   866  C  CB    . THR A 1 116 ? -5.405  -10.700 14.570  1.00 16.79 ? 116  THR A CB    1 
ATOM   867  O  OG1   . THR A 1 116 ? -4.309  -11.569 14.883  1.00 20.61 ? 116  THR A OG1   1 
ATOM   868  C  CG2   . THR A 1 116 ? -4.909  -9.817  13.438  1.00 19.21 ? 116  THR A CG2   1 
ATOM   869  N  N     . PRO A 1 117 ? -4.040  -9.950  17.522  1.00 11.24 ? 117  PRO A N     1 
ATOM   870  C  CA    . PRO A 1 117 ? -2.770  -9.504  18.110  1.00 12.45 ? 117  PRO A CA    1 
ATOM   871  C  C     . PRO A 1 117 ? -1.619  -9.605  17.134  1.00 10.82 ? 117  PRO A C     1 
ATOM   872  O  O     . PRO A 1 117 ? -0.635  -8.875  17.276  1.00 10.81 ? 117  PRO A O     1 
ATOM   873  C  CB    . PRO A 1 117 ? -2.554  -10.475 19.267  1.00 14.77 ? 117  PRO A CB    1 
ATOM   874  C  CG    . PRO A 1 117 ? -3.361  -11.643 18.931  1.00 15.16 ? 117  PRO A CG    1 
ATOM   875  C  CD    . PRO A 1 117 ? -4.574  -11.143 18.196  1.00 13.56 ? 117  PRO A CD    1 
ATOM   876  N  N     . PHE A 1 118 ? -1.730  -10.452 16.121  1.00 11.77 ? 118  PHE A N     1 
ATOM   877  C  CA    . PHE A 1 118 ? -0.666  -10.581 15.135  1.00 12.19 ? 118  PHE A CA    1 
ATOM   878  C  C     . PHE A 1 118 ? -0.479  -9.318  14.276  1.00 9.34  ? 118  PHE A C     1 
ATOM   879  O  O     . PHE A 1 118 ? 0.518   -9.189  13.549  1.00 11.85 ? 118  PHE A O     1 
ATOM   880  C  CB    . PHE A 1 118 ? -0.891  -11.824 14.267  1.00 15.70 ? 118  PHE A CB    1 
ATOM   881  C  CG    A PHE A 1 118 ? -0.658  -13.150 14.953  0.50 16.54 ? 118  PHE A CG    1 
ATOM   882  C  CG    B PHE A 1 118 ? -0.832  -13.105 15.072  0.50 14.60 ? 118  PHE A CG    1 
ATOM   883  C  CD1   A PHE A 1 118 ? -0.382  -13.264 16.320  0.50 16.64 ? 118  PHE A CD1   1 
ATOM   884  C  CD1   B PHE A 1 118 ? -1.989  -13.843 15.322  0.50 15.94 ? 118  PHE A CD1   1 
ATOM   885  C  CD2   A PHE A 1 118 ? -0.705  -14.310 14.189  0.50 21.27 ? 118  PHE A CD2   1 
ATOM   886  C  CD2   B PHE A 1 118 ? 0.360   -13.524 15.659  0.50 13.39 ? 118  PHE A CD2   1 
ATOM   887  C  CE1   A PHE A 1 118 ? -0.165  -14.512 16.895  0.50 19.15 ? 118  PHE A CE1   1 
ATOM   888  C  CE1   B PHE A 1 118 ? -1.948  -14.999 16.091  0.50 16.88 ? 118  PHE A CE1   1 
ATOM   889  C  CE2   A PHE A 1 118 ? -0.493  -15.550 14.759  0.50 18.62 ? 118  PHE A CE2   1 
ATOM   890  C  CE2   B PHE A 1 118 ? 0.408   -14.681 16.429  0.50 14.31 ? 118  PHE A CE2   1 
ATOM   891  C  CZ    A PHE A 1 118 ? -0.222  -15.654 16.113  0.50 20.64 ? 118  PHE A CZ    1 
ATOM   892  C  CZ    B PHE A 1 118 ? -0.748  -15.419 16.650  0.50 15.29 ? 118  PHE A CZ    1 
ATOM   893  N  N     . ALA A 1 119 ? -1.409  -8.366  14.369  1.00 9.25  ? 119  ALA A N     1 
ATOM   894  C  CA    . ALA A 1 119 ? -1.227  -7.050  13.749  1.00 9.15  ? 119  ALA A CA    1 
ATOM   895  C  C     . ALA A 1 119 ? 0.081   -6.385  14.141  1.00 8.05  ? 119  ALA A C     1 
ATOM   896  O  O     . ALA A 1 119 ? 0.657   -5.640  13.342  1.00 9.10  ? 119  ALA A O     1 
ATOM   897  C  CB    . ALA A 1 119 ? -2.392  -6.131  14.095  1.00 9.87  ? 119  ALA A CB    1 
ATOM   898  N  N     . MET A 1 120 ? 0.554   -6.665  15.356  1.00 8.25  ? 120  MET A N     1 
ATOM   899  C  CA    . MET A 1 120 ? 1.783   -6.070  15.871  1.00 8.20  ? 120  MET A CA    1 
ATOM   900  C  C     . MET A 1 120 ? 3.017   -6.511  15.097  1.00 7.78  ? 120  MET A C     1 
ATOM   901  O  O     . MET A 1 120 ? 4.083   -5.898  15.259  1.00 8.91  ? 120  MET A O     1 
ATOM   902  C  CB    . MET A 1 120 ? 1.968   -6.321  17.370  1.00 8.08  ? 120  MET A CB    1 
ATOM   903  C  CG    . MET A 1 120 ? 2.482   -7.677  17.755  1.00 8.13  ? 120  MET A CG    1 
ATOM   904  S  SD    . MET A 1 120 ? 2.745   -7.845  19.524  1.00 9.81  ? 120  MET A SD    1 
ATOM   905  C  CE    . MET A 1 120 ? 1.010   -8.122  20.113  1.00 11.39 ? 120  MET A CE    1 
ATOM   906  N  N     . LEU A 1 121 ? 2.891   -7.552  14.285  1.00 8.35  ? 121  LEU A N     1 
ATOM   907  C  CA    . LEU A 1 121 ? 4.030   -8.026  13.486  1.00 9.00  ? 121  LEU A CA    1 
ATOM   908  C  C     . LEU A 1 121 ? 4.170   -7.306  12.138  1.00 10.99 ? 121  LEU A C     1 
ATOM   909  O  O     . LEU A 1 121 ? 5.156   -7.510  11.436  1.00 13.30 ? 121  LEU A O     1 
ATOM   910  C  CB    . LEU A 1 121 ? 3.959   -9.547  13.302  1.00 11.47 ? 121  LEU A CB    1 
ATOM   911  C  CG    . LEU A 1 121 ? 3.801   -10.344 14.605  1.00 14.09 ? 121  LEU A CG    1 
ATOM   912  C  CD1   . LEU A 1 121 ? 3.671   -11.835 14.278  1.00 17.51 ? 121  LEU A CD1   1 
ATOM   913  C  CD2   . LEU A 1 121 ? 4.930   -10.092 15.570  1.00 15.22 ? 121  LEU A CD2   1 
ATOM   914  N  N     . ALA A 1 122 ? 3.216   -6.450  11.792  1.00 7.89  ? 122  ALA A N     1 
ATOM   915  C  CA    . ALA A 1 122 ? 3.372   -5.626  10.591  1.00 8.87  ? 122  ALA A CA    1 
ATOM   916  C  C     . ALA A 1 122 ? 4.316   -4.466  10.863  1.00 9.56  ? 122  ALA A C     1 
ATOM   917  O  O     . ALA A 1 122 ? 4.108   -3.683  11.785  1.00 12.21 ? 122  ALA A O     1 
ATOM   918  C  CB    . ALA A 1 122 ? 2.048   -5.083  10.106  1.00 10.48 ? 122  ALA A CB    1 
ATOM   919  N  N     . ARG A 1 123 ? 5.343   -4.339  10.035  1.00 7.11  ? 123  ARG A N     1 
ATOM   920  C  CA    . ARG A 1 123 ? 6.360   -3.301  10.163  1.00 7.61  ? 123  ARG A CA    1 
ATOM   921  C  C     . ARG A 1 123 ? 6.192   -2.218  9.108   1.00 7.90  ? 123  ARG A C     1 
ATOM   922  O  O     . ARG A 1 123 ? 7.105   -1.499  8.788   1.00 8.52  ? 123  ARG A O     1 
ATOM   923  C  CB    . ARG A 1 123 ? 7.757   -3.911  10.065  1.00 8.27  ? 123  ARG A CB    1 
ATOM   924  C  CG    . ARG A 1 123 ? 7.986   -5.092  10.947  1.00 7.12  ? 123  ARG A CG    1 
ATOM   925  C  CD    . ARG A 1 123 ? 9.391   -5.680  10.846  1.00 7.42  ? 123  ARG A CD    1 
ATOM   926  N  NE    . ARG A 1 123 ? 9.784   -5.902  9.457   1.00 7.51  ? 123  ARG A NE    1 
ATOM   927  C  CZ    . ARG A 1 123 ? 10.502  -5.068  8.713   1.00 7.71  ? 123  ARG A CZ    1 
ATOM   928  N  NH1   . ARG A 1 123 ? 10.946  -3.914  9.173   1.00 8.05  ? 123  ARG A NH1   1 
ATOM   929  N  NH2   . ARG A 1 123 ? 10.746  -5.399  7.457   1.00 8.76  ? 123  ARG A NH2   1 
ATOM   930  N  N     . SER A 1 124 ? 4.963   -2.096  8.621   1.00 8.16  ? 124  SER A N     1 
ATOM   931  C  CA    . SER A 1 124 ? 4.600   -1.160  7.553   1.00 8.39  ? 124  SER A CA    1 
ATOM   932  C  C     . SER A 1 124 ? 5.134   0.245   7.737   1.00 7.81  ? 124  SER A C     1 
ATOM   933  O  O     . SER A 1 124 ? 5.103   0.786   8.833   1.00 8.90  ? 124  SER A O     1 
ATOM   934  C  CB    . SER A 1 124 ? 3.087   -1.078  7.500   1.00 8.91  ? 124  SER A CB    1 
ATOM   935  O  OG    . SER A 1 124 ? 2.572   -2.396  7.413   1.00 11.30 ? 124  SER A OG    1 
ATOM   936  N  N     . ALA A 1 125 ? 5.587   0.823   6.631   1.00 7.09  ? 125  ALA A N     1 
ATOM   937  C  CA    . ALA A 1 125 ? 5.898   2.238   6.500   1.00 6.78  ? 125  ALA A CA    1 
ATOM   938  C  C     . ALA A 1 125 ? 4.907   2.938   5.592   1.00 6.52  ? 125  ALA A C     1 
ATOM   939  O  O     . ALA A 1 125 ? 4.135   2.305   4.857   1.00 7.22  ? 125  ALA A O     1 
ATOM   940  C  CB    . ALA A 1 125 ? 7.310   2.411   5.921   1.00 10.04 ? 125  ALA A CB    1 
ATOM   941  N  N     . ALA A 1 126 ? 4.938   4.260   5.640   1.00 6.86  ? 126  ALA A N     1 
ATOM   942  C  CA    . ALA A 1 126 ? 4.068   5.092   4.814   1.00 7.30  ? 126  ALA A CA    1 
ATOM   943  C  C     . ALA A 1 126 ? 4.627   6.476   4.695   1.00 7.94  ? 126  ALA A C     1 
ATOM   944  O  O     . ALA A 1 126 ? 5.193   7.016   5.654   1.00 8.57  ? 126  ALA A O     1 
ATOM   945  C  CB    . ALA A 1 126 ? 2.661   5.163   5.392   1.00 7.47  ? 126  ALA A CB    1 
ATOM   946  N  N     . GLY A 1 127 ? 4.459   7.083   3.536   1.00 7.33  ? 127  GLY A N     1 
ATOM   947  C  CA    . GLY A 1 127 ? 4.812   8.466   3.390   1.00 6.53  ? 127  GLY A CA    1 
ATOM   948  C  C     . GLY A 1 127 ? 4.576   8.995   2.012   1.00 5.87  ? 127  GLY A C     1 
ATOM   949  O  O     . GLY A 1 127 ? 3.998   8.323   1.157   1.00 7.52  ? 127  GLY A O     1 
ATOM   950  N  N     . ILE A 1 128 ? 5.060   10.211  1.781   1.00 6.21  ? 128  ILE A N     1 
ATOM   951  C  CA    . ILE A 1 128 ? 4.781   10.960  0.573   1.00 6.86  ? 128  ILE A CA    1 
ATOM   952  C  C     . ILE A 1 128 ? 6.080   11.120  -0.218  1.00 6.68  ? 128  ILE A C     1 
ATOM   953  O  O     . ILE A 1 128 ? 7.115   11.456  0.342   1.00 7.75  ? 128  ILE A O     1 
ATOM   954  C  CB    . ILE A 1 128 ? 4.186   12.323  0.903   1.00 7.09  ? 128  ILE A CB    1 
ATOM   955  C  CG1   . ILE A 1 128 ? 2.875   12.197  1.669   1.00 8.12  ? 128  ILE A CG1   1 
ATOM   956  C  CG2   . ILE A 1 128 ? 3.905   13.090  -0.377  1.00 9.35  ? 128  ILE A CG2   1 
ATOM   957  C  CD1   . ILE A 1 128 ? 2.548   13.438  2.505   1.00 9.76  ? 128  ILE A CD1   1 
ATOM   958  N  N     . ARG A 1 129 ? 6.011   10.899  -1.528  1.00 6.55  ? 129  ARG A N     1 
ATOM   959  C  CA    . ARG A 1 129 ? 7.088   11.224  -2.452  1.00 6.80  ? 129  ARG A CA    1 
ATOM   960  C  C     . ARG A 1 129 ? 6.470   12.090  -3.531  1.00 6.88  ? 129  ARG A C     1 
ATOM   961  O  O     . ARG A 1 129 ? 5.574   11.634  -4.245  1.00 6.71  ? 129  ARG A O     1 
ATOM   962  C  CB    . ARG A 1 129 ? 7.675   9.957   -3.064  1.00 7.16  ? 129  ARG A CB    1 
ATOM   963  C  CG    . ARG A 1 129 ? 8.762   10.194  -4.077  1.00 6.60  ? 129  ARG A CG    1 
ATOM   964  C  CD    . ARG A 1 129 ? 9.247   8.917   -4.663  1.00 8.56  ? 129  ARG A CD    1 
ATOM   965  N  NE    . ARG A 1 129 ? 10.268  9.071   -5.685  1.00 7.88  ? 129  ARG A NE    1 
ATOM   966  C  CZ    . ARG A 1 129 ? 11.575  9.007   -5.451  1.00 9.04  ? 129  ARG A CZ    1 
ATOM   967  N  NH1   . ARG A 1 129 ? 12.045  8.743   -4.252  1.00 9.75  ? 129  ARG A NH1   1 
ATOM   968  N  NH2   . ARG A 1 129 ? 12.418  9.137   -6.442  1.00 10.33 ? 129  ARG A NH2   1 
ATOM   969  N  N     . GLY A 1 130 ? 6.904   13.332  -3.663  1.00 7.97  ? 130  GLY A N     1 
ATOM   970  C  CA    . GLY A 1 130 ? 6.321   14.247  -4.629  1.00 6.43  ? 130  GLY A CA    1 
ATOM   971  C  C     . GLY A 1 130 ? 4.868   14.480  -4.284  1.00 7.44  ? 130  GLY A C     1 
ATOM   972  O  O     . GLY A 1 130 ? 4.576   14.982  -3.209  1.00 9.24  ? 130  GLY A O     1 
ATOM   973  N  N     . SER A 1 131 ? 3.982   14.137  -5.205  1.00 6.02  ? 131  SER A N     1 
ATOM   974  C  CA    . SER A 1 131 ? 2.541   14.148  -4.963  1.00 6.39  ? 131  SER A CA    1 
ATOM   975  C  C     . SER A 1 131 ? 1.941   12.755  -5.020  1.00 6.73  ? 131  SER A C     1 
ATOM   976  O  O     . SER A 1 131 ? 0.834   12.560  -5.513  1.00 7.65  ? 131  SER A O     1 
ATOM   977  C  CB    . SER A 1 131 ? 1.842   15.100  -5.910  1.00 7.90  ? 131  SER A CB    1 
ATOM   978  O  OG    . SER A 1 131 ? 2.033   14.733  -7.261  1.00 9.21  ? 131  SER A OG    1 
ATOM   979  N  N     . THR A 1 132 ? 2.674   11.796  -4.473  1.00 5.78  ? 132  THR A N     1 
ATOM   980  C  CA    . THR A 1 132 ? 2.248   10.393  -4.403  1.00 6.40  ? 132  THR A CA    1 
ATOM   981  C  C     . THR A 1 132 ? 2.304   9.925   -2.959  1.00 7.87  ? 132  THR A C     1 
ATOM   982  O  O     . THR A 1 132 ? 3.335   10.043  -2.297  1.00 8.00  ? 132  THR A O     1 
ATOM   983  C  CB    . THR A 1 132 ? 3.163   9.496   -5.230  1.00 6.63  ? 132  THR A CB    1 
ATOM   984  O  OG1   . THR A 1 132 ? 3.229   9.950   -6.583  1.00 6.95  ? 132  THR A OG1   1 
ATOM   985  C  CG2   . THR A 1 132 ? 2.649   8.073   -5.290  1.00 7.27  ? 132  THR A CG2   1 
ATOM   986  N  N     . LEU A 1 133 ? 1.185   9.408   -2.465  1.00 5.68  ? 133  LEU A N     1 
ATOM   987  C  CA    . LEU A 1 133 ? 1.127   8.811   -1.137  1.00 6.00  ? 133  LEU A CA    1 
ATOM   988  C  C     . LEU A 1 133 ? 1.395   7.317   -1.280  1.00 6.17  ? 133  LEU A C     1 
ATOM   989  O  O     . LEU A 1 133 ? 0.743   6.649   -2.091  1.00 6.83  ? 133  LEU A O     1 
ATOM   990  C  CB    . LEU A 1 133 ? -0.250  9.058   -0.537  1.00 7.68  ? 133  LEU A CB    1 
ATOM   991  C  CG    . LEU A 1 133 ? -0.523  8.510   0.870   1.00 7.69  ? 133  LEU A CG    1 
ATOM   992  C  CD1   . LEU A 1 133 ? 0.515   8.963   1.889   1.00 8.25  ? 133  LEU A CD1   1 
ATOM   993  C  CD2   . LEU A 1 133 ? -1.927  8.898   1.321   1.00 7.26  ? 133  LEU A CD2   1 
ATOM   994  N  N     . ILE A 1 134 ? 2.306   6.771   -0.477  1.00 6.50  ? 134  ILE A N     1 
ATOM   995  C  CA    . ILE A 1 134 ? 2.667   5.360   -0.515  1.00 6.11  ? 134  ILE A CA    1 
ATOM   996  C  C     . ILE A 1 134 ? 2.369   4.752   0.849   1.00 7.07  ? 134  ILE A C     1 
ATOM   997  O  O     . ILE A 1 134 ? 2.847   5.255   1.871   1.00 7.81  ? 134  ILE A O     1 
ATOM   998  C  CB    . ILE A 1 134 ? 4.138   5.177   -0.857  1.00 6.81  ? 134  ILE A CB    1 
ATOM   999  C  CG1   . ILE A 1 134 ? 4.435   5.917   -2.158  1.00 8.04  ? 134  ILE A CG1   1 
ATOM   1000 C  CG2   . ILE A 1 134 ? 4.485   3.705   -0.925  1.00 8.15  ? 134  ILE A CG2   1 
ATOM   1001 C  CD1   . ILE A 1 134 ? 5.912   5.938   -2.561  1.00 9.27  ? 134  ILE A CD1   1 
ATOM   1002 N  N     . ILE A 1 135 ? 1.619   3.664   0.875   1.00 6.70  ? 135  ILE A N     1 
ATOM   1003 C  CA    . ILE A 1 135 ? 1.229   3.017   2.131   1.00 6.55  ? 135  ILE A CA    1 
ATOM   1004 C  C     . ILE A 1 135 ? 1.483   1.529   2.025   1.00 7.18  ? 135  ILE A C     1 
ATOM   1005 O  O     . ILE A 1 135 ? 0.922   0.867   1.165   1.00 7.45  ? 135  ILE A O     1 
ATOM   1006 C  CB    . ILE A 1 135 ? -0.255  3.263   2.473   1.00 6.40  ? 135  ILE A CB    1 
ATOM   1007 C  CG1   . ILE A 1 135 ? -0.616  4.745   2.381   1.00 7.78  ? 135  ILE A CG1   1 
ATOM   1008 C  CG2   . ILE A 1 135 ? -0.564  2.699   3.860   1.00 8.27  ? 135  ILE A CG2   1 
ATOM   1009 C  CD1   . ILE A 1 135 ? -2.105  4.998   2.567   1.00 7.51  ? 135  ILE A CD1   1 
ATOM   1010 N  N     . ASN A 1 136 ? 2.238   0.982   2.959   1.00 6.47  ? 136  ASN A N     1 
ATOM   1011 C  CA    . ASN A 1 136 ? 2.434   -0.458  3.055   1.00 7.35  ? 136  ASN A CA    1 
ATOM   1012 C  C     . ASN A 1 136 ? 1.282   -1.101  3.818   1.00 8.00  ? 136  ASN A C     1 
ATOM   1013 O  O     . ASN A 1 136 ? 0.892   -0.637  4.889   1.00 9.06  ? 136  ASN A O     1 
ATOM   1014 C  CB    . ASN A 1 136 ? 3.709   -0.804  3.817   1.00 7.01  ? 136  ASN A CB    1 
ATOM   1015 C  CG    . ASN A 1 136 ? 4.980   -0.312  3.184   1.00 6.77  ? 136  ASN A CG    1 
ATOM   1016 O  OD1   . ASN A 1 136 ? 5.087   -0.029  1.935   1.00 9.98  ? 136  ASN A OD1   1 
ATOM   1017 N  ND2   . ASN A 1 136 ? 5.979   -0.237  4.002   1.00 5.02  ? 136  ASN A ND2   1 
ATOM   1018 N  N     . MET A 1 137 ? 0.746   -2.175  3.258   1.00 7.53  ? 137  MET A N     1 
ATOM   1019 C  CA    . MET A 1 137 ? -0.241  -3.000  3.935   1.00 9.83  ? 137  MET A CA    1 
ATOM   1020 C  C     . MET A 1 137 ? 0.241   -4.446  4.011   1.00 8.63  ? 137  MET A C     1 
ATOM   1021 O  O     . MET A 1 137 ? 1.066   -4.884  3.205   1.00 7.84  ? 137  MET A O     1 
ATOM   1022 C  CB    . MET A 1 137 ? -1.579  -2.877  3.220   1.00 12.80 ? 137  MET A CB    1 
ATOM   1023 C  CG    . MET A 1 137 ? -2.211  -1.513  3.502   1.00 15.54 ? 137  MET A CG    1 
ATOM   1024 S  SD    . MET A 1 137 ? -3.690  -1.334  2.616   1.00 18.23 ? 137  MET A SD    1 
ATOM   1025 C  CE    . MET A 1 137 ? -4.044  0.367   2.984   1.00 16.90 ? 137  MET A CE    1 
ATOM   1026 N  N     . PRO A 1 138 ? -0.256  -5.212  4.982   1.00 9.16  ? 138  PRO A N     1 
ATOM   1027 C  CA    . PRO A 1 138 ? 0.159   -6.599  5.129   1.00 9.98  ? 138  PRO A CA    1 
ATOM   1028 C  C     . PRO A 1 138 ? -0.301  -7.443  3.967   1.00 10.52 ? 138  PRO A C     1 
ATOM   1029 O  O     . PRO A 1 138 ? -1.249  -7.077  3.279   1.00 10.91 ? 138  PRO A O     1 
ATOM   1030 C  CB    . PRO A 1 138 ? -0.495  -7.025  6.461   1.00 10.60 ? 138  PRO A CB    1 
ATOM   1031 C  CG    . PRO A 1 138 ? -0.824  -5.779  7.133   1.00 11.68 ? 138  PRO A CG    1 
ATOM   1032 C  CD    . PRO A 1 138 ? -1.203  -4.827  6.042   1.00 12.18 ? 138  PRO A CD    1 
ATOM   1033 N  N     . GLY A 1 139 ? 0.354   -8.580  3.776   1.00 12.41 ? 139  GLY A N     1 
ATOM   1034 C  CA    . GLY A 1 139 ? 0.080   -9.461  2.668   1.00 12.88 ? 139  GLY A CA    1 
ATOM   1035 C  C     . GLY A 1 139 ? -1.134  -10.340 2.868   1.00 14.81 ? 139  GLY A C     1 
ATOM   1036 O  O     . GLY A 1 139 ? -1.638  -10.873 1.912   1.00 17.26 ? 139  GLY A O     1 
ATOM   1037 N  N     . ASN A 1 140 ? -1.583  -10.530 4.104   1.00 16.35 ? 140  ASN A N     1 
ATOM   1038 C  CA    . ASN A 1 140 ? -2.774  -11.342 4.364   1.00 17.49 ? 140  ASN A CA    1 
ATOM   1039 C  C     . ASN A 1 140 ? -3.920  -10.771 3.553   1.00 15.87 ? 140  ASN A C     1 
ATOM   1040 O  O     . ASN A 1 140 ? -4.227  -9.591  3.657   1.00 15.17 ? 140  ASN A O     1 
ATOM   1041 C  CB    . ASN A 1 140 ? -3.127  -11.308 5.844   1.00 19.44 ? 140  ASN A CB    1 
ATOM   1042 C  CG    . ASN A 1 140 ? -4.246  -12.257 6.201   1.00 25.49 ? 140  ASN A CG    1 
ATOM   1043 O  OD1   . ASN A 1 140 ? -5.375  -12.117 5.726   1.00 27.06 ? 140  ASN A OD1   1 
ATOM   1044 N  ND2   . ASN A 1 140 ? -3.940  -13.229 7.057   1.00 30.83 ? 140  ASN A ND2   1 
ATOM   1045 N  N     . PRO A 1 141 ? -4.551  -11.575 2.706   1.00 19.88 ? 141  PRO A N     1 
ATOM   1046 C  CA    . PRO A 1 141 ? -5.626  -11.030 1.877   1.00 18.47 ? 141  PRO A CA    1 
ATOM   1047 C  C     . PRO A 1 141 ? -6.718  -10.257 2.621   1.00 19.93 ? 141  PRO A C     1 
ATOM   1048 O  O     . PRO A 1 141 ? -7.232  -9.344  2.024   1.00 24.39 ? 141  PRO A O     1 
ATOM   1049 C  CB    . PRO A 1 141 ? -6.175  -12.267 1.165   1.00 17.51 ? 141  PRO A CB    1 
ATOM   1050 C  CG    . PRO A 1 141 ? -4.987  -13.165 1.055   1.00 22.29 ? 141  PRO A CG    1 
ATOM   1051 C  CD    . PRO A 1 141 ? -4.262  -12.985 2.376   1.00 19.27 ? 141  PRO A CD    1 
ATOM   1052 N  N     . ASN A 1 142 ? -7.051  -10.609 3.868   1.00 19.90 ? 142  ASN A N     1 
ATOM   1053 C  CA    . ASN A 1 142 ? -8.038  -9.884  4.685   1.00 19.56 ? 142  ASN A CA    1 
ATOM   1054 C  C     . ASN A 1 142 ? -7.525  -8.575  5.291   1.00 22.62 ? 142  ASN A C     1 
ATOM   1055 O  O     . ASN A 1 142 ? -8.313  -7.736  5.750   1.00 22.91 ? 142  ASN A O     1 
ATOM   1056 C  CB    . ASN A 1 142 ? -8.522  -10.766 5.855   1.00 23.19 ? 142  ASN A CB    1 
ATOM   1057 C  CG    . ASN A 1 142 ? -9.029  -12.132 5.401   1.00 30.90 ? 142  ASN A CG    1 
ATOM   1058 O  OD1   . ASN A 1 142 ? -10.111 -12.244 4.828   1.00 35.13 ? 142  ASN A OD1   1 
ATOM   1059 N  ND2   . ASN A 1 142 ? -8.241  -13.173 5.653   1.00 34.35 ? 142  ASN A ND2   1 
ATOM   1060 N  N     . ALA A 1 143 ? -6.207  -8.422  5.328   1.00 20.53 ? 143  ALA A N     1 
ATOM   1061 C  CA    . ALA A 1 143 ? -5.589  -7.248  5.943   1.00 19.19 ? 143  ALA A CA    1 
ATOM   1062 C  C     . ALA A 1 143 ? -5.878  -5.962  5.195   1.00 17.99 ? 143  ALA A C     1 
ATOM   1063 O  O     . ALA A 1 143 ? -6.123  -4.960  5.840   1.00 16.41 ? 143  ALA A O     1 
ATOM   1064 C  CB    . ALA A 1 143 ? -4.076  -7.432  6.102   1.00 18.07 ? 143  ALA A CB    1 
ATOM   1065 N  N     . VAL A 1 144 ? -5.822  -5.953  3.858   1.00 17.33 ? 144  VAL A N     1 
ATOM   1066 C  CA    . VAL A 1 144 ? -6.045  -4.716  3.112   1.00 18.42 ? 144  VAL A CA    1 
ATOM   1067 C  C     . VAL A 1 144 ? -7.407  -4.122  3.386   1.00 15.61 ? 144  VAL A C     1 
ATOM   1068 O  O     . VAL A 1 144 ? -7.525  -2.923  3.525   1.00 15.69 ? 144  VAL A O     1 
ATOM   1069 C  CB    . VAL A 1 144 ? -5.832  -4.826  1.546   1.00 21.71 ? 144  VAL A CB    1 
ATOM   1070 C  CG1   . VAL A 1 144 ? -6.725  -5.869  0.923   1.00 26.32 ? 144  VAL A CG1   1 
ATOM   1071 C  CG2   . VAL A 1 144 ? -6.058  -3.477  0.862   1.00 23.22 ? 144  VAL A CG2   1 
ATOM   1072 N  N     . ALA A 1 145 ? -8.452  -4.945  3.443   1.00 15.48 ? 145  ALA A N     1 
ATOM   1073 C  CA    . ALA A 1 145 ? -9.787  -4.415  3.687   1.00 15.96 ? 145  ALA A CA    1 
ATOM   1074 C  C     . ALA A 1 145 ? -9.837  -3.752  5.051   1.00 13.96 ? 145  ALA A C     1 
ATOM   1075 O  O     . ALA A 1 145 ? -10.393 -2.673  5.200   1.00 14.94 ? 145  ALA A O     1 
ATOM   1076 C  CB    . ALA A 1 145 ? -10.837 -5.506  3.602   1.00 18.45 ? 145  ALA A CB    1 
ATOM   1077 N  N     . GLU A 1 146 ? -9.245  -4.402  6.045   1.00 13.07 ? 146  GLU A N     1 
ATOM   1078 C  CA    . GLU A 1 146 ? -9.258  -3.874  7.402   1.00 13.91 ? 146  GLU A CA    1 
ATOM   1079 C  C     . GLU A 1 146 ? -8.463  -2.556  7.502   1.00 12.49 ? 146  GLU A C     1 
ATOM   1080 O  O     . GLU A 1 146 ? -8.897  -1.578  8.104   1.00 13.38 ? 146  GLU A O     1 
ATOM   1081 C  CB    . GLU A 1 146 ? -8.724  -4.940  8.362   1.00 16.14 ? 146  GLU A CB    1 
ATOM   1082 C  CG    . GLU A 1 146 ? -9.573  -6.230  8.350   1.00 20.49 ? 146  GLU A CG    1 
ATOM   1083 C  CD    . GLU A 1 146 ? -8.795  -7.510  8.652   1.00 26.12 ? 146  GLU A CD    1 
ATOM   1084 O  OE1   . GLU A 1 146 ? -7.574  -7.432  8.910   1.00 26.52 ? 146  GLU A OE1   1 
ATOM   1085 O  OE2   . GLU A 1 146 ? -9.411  -8.613  8.630   1.00 25.59 ? 146  GLU A OE2   1 
ATOM   1086 N  N     . CYS A 1 147 ? -7.308  -2.522  6.868   1.00 12.14 ? 147  CYS A N     1 
ATOM   1087 C  CA    . CYS A 1 147 ? -6.465  -1.328  6.868   1.00 12.26 ? 147  CYS A CA    1 
ATOM   1088 C  C     . CYS A 1 147 ? -7.104  -0.169  6.109   1.00 13.70 ? 147  CYS A C     1 
ATOM   1089 O  O     . CYS A 1 147 ? -7.082  0.969   6.556   1.00 13.85 ? 147  CYS A O     1 
ATOM   1090 C  CB    . CYS A 1 147 ? -5.103  -1.654  6.273   1.00 12.44 ? 147  CYS A CB    1 
ATOM   1091 S  SG    . CYS A 1 147 ? -4.082  -2.679  7.357   1.00 17.17 ? 147  CYS A SG    1 
ATOM   1092 N  N     . MET A 1 148 ? -7.728  -0.474  4.979   1.00 13.38 ? 148  MET A N     1 
ATOM   1093 C  CA    . MET A 1 148 ? -8.404  0.556   4.212   1.00 15.42 ? 148  MET A CA    1 
ATOM   1094 C  C     . MET A 1 148 ? -9.589  1.109   4.954   1.00 14.35 ? 148  MET A C     1 
ATOM   1095 O  O     . MET A 1 148 ? -9.806  2.313   4.936   1.00 16.82 ? 148  MET A O     1 
ATOM   1096 C  CB    . MET A 1 148 ? -8.815  0.019   2.834   1.00 18.36 ? 148  MET A CB    1 
ATOM   1097 C  CG    . MET A 1 148 ? -7.697  0.119   1.801   1.00 23.38 ? 148  MET A CG    1 
ATOM   1098 S  SD    . MET A 1 148 ? -7.144  1.823   1.436   1.00 27.61 ? 148  MET A SD    1 
ATOM   1099 C  CE    . MET A 1 148 ? -8.756  2.790   1.748   1.00 15.50 ? 148  MET A CE    1 
ATOM   1100 N  N     . GLU A 1 149 ? -10.364 0.271   5.639   1.00 15.22 ? 149  GLU A N     1 
ATOM   1101 C  CA    . GLU A 1 149 ? -11.459 0.785   6.445   1.00 17.33 ? 149  GLU A CA    1 
ATOM   1102 C  C     . GLU A 1 149 ? -10.972 1.788   7.492   1.00 15.75 ? 149  GLU A C     1 
ATOM   1103 O  O     . GLU A 1 149 ? -11.637 2.782   7.761   1.00 17.36 ? 149  GLU A O     1 
ATOM   1104 C  CB    . GLU A 1 149 ? -12.224 -0.368  7.119   1.00 19.78 ? 149  GLU A CB    1 
ATOM   1105 C  CG    . GLU A 1 149 ? -13.414 0.091   7.960   1.00 25.83 ? 149  GLU A CG    1 
ATOM   1106 C  CD    . GLU A 1 149 ? -14.304 -1.045  8.446   1.00 31.90 ? 149  GLU A CD    1 
ATOM   1107 O  OE1   . GLU A 1 149 ? -15.045 -0.820  9.428   1.00 36.08 ? 149  GLU A OE1   1 
ATOM   1108 O  OE2   . GLU A 1 149 ? -14.272 -2.149  7.853   1.00 33.84 ? 149  GLU A OE2   1 
ATOM   1109 N  N     . ALA A 1 150 ? -9.809  1.505   8.074   1.00 13.60 ? 150  ALA A N     1 
ATOM   1110 C  CA    . ALA A 1 150 ? -9.208  2.351   9.095   1.00 14.64 ? 150  ALA A CA    1 
ATOM   1111 C  C     . ALA A 1 150 ? -8.861  3.735   8.526   1.00 13.83 ? 150  ALA A C     1 
ATOM   1112 O  O     . ALA A 1 150 ? -9.037  4.763   9.183   1.00 15.35 ? 150  ALA A O     1 
ATOM   1113 C  CB    . ALA A 1 150 ? -7.958  1.665   9.652   1.00 13.92 ? 150  ALA A CB    1 
ATOM   1114 N  N     . LEU A 1 151 ? -8.393  3.753   7.283   1.00 11.57 ? 151  LEU A N     1 
ATOM   1115 C  CA    . LEU A 1 151 ? -7.937  4.978   6.636   1.00 11.81 ? 151  LEU A CA    1 
ATOM   1116 C  C     . LEU A 1 151 ? -9.032  5.775   5.953   1.00 14.49 ? 151  LEU A C     1 
ATOM   1117 O  O     . LEU A 1 151 ? -8.903  6.979   5.795   1.00 12.83 ? 151  LEU A O     1 
ATOM   1118 C  CB    . LEU A 1 151 ? -6.922  4.656   5.572   1.00 12.78 ? 151  LEU A CB    1 
ATOM   1119 C  CG    . LEU A 1 151 ? -5.667  3.945   6.060   1.00 13.37 ? 151  LEU A CG    1 
ATOM   1120 C  CD1   . LEU A 1 151 ? -4.900  3.507   4.840   1.00 17.91 ? 151  LEU A CD1   1 
ATOM   1121 C  CD2   . LEU A 1 151 ? -4.832  4.868   6.925   1.00 19.94 ? 151  LEU A CD2   1 
ATOM   1122 N  N     . LEU A 1 152 ? -10.089 5.099   5.541   1.00 15.67 ? 152  LEU A N     1 
ATOM   1123 C  CA    . LEU A 1 152 ? -11.097 5.701   4.668   1.00 18.04 ? 152  LEU A CA    1 
ATOM   1124 C  C     . LEU A 1 152 ? -11.715 6.994   5.162   1.00 17.44 ? 152  LEU A C     1 
ATOM   1125 O  O     . LEU A 1 152 ? -12.058 7.839   4.328   1.00 19.14 ? 152  LEU A O     1 
ATOM   1126 C  CB    . LEU A 1 152 ? -12.211 4.694   4.356   1.00 17.66 ? 152  LEU A CB    1 
ATOM   1127 C  CG    . LEU A 1 152 ? -11.990 3.875   3.087   1.00 23.49 ? 152  LEU A CG    1 
ATOM   1128 C  CD1   . LEU A 1 152 ? -13.022 2.773   3.001   1.00 26.27 ? 152  LEU A CD1   1 
ATOM   1129 C  CD2   . LEU A 1 152 ? -12.045 4.742   1.842   1.00 25.54 ? 152  LEU A CD2   1 
ATOM   1130 N  N     . PRO A 1 153 ? -11.929 7.165   6.470   1.00 16.08 ? 153  PRO A N     1 
ATOM   1131 C  CA    . PRO A 1 153 ? -12.478 8.433   6.963   1.00 17.35 ? 153  PRO A CA    1 
ATOM   1132 C  C     . PRO A 1 153 ? -11.701 9.708   6.559   1.00 18.34 ? 153  PRO A C     1 
ATOM   1133 O  O     . PRO A 1 153 ? -12.310 10.775  6.480   1.00 19.84 ? 153  PRO A O     1 
ATOM   1134 C  CB    . PRO A 1 153 ? -12.454 8.248   8.483   1.00 18.78 ? 153  PRO A CB    1 
ATOM   1135 C  CG    . PRO A 1 153 ? -12.569 6.750   8.672   1.00 19.84 ? 153  PRO A CG    1 
ATOM   1136 C  CD    . PRO A 1 153 ? -11.764 6.176   7.556   1.00 15.65 ? 153  PRO A CD    1 
ATOM   1137 N  N     . ALA A 1 154 ? -10.394 9.611   6.350   1.00 14.82 ? 154  ALA A N     1 
ATOM   1138 C  CA    . ALA A 1 154 ? -9.539  10.766  6.070   1.00 12.75 ? 154  ALA A CA    1 
ATOM   1139 C  C     . ALA A 1 154 ? -8.725  10.675  4.792   1.00 12.08 ? 154  ALA A C     1 
ATOM   1140 O  O     . ALA A 1 154 ? -8.065  11.649  4.409   1.00 12.22 ? 154  ALA A O     1 
ATOM   1141 C  CB    . ALA A 1 154 ? -8.583  10.984  7.234   1.00 14.90 ? 154  ALA A CB    1 
ATOM   1142 N  N     . LEU A 1 155 ? -8.760  9.534   4.106   1.00 12.28 ? 155  LEU A N     1 
ATOM   1143 C  CA    . LEU A 1 155 ? -7.879  9.333   2.976   1.00 13.18 ? 155  LEU A CA    1 
ATOM   1144 C  C     . LEU A 1 155 ? -8.197  10.297  1.828   1.00 12.21 ? 155  LEU A C     1 
ATOM   1145 O  O     . LEU A 1 155 ? -7.284  10.755  1.162   1.00 14.00 ? 155  LEU A O     1 
ATOM   1146 C  CB    . LEU A 1 155 ? -7.898  7.863   2.534   1.00 17.54 ? 155  LEU A CB    1 
ATOM   1147 C  CG    . LEU A 1 155 ? -6.748  7.360   1.667   1.00 21.41 ? 155  LEU A CG    1 
ATOM   1148 C  CD1   . LEU A 1 155 ? -5.404  7.713   2.277   1.00 20.91 ? 155  LEU A CD1   1 
ATOM   1149 C  CD2   . LEU A 1 155 ? -6.875  5.842   1.448   1.00 20.39 ? 155  LEU A CD2   1 
ATOM   1150 N  N     . LYS A 1 156 ? -9.468  10.665  1.625   1.00 12.57 ? 156  LYS A N     1 
ATOM   1151 C  CA    . LYS A 1 156 ? -9.817  11.618  0.567   1.00 15.39 ? 156  LYS A CA    1 
ATOM   1152 C  C     . LYS A 1 156 ? -9.126  12.961  0.820   1.00 12.50 ? 156  LYS A C     1 
ATOM   1153 O  O     . LYS A 1 156 ? -8.566  13.567  -0.090  1.00 13.82 ? 156  LYS A O     1 
ATOM   1154 C  CB    . LYS A 1 156 ? -11.336 11.819  0.476   1.00 16.96 ? 156  LYS A CB    1 
ATOM   1155 C  CG    . LYS A 1 156 ? -11.791 12.906  -0.512  1.00 21.29 ? 156  LYS A CG    1 
ATOM   1156 C  CD    . LYS A 1 156 ? -13.310 12.970  -0.666  1.00 25.81 ? 156  LYS A CD    1 
ATOM   1157 C  CE    . LYS A 1 156 ? -14.019 13.250  0.646   1.00 29.24 ? 156  LYS A CE    1 
ATOM   1158 N  NZ    . LYS A 1 156 ? -15.431 13.702  0.430   1.00 30.08 ? 156  LYS A NZ    1 
ATOM   1159 N  N     . HIS A 1 157 ? -9.154  13.397  2.071   1.00 12.00 ? 157  HIS A N     1 
ATOM   1160 C  CA    . HIS A 1 157 ? -8.553  14.668  2.467   1.00 11.11 ? 157  HIS A CA    1 
ATOM   1161 C  C     . HIS A 1 157 ? -7.026  14.586  2.332   1.00 11.93 ? 157  HIS A C     1 
ATOM   1162 O  O     . HIS A 1 157 ? -6.402  15.542  1.903   1.00 13.53 ? 157  HIS A O     1 
ATOM   1163 C  CB    A HIS A 1 157 ? -9.013  15.093  3.858   0.50 12.41 ? 157  HIS A CB    1 
ATOM   1164 C  CB    B HIS A 1 157 ? -8.986  14.987  3.918   0.50 11.68 ? 157  HIS A CB    1 
ATOM   1165 C  CG    A HIS A 1 157 ? -10.382 15.696  3.860   0.50 16.69 ? 157  HIS A CG    1 
ATOM   1166 C  CG    B HIS A 1 157 ? -8.601  16.350  4.426   0.50 14.44 ? 157  HIS A CG    1 
ATOM   1167 N  ND1   A HIS A 1 157 ? -11.463 15.077  3.272   0.50 22.09 ? 157  HIS A ND1   1 
ATOM   1168 N  ND1   B HIS A 1 157 ? -8.615  17.488  3.648   0.50 18.03 ? 157  HIS A ND1   1 
ATOM   1169 C  CD2   A HIS A 1 157 ? -10.843 16.870  4.352   0.50 21.81 ? 157  HIS A CD2   1 
ATOM   1170 C  CD2   B HIS A 1 157 ? -8.218  16.752  5.663   0.50 17.28 ? 157  HIS A CD2   1 
ATOM   1171 C  CE1   A HIS A 1 157 ? -12.533 15.838  3.406   0.50 19.43 ? 157  HIS A CE1   1 
ATOM   1172 C  CE1   B HIS A 1 157 ? -8.246  18.528  4.377   0.50 11.08 ? 157  HIS A CE1   1 
ATOM   1173 N  NE2   A HIS A 1 157 ? -12.184 16.934  4.057   0.50 21.59 ? 157  HIS A NE2   1 
ATOM   1174 N  NE2   B HIS A 1 157 ? -8.002  18.109  5.606   0.50 15.22 ? 157  HIS A NE2   1 
ATOM   1175 N  N     . ALA A 1 158 ? -6.430  13.440  2.644   1.00 11.41 ? 158  ALA A N     1 
ATOM   1176 C  CA    . ALA A 1 158 ? -4.995  13.231  2.428   1.00 10.88 ? 158  ALA A CA    1 
ATOM   1177 C  C     . ALA A 1 158 ? -4.642  13.432  0.963   1.00 10.15 ? 158  ALA A C     1 
ATOM   1178 O  O     . ALA A 1 158 ? -3.682  14.135  0.644   1.00 11.77 ? 158  ALA A O     1 
ATOM   1179 C  CB    . ALA A 1 158 ? -4.578  11.868  2.869   1.00 10.77 ? 158  ALA A CB    1 
ATOM   1180 N  N     . LEU A 1 159 ? -5.428  12.833  0.073   1.00 11.03 ? 159  LEU A N     1 
ATOM   1181 C  CA    . LEU A 1 159 ? -5.145  12.913  -1.354  1.00 11.73 ? 159  LEU A CA    1 
ATOM   1182 C  C     . LEU A 1 159 ? -5.337  14.322  -1.919  1.00 10.72 ? 159  LEU A C     1 
ATOM   1183 O  O     . LEU A 1 159 ? -4.555  14.778  -2.737  1.00 13.95 ? 159  LEU A O     1 
ATOM   1184 C  CB    . LEU A 1 159 ? -5.980  11.889  -2.115  1.00 13.23 ? 159  LEU A CB    1 
ATOM   1185 C  CG    . LEU A 1 159 ? -5.617  10.441  -1.761  1.00 13.05 ? 159  LEU A CG    1 
ATOM   1186 C  CD1   . LEU A 1 159 ? -6.607  9.533   -2.466  1.00 15.90 ? 159  LEU A CD1   1 
ATOM   1187 C  CD2   . LEU A 1 159 ? -4.152  10.064  -2.090  1.00 16.66 ? 159  LEU A CD2   1 
ATOM   1188 N  N     . LYS A 1 160 ? -6.357  15.018  -1.433  1.00 11.10 ? 160  LYS A N     1 
ATOM   1189 C  CA    . LYS A 1 160 ? -6.550  16.416  -1.796  1.00 13.14 ? 160  LYS A CA    1 
ATOM   1190 C  C     . LYS A 1 160 ? -5.347  17.265  -1.373  1.00 12.80 ? 160  LYS A C     1 
ATOM   1191 O  O     . LYS A 1 160 ? -4.870  18.105  -2.120  1.00 13.99 ? 160  LYS A O     1 
ATOM   1192 C  CB    . LYS A 1 160 ? -7.824  16.971  -1.162  1.00 15.17 ? 160  LYS A CB    1 
ATOM   1193 C  CG    . LYS A 1 160 ? -9.100  16.533  -1.851  1.00 24.49 ? 160  LYS A CG    1 
ATOM   1194 C  CD    . LYS A 1 160 ? -10.331 17.240  -1.295  1.00 29.88 ? 160  LYS A CD    1 
ATOM   1195 C  CE    . LYS A 1 160 ? -11.617 16.555  -1.755  1.00 31.57 ? 160  LYS A CE    1 
ATOM   1196 N  NZ    . LYS A 1 160 ? -12.794 16.978  -0.941  1.00 36.27 ? 160  LYS A NZ    1 
ATOM   1197 N  N     . GLN A 1 161 ? -4.849  17.033  -0.169  1.00 12.23 ? 161  GLN A N     1 
ATOM   1198 C  CA    . GLN A 1 161 ? -3.766  17.846  0.378   1.00 11.45 ? 161  GLN A CA    1 
ATOM   1199 C  C     . GLN A 1 161 ? -2.461  17.662  -0.378  1.00 10.61 ? 161  GLN A C     1 
ATOM   1200 O  O     . GLN A 1 161 ? -1.730  18.629  -0.628  1.00 11.58 ? 161  GLN A O     1 
ATOM   1201 C  CB    . GLN A 1 161 ? -3.556  17.509  1.850   1.00 13.43 ? 161  GLN A CB    1 
ATOM   1202 C  CG    . GLN A 1 161 ? -4.636  18.060  2.747   1.00 15.61 ? 161  GLN A CG    1 
ATOM   1203 C  CD    . GLN A 1 161 ? -4.288  17.960  4.237   1.00 23.01 ? 161  GLN A CD    1 
ATOM   1204 O  OE1   . GLN A 1 161 ? -3.110  17.944  4.632   1.00 24.61 ? 161  GLN A OE1   1 
ATOM   1205 N  NE2   . GLN A 1 161 ? -5.319  17.934  5.070   1.00 28.12 ? 161  GLN A NE2   1 
ATOM   1206 N  N     . ILE A 1 162 ? -2.153  16.425  -0.736  1.00 11.01 ? 162  ILE A N     1 
ATOM   1207 C  CA    . ILE A 1 162 ? -0.877  16.127  -1.384  1.00 12.08 ? 162  ILE A CA    1 
ATOM   1208 C  C     . ILE A 1 162 ? -0.740  16.794  -2.747  1.00 19.14 ? 162  ILE A C     1 
ATOM   1209 O  O     . ILE A 1 162 ? 0.378   17.038  -3.196  1.00 20.39 ? 162  ILE A O     1 
ATOM   1210 C  CB    . ILE A 1 162 ? -0.656  14.578  -1.452  1.00 14.41 ? 162  ILE A CB    1 
ATOM   1211 C  CG1   A ILE A 1 162 ? -1.651  13.803  -2.320  0.50 15.98 ? 162  ILE A CG1   1 
ATOM   1212 C  CG1   B ILE A 1 162 ? 0.169   13.942  -0.344  0.50 18.11 ? 162  ILE A CG1   1 
ATOM   1213 C  CG2   A ILE A 1 162 ? -0.540  14.005  -0.033  0.50 4.92  ? 162  ILE A CG2   1 
ATOM   1214 C  CG2   B ILE A 1 162 ? -1.251  13.898  -2.780  0.50 16.71 ? 162  ILE A CG2   1 
ATOM   1215 C  CD1   A ILE A 1 162 ? -1.175  12.362  -2.631  0.50 18.85 ? 162  ILE A CD1   1 
ATOM   1216 C  CD1   B ILE A 1 162 ? -0.440  12.636  0.057   0.50 17.35 ? 162  ILE A CD1   1 
ATOM   1217 N  N     . LYS A 1 163 ? -1.877  17.083  -3.379  1.00 20.48 ? 163  LYS A N     1 
ATOM   1218 C  CA    . LYS A 1 163 ? -1.885  17.781  -4.663  1.00 25.91 ? 163  LYS A CA    1 
ATOM   1219 C  C     . LYS A 1 163 ? -1.606  19.267  -4.438  1.00 28.44 ? 163  LYS A C     1 
ATOM   1220 O  O     . LYS A 1 163 ? -0.905  19.912  -5.229  1.00 32.99 ? 163  LYS A O     1 
ATOM   1221 C  CB    . LYS A 1 163 ? -3.217  17.569  -5.363  1.00 27.04 ? 163  LYS A CB    1 
HETATM 1222 N  N1    . MTE B 2 .   ? -3.167  -6.716  9.915   0.70 11.56 ? 1164 MTE A N1    1 
HETATM 1223 C  C2    . MTE B 2 .   ? -4.508  -6.927  9.625   0.70 12.46 ? 1164 MTE A C2    1 
HETATM 1224 N  N2    . MTE B 2 .   ? -5.334  -5.879  9.624   0.70 13.81 ? 1164 MTE A N2    1 
HETATM 1225 N  N3    . MTE B 2 .   ? -4.999  -8.151  9.370   0.70 12.97 ? 1164 MTE A N3    1 
HETATM 1226 C  C4    . MTE B 2 .   ? -4.184  -9.254  9.335   0.70 15.29 ? 1164 MTE A C4    1 
HETATM 1227 O  O4    . MTE B 2 .   ? -4.599  -10.467 9.084   0.70 17.20 ? 1164 MTE A O4    1 
HETATM 1228 N  N5    . MTE B 2 .   ? -1.796  -10.265 9.612   0.70 14.08 ? 1164 MTE A N5    1 
HETATM 1229 C  C6    . MTE B 2 .   ? -0.563  -10.129 10.560  0.70 14.01 ? 1164 MTE A C6    1 
HETATM 1230 C  C7    . MTE B 2 .   ? -0.009  -8.588  10.462  0.70 11.71 ? 1164 MTE A C7    1 
HETATM 1231 N  N8    . MTE B 2 .   ? -0.941  -7.551  10.203  0.70 10.86 ? 1164 MTE A N8    1 
HETATM 1232 C  C9    . MTE B 2 .   ? -2.777  -9.156  9.619   0.70 14.33 ? 1164 MTE A C9    1 
HETATM 1233 C  C10   . MTE B 2 .   ? -2.250  -7.709  9.943   0.70 12.10 ? 1164 MTE A C10   1 
HETATM 1234 C  "C1'" . MTE B 2 .   ? 0.477   -11.065 10.472  0.70 14.13 ? 1164 MTE A "C1'" 1 
HETATM 1235 S  "S1'" . MTE B 2 .   ? -0.114  -12.663 10.823  0.70 13.17 ? 1164 MTE A "S1'" 1 
HETATM 1236 C  "C2'" . MTE B 2 .   ? 1.818   -10.625 10.123  0.70 12.15 ? 1164 MTE A "C2'" 1 
HETATM 1237 S  "S2'" . MTE B 2 .   ? 2.997   -11.919 10.097  0.70 15.39 ? 1164 MTE A "S2'" 1 
HETATM 1238 C  "C3'" . MTE B 2 .   ? 2.115   -9.172  9.606   0.70 11.84 ? 1164 MTE A "C3'" 1 
HETATM 1239 O  "O3'" . MTE B 2 .   ? 0.864   -8.551  9.335   0.70 9.85  ? 1164 MTE A "O3'" 1 
HETATM 1240 C  "C4'" . MTE B 2 .   ? 2.980   -9.104  8.488   0.70 11.27 ? 1164 MTE A "C4'" 1 
HETATM 1241 O  "O4'" . MTE B 2 .   ? 2.606   -9.762  7.247   0.70 11.87 ? 1164 MTE A "O4'" 1 
HETATM 1242 P  P     . MTE B 2 .   ? 3.380   -9.666  5.985   0.70 10.86 ? 1164 MTE A P     1 
HETATM 1243 O  O1P   . MTE B 2 .   ? 2.506   -10.763 5.154   0.70 13.33 ? 1164 MTE A O1P   1 
HETATM 1244 O  O2P   . MTE B 2 .   ? 3.023   -8.484  5.181   0.70 5.47  ? 1164 MTE A O2P   1 
HETATM 1245 O  O3P   . MTE B 2 .   ? 4.692   -9.986  6.075   0.70 7.16  ? 1164 MTE A O3P   1 
HETATM 1246 P  P     . AMP C 3 .   ? 3.344   -11.766 4.152   0.70 14.86 ? 1165 AMP A P     1 
HETATM 1247 O  O1P   . AMP C 3 .   ? 4.386   -12.655 4.721   0.70 14.14 ? 1165 AMP A O1P   1 
HETATM 1248 O  O2P   . AMP C 3 .   ? 3.816   -11.075 2.855   0.70 11.29 ? 1165 AMP A O2P   1 
HETATM 1249 O  "O5'" . AMP C 3 .   ? 1.974   -12.606 3.962   0.70 16.03 ? 1165 AMP A "O5'" 1 
HETATM 1250 C  "C5'" . AMP C 3 .   ? 1.448   -13.360 5.034   0.70 15.83 ? 1165 AMP A "C5'" 1 
HETATM 1251 C  "C4'" . AMP C 3 .   ? 0.746   -14.573 4.451   0.70 15.98 ? 1165 AMP A "C4'" 1 
HETATM 1252 O  "O4'" . AMP C 3 .   ? -0.319  -14.130 3.631   0.70 14.19 ? 1165 AMP A "O4'" 1 
HETATM 1253 C  "C3'" . AMP C 3 .   ? 1.669   -15.427 3.590   0.70 16.57 ? 1165 AMP A "C3'" 1 
HETATM 1254 O  "O3'" . AMP C 3 .   ? 2.201   -16.520 4.302   0.70 18.30 ? 1165 AMP A "O3'" 1 
HETATM 1255 C  "C2'" . AMP C 3 .   ? 0.790   -15.867 2.436   0.70 16.81 ? 1165 AMP A "C2'" 1 
HETATM 1256 O  "O2'" . AMP C 3 .   ? 0.268   -17.156 2.659   0.70 19.57 ? 1165 AMP A "O2'" 1 
HETATM 1257 C  "C1'" . AMP C 3 .   ? -0.323  -14.827 2.397   0.70 16.32 ? 1165 AMP A "C1'" 1 
HETATM 1258 N  N9    . AMP C 3 .   ? -0.097  -13.881 1.284   0.70 15.14 ? 1165 AMP A N9    1 
HETATM 1259 C  C8    . AMP C 3 .   ? 0.691   -12.749 1.260   0.70 16.09 ? 1165 AMP A C8    1 
HETATM 1260 N  N7    . AMP C 3 .   ? 0.607   -12.183 0.029   0.70 16.02 ? 1165 AMP A N7    1 
HETATM 1261 C  C5    . AMP C 3 .   ? -0.227  -12.936 -0.724  0.70 13.94 ? 1165 AMP A C5    1 
HETATM 1262 C  C6    . AMP C 3 .   ? -0.675  -12.821 -2.035  0.70 11.80 ? 1165 AMP A C6    1 
HETATM 1263 N  N6    . AMP C 3 .   ? -0.287  -11.832 -2.825  0.70 9.99  ? 1165 AMP A N6    1 
HETATM 1264 N  N1    . AMP C 3 .   ? -1.513  -13.784 -2.500  0.70 7.93  ? 1165 AMP A N1    1 
HETATM 1265 C  C2    . AMP C 3 .   ? -1.949  -14.835 -1.724  0.70 12.03 ? 1165 AMP A C2    1 
HETATM 1266 N  N3    . AMP C 3 .   ? -1.522  -14.939 -0.423  0.70 10.44 ? 1165 AMP A N3    1 
HETATM 1267 C  C4    . AMP C 3 .   ? -0.668  -14.003 0.054   0.70 13.64 ? 1165 AMP A C4    1 
HETATM 1268 C  C1    . PPI D 4 .   ? 5.709   -1.103  -14.318 1.00 36.17 ? 1166 PPI A C1    1 
HETATM 1269 C  C2    . PPI D 4 .   ? 5.529   -2.506  -13.768 1.00 38.43 ? 1166 PPI A C2    1 
HETATM 1270 C  C3    . PPI D 4 .   ? 6.799   -3.338  -13.829 1.00 36.98 ? 1166 PPI A C3    1 
HETATM 1271 O  O1    . PPI D 4 .   ? 4.951   -0.201  -13.996 1.00 32.92 ? 1166 PPI A O1    1 
HETATM 1272 O  O2    . PPI D 4 .   ? 6.661   -0.819  -15.199 1.00 42.50 ? 1166 PPI A O2    1 
HETATM 1273 N  N1    . IMD E 5 .   ? 2.495   4.001   14.476  1.00 25.32 ? 1167 IMD A N1    1 
HETATM 1274 C  C2    . IMD E 5 .   ? 3.675   4.386   13.931  1.00 27.54 ? 1167 IMD A C2    1 
HETATM 1275 N  N3    . IMD E 5 .   ? 4.242   3.286   13.351  1.00 25.26 ? 1167 IMD A N3    1 
HETATM 1276 C  C4    . IMD E 5 .   ? 3.421   2.219   13.537  1.00 25.90 ? 1167 IMD A C4    1 
HETATM 1277 C  C5    . IMD E 5 .   ? 2.331   2.678   14.255  1.00 23.04 ? 1167 IMD A C5    1 
HETATM 1278 C  C     . FMT F 6 .   ? 6.596   4.761   12.036  1.00 34.16 ? 1168 FMT A C     1 
HETATM 1279 O  O1    . FMT F 6 .   ? 6.476   3.571   12.297  1.00 30.14 ? 1168 FMT A O1    1 
HETATM 1280 O  O2    . FMT F 6 .   ? 5.850   5.615   12.513  1.00 32.68 ? 1168 FMT A O2    1 
HETATM 1281 CU CU    . CU1 G 7 .   ? 1.861   -13.793 10.644  0.70 15.66 ? 1169 CU1 A CU    1 
HETATM 1282 O  O     . HOH H 8 .   ? -4.804  14.113  -8.094  1.00 36.91 ? 2001 HOH A O     1 
HETATM 1283 O  O     . HOH H 8 .   ? -13.048 10.378  -10.913 1.00 43.29 ? 2002 HOH A O     1 
HETATM 1284 O  O     . HOH H 8 .   ? -13.646 7.966   -10.510 1.00 48.80 ? 2003 HOH A O     1 
HETATM 1285 O  O     . HOH H 8 .   ? -0.821  5.775   -15.645 1.00 44.46 ? 2004 HOH A O     1 
HETATM 1286 O  O     . HOH H 8 .   ? -0.985  -6.244  -7.496  1.00 21.93 ? 2005 HOH A O     1 
HETATM 1287 O  O     . HOH H 8 .   ? -12.755 -18.165 -1.372  1.00 41.64 ? 2006 HOH A O     1 
HETATM 1288 O  O     . HOH H 8 .   ? 20.314  -5.549  3.663   1.00 46.37 ? 2007 HOH A O     1 
HETATM 1289 O  O     . HOH H 8 .   ? 3.617   -14.274 -0.603  1.00 40.49 ? 2008 HOH A O     1 
HETATM 1290 O  O     . HOH H 8 .   ? 11.308  -16.579 -0.758  1.00 40.48 ? 2009 HOH A O     1 
HETATM 1291 O  O     . HOH H 8 .   ? 14.186  -15.732 -2.767  1.00 35.71 ? 2010 HOH A O     1 
HETATM 1292 O  O     . HOH H 8 .   ? 10.649  -14.805 -6.988  1.00 30.99 ? 2011 HOH A O     1 
HETATM 1293 O  O     . HOH H 8 .   ? 6.589   -15.159 -0.984  1.00 30.80 ? 2012 HOH A O     1 
HETATM 1294 O  O     . HOH H 8 .   ? -19.322 -0.998  -5.917  0.33 32.97 ? 2013 HOH A O     1 
HETATM 1295 O  O     . HOH H 8 .   ? -21.347 0.267   -9.004  1.00 51.06 ? 2014 HOH A O     1 
HETATM 1296 O  O     . HOH H 8 .   ? 1.997   -15.826 -10.064 1.00 27.21 ? 2015 HOH A O     1 
HETATM 1297 O  O     . HOH H 8 .   ? 15.051  7.438   10.970  0.33 39.27 ? 2016 HOH A O     1 
HETATM 1298 O  O     . HOH H 8 .   ? 7.182   -10.331 -11.043 1.00 31.19 ? 2017 HOH A O     1 
HETATM 1299 O  O     . HOH H 8 .   ? 10.713  -13.434 -9.376  1.00 32.22 ? 2018 HOH A O     1 
HETATM 1300 O  O     . HOH H 8 .   ? -13.484 -6.448  10.257  1.00 49.57 ? 2019 HOH A O     1 
HETATM 1301 O  O     . HOH H 8 .   ? 4.977   -22.014 -11.831 1.00 52.41 ? 2020 HOH A O     1 
HETATM 1302 O  O     . HOH H 8 .   ? 1.032   -8.275  -12.328 1.00 47.66 ? 2021 HOH A O     1 
HETATM 1303 O  O     . HOH H 8 .   ? 2.747   -11.318 -12.054 0.50 32.24 ? 2022 HOH A O     1 
HETATM 1304 O  O     . HOH H 8 .   ? -1.660  -8.420  -8.955  1.00 14.36 ? 2023 HOH A O     1 
HETATM 1305 O  O     . HOH H 8 .   ? 17.749  -6.119  1.359   1.00 40.54 ? 2024 HOH A O     1 
HETATM 1306 O  O     . HOH H 8 .   ? -9.312  -17.206 -1.665  1.00 46.72 ? 2025 HOH A O     1 
HETATM 1307 O  O     . HOH H 8 .   ? -8.405  -13.356 -2.255  1.00 25.22 ? 2026 HOH A O     1 
HETATM 1308 O  O     . HOH H 8 .   ? 16.019  2.904   -12.104 1.00 47.62 ? 2027 HOH A O     1 
HETATM 1309 O  O     . HOH H 8 .   ? 15.126  5.614   -12.846 1.00 36.52 ? 2028 HOH A O     1 
HETATM 1310 O  O     . HOH H 8 .   ? 3.358   0.354   -20.147 1.00 47.08 ? 2029 HOH A O     1 
HETATM 1311 O  O     . HOH H 8 .   ? -12.037 -7.018  -0.954  1.00 46.65 ? 2030 HOH A O     1 
HETATM 1312 O  O     . HOH H 8 .   ? -11.781 -8.258  1.049   1.00 31.03 ? 2031 HOH A O     1 
HETATM 1313 O  O     . HOH H 8 .   ? -14.127 -5.148  -0.731  1.00 47.00 ? 2032 HOH A O     1 
HETATM 1314 O  O     . HOH H 8 .   ? 18.542  -12.105 5.126   1.00 37.35 ? 2033 HOH A O     1 
HETATM 1315 O  O     . HOH H 8 .   ? -17.164 2.551   -6.910  1.00 23.91 ? 2034 HOH A O     1 
HETATM 1316 O  O     . HOH H 8 .   ? -16.587 -0.581  -10.863 1.00 40.59 ? 2035 HOH A O     1 
HETATM 1317 O  O     . HOH H 8 .   ? -15.811 2.489   -8.975  1.00 34.73 ? 2036 HOH A O     1 
HETATM 1318 O  O     . HOH H 8 .   ? -17.877 0.428   -7.744  1.00 39.18 ? 2037 HOH A O     1 
HETATM 1319 O  O     . HOH H 8 .   ? 14.661  -17.194 5.429   1.00 40.40 ? 2038 HOH A O     1 
HETATM 1320 O  O     . HOH H 8 .   ? -18.076 4.094   -4.392  1.00 43.87 ? 2039 HOH A O     1 
HETATM 1321 O  O     . HOH H 8 .   ? 17.397  -0.128  5.616   1.00 42.84 ? 2040 HOH A O     1 
HETATM 1322 O  O     . HOH H 8 .   ? -16.135 7.302   -8.092  1.00 33.58 ? 2041 HOH A O     1 
HETATM 1323 O  O     . HOH H 8 .   ? -16.721 11.539  -0.791  1.00 47.87 ? 2042 HOH A O     1 
HETATM 1324 O  O     . HOH H 8 .   ? 9.754   6.344   13.582  0.33 27.17 ? 2043 HOH A O     1 
HETATM 1325 O  O     . HOH H 8 .   ? 13.224  7.103   11.820  0.33 32.68 ? 2044 HOH A O     1 
HETATM 1326 O  O     . HOH H 8 .   ? -17.686 5.049   -2.273  1.00 30.29 ? 2045 HOH A O     1 
HETATM 1327 O  O     . HOH H 8 .   ? -0.762  -2.022  9.908   1.00 23.96 ? 2046 HOH A O     1 
HETATM 1328 O  O     . HOH H 8 .   ? -8.003  0.954   20.494  1.00 31.21 ? 2047 HOH A O     1 
HETATM 1329 O  O     . HOH H 8 .   ? -6.819  -3.508  20.669  1.00 33.51 ? 2048 HOH A O     1 
HETATM 1330 O  O     . HOH H 8 .   ? -11.440 -3.698  10.625  1.00 44.10 ? 2049 HOH A O     1 
HETATM 1331 O  O     . HOH H 8 .   ? -2.737  -6.438  21.259  1.00 40.36 ? 2050 HOH A O     1 
HETATM 1332 O  O     . HOH H 8 .   ? -10.792 0.661   -8.538  1.00 34.58 ? 2051 HOH A O     1 
HETATM 1333 O  O     . HOH H 8 .   ? -0.767  -7.562  -11.309 1.00 20.77 ? 2052 HOH A O     1 
HETATM 1334 O  O     . HOH H 8 .   ? -4.635  -6.992  -11.302 1.00 24.34 ? 2053 HOH A O     1 
HETATM 1335 O  O     . HOH H 8 .   ? 6.536   -6.424  -12.323 1.00 35.61 ? 2054 HOH A O     1 
HETATM 1336 O  O     . HOH H 8 .   ? 3.032   -7.895  -12.701 1.00 23.65 ? 2055 HOH A O     1 
HETATM 1337 O  O     . HOH H 8 .   ? 15.624  11.084  -7.451  1.00 33.32 ? 2056 HOH A O     1 
HETATM 1338 O  O     . HOH H 8 .   ? 7.283   -13.392 0.623   1.00 32.10 ? 2057 HOH A O     1 
HETATM 1339 O  O     . HOH H 8 .   ? 6.182   -10.903 0.558   1.00 20.04 ? 2058 HOH A O     1 
HETATM 1340 O  O     . HOH H 8 .   ? 9.516   -7.712  0.922   1.00 12.13 ? 2059 HOH A O     1 
HETATM 1341 O  O     . HOH H 8 .   ? 9.475   -14.577 0.843   1.00 37.34 ? 2060 HOH A O     1 
HETATM 1342 O  O     . HOH H 8 .   ? 15.293  -9.651  0.189   1.00 30.70 ? 2061 HOH A O     1 
HETATM 1343 O  O     . HOH H 8 .   ? 16.647  -6.894  -6.894  1.00 39.45 ? 2062 HOH A O     1 
HETATM 1344 O  O     . HOH H 8 .   ? 14.724  -9.689  -9.402  1.00 36.24 ? 2063 HOH A O     1 
HETATM 1345 O  O     . HOH H 8 .   ? 13.639  -13.097 -4.785  1.00 29.13 ? 2064 HOH A O     1 
HETATM 1346 O  O     . HOH H 8 .   ? 16.594  -7.288  -0.828  1.00 18.65 ? 2065 HOH A O     1 
HETATM 1347 O  O     . HOH H 8 .   ? 17.575  -5.949  -4.026  1.00 22.54 ? 2066 HOH A O     1 
HETATM 1348 O  O     . HOH H 8 .   ? 16.870  -5.453  -9.008  1.00 38.67 ? 2067 HOH A O     1 
HETATM 1349 O  O     . HOH H 8 .   ? -15.526 5.842   6.287   1.00 39.93 ? 2068 HOH A O     1 
HETATM 1350 O  O     . HOH H 8 .   ? 12.902  -2.947  -12.064 1.00 36.65 ? 2069 HOH A O     1 
HETATM 1351 O  O     . HOH H 8 .   ? 12.786  3.378   -11.133 1.00 23.09 ? 2070 HOH A O     1 
HETATM 1352 O  O     . HOH H 8 .   ? 10.674  -0.177  -12.468 1.00 42.75 ? 2071 HOH A O     1 
HETATM 1353 O  O     . HOH H 8 .   ? 17.867  0.965   -8.542  1.00 45.66 ? 2072 HOH A O     1 
HETATM 1354 O  O     . HOH H 8 .   ? 14.726  6.334   -10.174 1.00 36.17 ? 2073 HOH A O     1 
HETATM 1355 O  O     . HOH H 8 .   ? 15.016  3.647   -9.833  1.00 28.91 ? 2074 HOH A O     1 
HETATM 1356 O  O     . HOH H 8 .   ? 17.872  5.005   -6.087  1.00 40.77 ? 2075 HOH A O     1 
HETATM 1357 O  O     . HOH H 8 .   ? 11.940  5.681   -12.334 1.00 27.54 ? 2076 HOH A O     1 
HETATM 1358 O  O     . HOH H 8 .   ? 5.824   1.123   -18.300 1.00 38.07 ? 2077 HOH A O     1 
HETATM 1359 O  O     . HOH H 8 .   ? 3.465   12.957  -10.821 1.00 16.21 ? 2078 HOH A O     1 
HETATM 1360 O  O     . HOH H 8 .   ? 5.931   12.826  -9.029  1.00 14.20 ? 2079 HOH A O     1 
HETATM 1361 O  O     . HOH H 8 .   ? 4.995   10.987  -12.059 1.00 23.33 ? 2080 HOH A O     1 
HETATM 1362 O  O     . HOH H 8 .   ? 12.627  7.906   -10.928 1.00 21.47 ? 2081 HOH A O     1 
HETATM 1363 O  O     . HOH H 8 .   ? 6.292   12.668  -13.150 1.00 16.24 ? 2082 HOH A O     1 
HETATM 1364 O  O     . HOH H 8 .   ? 11.547  12.013  -6.946  1.00 41.41 ? 2083 HOH A O     1 
HETATM 1365 O  O     . HOH H 8 .   ? 7.770   12.187  -7.493  1.00 14.93 ? 2084 HOH A O     1 
HETATM 1366 O  O     . HOH H 8 .   ? 3.654   9.675   -17.572 1.00 32.70 ? 2085 HOH A O     1 
HETATM 1367 O  O     . HOH H 8 .   ? 3.272   7.038   -17.854 1.00 46.55 ? 2086 HOH A O     1 
HETATM 1368 O  O     . HOH H 8 .   ? 5.832   4.727   -18.056 1.00 42.57 ? 2087 HOH A O     1 
HETATM 1369 O  O     . HOH H 8 .   ? 4.037   12.581  -19.023 1.00 32.47 ? 2088 HOH A O     1 
HETATM 1370 O  O     . HOH H 8 .   ? 1.716   13.333  -18.507 1.00 32.77 ? 2089 HOH A O     1 
HETATM 1371 O  O     . HOH H 8 .   ? -0.963  12.157  -10.593 1.00 11.21 ? 2090 HOH A O     1 
HETATM 1372 O  O     . HOH H 8 .   ? 1.369   12.109  -9.265  1.00 15.86 ? 2091 HOH A O     1 
HETATM 1373 O  O     . HOH H 8 .   ? -3.262  12.150  -11.234 1.00 31.39 ? 2092 HOH A O     1 
HETATM 1374 O  O     . HOH H 8 .   ? 3.379   -3.915  1.898   1.00 10.84 ? 2093 HOH A O     1 
HETATM 1375 O  O     . HOH H 8 .   ? 9.014   -14.469 3.720   1.00 38.22 ? 2094 HOH A O     1 
HETATM 1376 O  O     . HOH H 8 .   ? 16.321  -10.341 2.494   1.00 34.00 ? 2095 HOH A O     1 
HETATM 1377 O  O     . HOH H 8 .   ? 17.423  -10.479 6.911   1.00 36.58 ? 2096 HOH A O     1 
HETATM 1378 O  O     . HOH H 8 .   ? 16.392  -8.809  5.393   1.00 40.29 ? 2097 HOH A O     1 
HETATM 1379 O  O     . HOH H 8 .   ? 13.830  -12.589 -1.636  1.00 24.83 ? 2098 HOH A O     1 
HETATM 1380 O  O     . HOH H 8 .   ? 19.553  -12.227 1.054   1.00 43.85 ? 2099 HOH A O     1 
HETATM 1381 O  O     . HOH H 8 .   ? 15.522  -13.367 -3.174  1.00 35.65 ? 2100 HOH A O     1 
HETATM 1382 O  O     . HOH H 8 .   ? 12.340  -15.625 4.710   1.00 25.98 ? 2101 HOH A O     1 
HETATM 1383 O  O     . HOH H 8 .   ? 17.287  -12.843 2.883   1.00 49.22 ? 2102 HOH A O     1 
HETATM 1384 O  O     . HOH H 8 .   ? 8.448   -12.040 2.475   1.00 30.42 ? 2103 HOH A O     1 
HETATM 1385 O  O     . HOH H 8 .   ? 15.507  1.685   4.548   1.00 26.91 ? 2104 HOH A O     1 
HETATM 1386 O  O     . HOH H 8 .   ? 13.393  -0.552  9.207   1.00 19.33 ? 2105 HOH A O     1 
HETATM 1387 O  O     . HOH H 8 .   ? 12.031  7.533   5.388   1.00 36.06 ? 2106 HOH A O     1 
HETATM 1388 O  O     . HOH H 8 .   ? 13.686  8.307   2.135   1.00 22.70 ? 2107 HOH A O     1 
HETATM 1389 O  O     . HOH H 8 .   ? 15.872  5.013   4.592   1.00 35.42 ? 2108 HOH A O     1 
HETATM 1390 O  O     . HOH H 8 .   ? 15.295  8.464   -1.436  1.00 30.72 ? 2109 HOH A O     1 
HETATM 1391 O  O     . HOH H 8 .   ? 15.862  8.358   0.435   1.00 30.92 ? 2110 HOH A O     1 
HETATM 1392 O  O     . HOH H 8 .   ? 19.145  -2.692  0.823   1.00 47.28 ? 2111 HOH A O     1 
HETATM 1393 O  O     . HOH H 8 .   ? 13.466  9.952   -1.217  1.00 26.67 ? 2112 HOH A O     1 
HETATM 1394 O  O     . HOH H 8 .   ? 12.797  10.231  3.932   1.00 40.35 ? 2113 HOH A O     1 
HETATM 1395 O  O     . HOH H 8 .   ? 11.878  12.362  6.266   1.00 40.08 ? 2114 HOH A O     1 
HETATM 1396 O  O     . HOH H 8 .   ? 8.019   15.428  -0.144  1.00 37.70 ? 2115 HOH A O     1 
HETATM 1397 O  O     . HOH H 8 .   ? 13.249  12.024  -3.668  1.00 30.32 ? 2116 HOH A O     1 
HETATM 1398 O  O     . HOH H 8 .   ? 8.869   16.581  -3.331  1.00 29.41 ? 2117 HOH A O     1 
HETATM 1399 O  O     . HOH H 8 .   ? 12.352  15.163  -4.777  1.00 29.67 ? 2118 HOH A O     1 
HETATM 1400 O  O     . HOH H 8 .   ? 9.681   13.532  -5.817  1.00 17.32 ? 2119 HOH A O     1 
HETATM 1401 O  O     . HOH H 8 .   ? 11.482  16.010  2.574   1.00 40.27 ? 2120 HOH A O     1 
HETATM 1402 O  O     . HOH H 8 .   ? 8.226   8.277   11.115  1.00 33.00 ? 2121 HOH A O     1 
HETATM 1403 O  O     . HOH H 8 .   ? 7.511   10.367  11.354  1.00 40.41 ? 2122 HOH A O     1 
HETATM 1404 O  O     . HOH H 8 .   ? 9.869   6.264   11.099  1.00 42.94 ? 2123 HOH A O     1 
HETATM 1405 O  O     . HOH H 8 .   ? 0.790   0.126   10.813  1.00 15.29 ? 2124 HOH A O     1 
HETATM 1406 O  O     . HOH H 8 .   ? -5.598  2.985   21.371  0.33 15.38 ? 2125 HOH A O     1 
HETATM 1407 O  O     . HOH H 8 .   ? -6.333  -1.157  19.347  1.00 18.73 ? 2126 HOH A O     1 
HETATM 1408 O  O     . HOH H 8 .   ? -8.585  4.468   14.402  1.00 38.69 ? 2127 HOH A O     1 
HETATM 1409 O  O     . HOH H 8 .   ? -10.916 -3.052  13.533  1.00 27.73 ? 2128 HOH A O     1 
HETATM 1410 O  O     . HOH H 8 .   ? -12.065 0.528   11.296  1.00 36.05 ? 2129 HOH A O     1 
HETATM 1411 O  O     . HOH H 8 .   ? -4.796  -7.434  19.925  1.00 27.81 ? 2130 HOH A O     1 
HETATM 1412 O  O     . HOH H 8 .   ? -7.482  -8.822  18.960  1.00 44.56 ? 2131 HOH A O     1 
HETATM 1413 O  O     . HOH H 8 .   ? -9.906  2.688   19.199  1.00 41.91 ? 2132 HOH A O     1 
HETATM 1414 O  O     . HOH H 8 .   ? -13.859 0.087   17.821  1.00 48.04 ? 2133 HOH A O     1 
HETATM 1415 O  O     . HOH H 8 .   ? -10.852 -7.232  19.938  1.00 49.10 ? 2134 HOH A O     1 
HETATM 1416 O  O     . HOH H 8 .   ? -11.045 -11.139 15.542  1.00 51.39 ? 2135 HOH A O     1 
HETATM 1417 O  O     . HOH H 8 .   ? -5.922  -13.857 16.263  1.00 46.98 ? 2136 HOH A O     1 
HETATM 1418 O  O     . HOH H 8 .   ? -1.145  -4.485  11.160  1.00 21.25 ? 2137 HOH A O     1 
HETATM 1419 O  O     . HOH H 8 .   ? 5.956   -4.319  13.920  1.00 14.00 ? 2138 HOH A O     1 
HETATM 1420 O  O     . HOH H 8 .   ? 9.219   -0.236  10.020  1.00 21.84 ? 2139 HOH A O     1 
HETATM 1421 O  O     . HOH H 8 .   ? 7.195   2.248   9.943   1.00 18.18 ? 2140 HOH A O     1 
HETATM 1422 O  O     . HOH H 8 .   ? 3.517   -0.426  11.090  1.00 18.82 ? 2141 HOH A O     1 
HETATM 1423 O  O     . HOH H 8 .   ? -0.050  -2.084  7.403   1.00 21.86 ? 2142 HOH A O     1 
HETATM 1424 O  O     . HOH H 8 .   ? 6.907   5.634   7.616   1.00 21.76 ? 2143 HOH A O     1 
HETATM 1425 O  O     . HOH H 8 .   ? 15.402  9.027   -6.208  1.00 34.06 ? 2144 HOH A O     1 
HETATM 1426 O  O     . HOH H 8 .   ? 14.923  7.889   -3.968  1.00 32.33 ? 2145 HOH A O     1 
HETATM 1427 O  O     . HOH H 8 .   ? 2.814   16.683  -2.080  1.00 24.82 ? 2146 HOH A O     1 
HETATM 1428 O  O     . HOH H 8 .   ? 5.790   16.219  -1.191  1.00 33.61 ? 2147 HOH A O     1 
HETATM 1429 O  O     . HOH H 8 .   ? 0.036   13.298  -7.778  1.00 12.86 ? 2148 HOH A O     1 
HETATM 1430 O  O     . HOH H 8 .   ? 4.309   12.351  -7.377  1.00 15.41 ? 2149 HOH A O     1 
HETATM 1431 O  O     . HOH H 8 .   ? -3.815  -7.345  2.169   1.00 28.45 ? 2150 HOH A O     1 
HETATM 1432 O  O     . HOH H 8 .   ? -9.056  -7.608  2.206   1.00 37.53 ? 2151 HOH A O     1 
HETATM 1433 O  O     . HOH H 8 .   ? -8.841  -14.708 2.717   1.00 49.69 ? 2152 HOH A O     1 
HETATM 1434 O  O     . HOH H 8 .   ? -7.347  -13.833 8.120   1.00 45.10 ? 2153 HOH A O     1 
HETATM 1435 O  O     . HOH H 8 .   ? -12.650 -1.816  3.783   1.00 44.33 ? 2154 HOH A O     1 
HETATM 1436 O  O     . HOH H 8 .   ? -10.605 -1.426  10.201  1.00 32.49 ? 2155 HOH A O     1 
HETATM 1437 O  O     . HOH H 8 .   ? -14.425 -0.120  11.932  1.00 45.19 ? 2156 HOH A O     1 
HETATM 1438 O  O     . HOH H 8 .   ? -14.134 3.392   7.856   1.00 42.19 ? 2157 HOH A O     1 
HETATM 1439 O  O     . HOH H 8 .   ? -10.326 4.986   11.510  1.00 38.53 ? 2158 HOH A O     1 
HETATM 1440 O  O     . HOH H 8 .   ? -11.820 9.222   2.313   1.00 29.82 ? 2159 HOH A O     1 
HETATM 1441 O  O     . HOH H 8 .   ? -11.583 12.371  3.782   1.00 31.48 ? 2160 HOH A O     1 
HETATM 1442 O  O     . HOH H 8 .   ? -6.769  20.996  6.401   1.00 37.47 ? 2161 HOH A O     1 
HETATM 1443 O  O     . HOH H 8 .   ? -3.462  13.701  -4.954  1.00 30.42 ? 2162 HOH A O     1 
HETATM 1444 O  O     . HOH H 8 .   ? -3.049  21.788  -4.019  1.00 42.35 ? 2163 HOH A O     1 
HETATM 1445 O  O     . HOH H 8 .   ? -0.200  -10.520 6.856   1.00 28.55 ? 2164 HOH A O     1 
HETATM 1446 O  O     . HOH H 8 .   ? 1.595   -10.043 -0.991  1.00 30.89 ? 2165 HOH A O     1 
HETATM 1447 O  O     . HOH H 8 .   ? 6.018   -12.031 6.047   1.00 23.69 ? 2166 HOH A O     1 
HETATM 1448 O  O     . HOH H 8 .   ? 6.490   6.862   10.126  1.00 22.50 ? 2167 HOH A O     1 
HETATM 1449 O  O     . HOH H 8 .   ? 8.607   4.150   13.605  1.00 39.89 ? 2168 HOH A O     1 
# 
loop_
_pdbx_poly_seq_scheme.asym_id 
_pdbx_poly_seq_scheme.entity_id 
_pdbx_poly_seq_scheme.seq_id 
_pdbx_poly_seq_scheme.mon_id 
_pdbx_poly_seq_scheme.ndb_seq_num 
_pdbx_poly_seq_scheme.pdb_seq_num 
_pdbx_poly_seq_scheme.auth_seq_num 
_pdbx_poly_seq_scheme.pdb_mon_id 
_pdbx_poly_seq_scheme.auth_mon_id 
_pdbx_poly_seq_scheme.pdb_strand_id 
_pdbx_poly_seq_scheme.pdb_ins_code 
_pdbx_poly_seq_scheme.hetero 
A 1 1   VAL 1   1   ?   ?   ?   A . n 
A 1 2   PRO 2   2   ?   ?   ?   A . n 
A 1 3   GLY 3   3   3   GLY GLY A . n 
A 1 4   PRO 4   4   4   PRO PRO A . n 
A 1 5   GLU 5   5   5   GLU GLU A . n 
A 1 6   TYR 6   6   6   TYR TYR A . n 
A 1 7   LYS 7   7   7   LYS LYS A . n 
A 1 8   VAL 8   8   8   VAL VAL A . n 
A 1 9   ALA 9   9   9   ALA ALA A . n 
A 1 10  ILE 10  10  10  ILE ILE A . n 
A 1 11  LEU 11  11  11  LEU LEU A . n 
A 1 12  THR 12  12  12  THR THR A . n 
A 1 13  VAL 13  13  13  VAL VAL A . n 
A 1 14  SER 14  14  14  SER SER A . n 
A 1 15  ASP 15  15  15  ASP ASP A . n 
A 1 16  THR 16  16  16  THR THR A . n 
A 1 17  VAL 17  17  17  VAL VAL A . n 
A 1 18  SER 18  18  18  SER SER A . n 
A 1 19  ALA 19  19  19  ALA ALA A . n 
A 1 20  GLY 20  20  20  GLY GLY A . n 
A 1 21  ALA 21  21  21  ALA ALA A . n 
A 1 22  GLY 22  22  22  GLY GLY A . n 
A 1 23  PRO 23  23  23  PRO PRO A . n 
A 1 24  ASP 24  24  24  ASP ASP A . n 
A 1 25  ARG 25  25  25  ARG ARG A . n 
A 1 26  SER 26  26  26  SER SER A . n 
A 1 27  GLY 27  27  27  GLY GLY A . n 
A 1 28  PRO 28  28  28  PRO PRO A . n 
A 1 29  ARG 29  29  29  ARG ARG A . n 
A 1 30  ALA 30  30  30  ALA ALA A . n 
A 1 31  VAL 31  31  31  VAL VAL A . n 
A 1 32  SER 32  32  32  SER SER A . n 
A 1 33  VAL 33  33  33  VAL VAL A . n 
A 1 34  VAL 34  34  34  VAL VAL A . n 
A 1 35  ASP 35  35  35  ASP ASP A . n 
A 1 36  SER 36  36  36  SER SER A . n 
A 1 37  SER 37  37  37  SER SER A . n 
A 1 38  SER 38  38  38  SER SER A . n 
A 1 39  GLU 39  39  39  GLU GLU A . n 
A 1 40  LYS 40  40  40  LYS LYS A . n 
A 1 41  LEU 41  41  41  LEU LEU A . n 
A 1 42  GLY 42  42  42  GLY GLY A . n 
A 1 43  GLY 43  43  43  GLY GLY A . n 
A 1 44  ALA 44  44  44  ALA ALA A . n 
A 1 45  LYS 45  45  45  LYS LYS A . n 
A 1 46  VAL 46  46  46  VAL VAL A . n 
A 1 47  VAL 47  47  47  VAL VAL A . n 
A 1 48  ALA 48  48  48  ALA ALA A . n 
A 1 49  THR 49  49  49  THR THR A . n 
A 1 50  ALA 50  50  50  ALA ALA A . n 
A 1 51  VAL 51  51  51  VAL VAL A . n 
A 1 52  VAL 52  52  52  VAL VAL A . n 
A 1 53  PRO 53  53  53  PRO PRO A . n 
A 1 54  ASP 54  54  54  ASP ASP A . n 
A 1 55  GLU 55  55  55  GLU GLU A . n 
A 1 56  VAL 56  56  56  VAL VAL A . n 
A 1 57  GLU 57  57  57  GLU GLU A . n 
A 1 58  ARG 58  58  58  ARG ARG A . n 
A 1 59  ILE 59  59  59  ILE ILE A . n 
A 1 60  LYS 60  60  60  LYS LYS A . n 
A 1 61  ASP 61  61  61  ASP ASP A . n 
A 1 62  ILE 62  62  62  ILE ILE A . n 
A 1 63  LEU 63  63  63  LEU LEU A . n 
A 1 64  GLN 64  64  64  GLN GLN A . n 
A 1 65  LYS 65  65  65  LYS LYS A . n 
A 1 66  TRP 66  66  66  TRP TRP A . n 
A 1 67  SER 67  67  67  SER SER A . n 
A 1 68  ASP 68  68  68  ASP ASP A . n 
A 1 69  VAL 69  69  69  VAL VAL A . n 
A 1 70  ASP 70  70  70  ASP ASP A . n 
A 1 71  GLU 71  71  71  GLU GLU A . n 
A 1 72  MET 72  72  72  MET MET A . n 
A 1 73  ASP 73  73  73  ASP ASP A . n 
A 1 74  LEU 74  74  74  LEU LEU A . n 
A 1 75  ILE 75  75  75  ILE ILE A . n 
A 1 76  LEU 76  76  76  LEU LEU A . n 
A 1 77  THR 77  77  77  THR THR A . n 
A 1 78  LEU 78  78  78  LEU LEU A . n 
A 1 79  GLY 79  79  79  GLY GLY A . n 
A 1 80  GLY 80  80  80  GLY GLY A . n 
A 1 81  THR 81  81  81  THR THR A . n 
A 1 82  GLY 82  82  82  GLY GLY A . n 
A 1 83  PHE 83  83  83  PHE PHE A . n 
A 1 84  THR 84  84  84  THR THR A . n 
A 1 85  PRO 85  85  85  PRO PRO A . n 
A 1 86  ARG 86  86  86  ARG ARG A . n 
A 1 87  ASP 87  87  87  ASP ASP A . n 
A 1 88  VAL 88  88  88  VAL VAL A . n 
A 1 89  THR 89  89  89  THR THR A . n 
A 1 90  PRO 90  90  90  PRO PRO A . n 
A 1 91  GLU 91  91  91  GLU GLU A . n 
A 1 92  ALA 92  92  92  ALA ALA A . n 
A 1 93  THR 93  93  93  THR THR A . n 
A 1 94  LYS 94  94  94  LYS LYS A . n 
A 1 95  LYS 95  95  95  LYS LYS A . n 
A 1 96  VAL 96  96  96  VAL VAL A . n 
A 1 97  ILE 97  97  97  ILE ILE A . n 
A 1 98  GLU 98  98  98  GLU GLU A . n 
A 1 99  ARG 99  99  99  ARG ARG A . n 
A 1 100 GLU 100 100 100 GLU GLU A . n 
A 1 101 THR 101 101 101 THR THR A . n 
A 1 102 PRO 102 102 102 PRO PRO A . n 
A 1 103 GLY 103 103 103 GLY GLY A . n 
A 1 104 LEU 104 104 104 LEU LEU A . n 
A 1 105 LEU 105 105 105 LEU LEU A . n 
A 1 106 PHE 106 106 106 PHE PHE A . n 
A 1 107 VAL 107 107 107 VAL VAL A . n 
A 1 108 MET 108 108 108 MET MET A . n 
A 1 109 MET 109 109 109 MET MET A . n 
A 1 110 GLN 110 110 110 GLN GLN A . n 
A 1 111 GLU 111 111 111 GLU GLU A . n 
A 1 112 SER 112 112 112 SER SER A . n 
A 1 113 LEU 113 113 113 LEU LEU A . n 
A 1 114 LYS 114 114 114 LYS LYS A . n 
A 1 115 ILE 115 115 115 ILE ILE A . n 
A 1 116 THR 116 116 116 THR THR A . n 
A 1 117 PRO 117 117 117 PRO PRO A . n 
A 1 118 PHE 118 118 118 PHE PHE A . n 
A 1 119 ALA 119 119 119 ALA ALA A . n 
A 1 120 MET 120 120 120 MET MET A . n 
A 1 121 LEU 121 121 121 LEU LEU A . n 
A 1 122 ALA 122 122 122 ALA ALA A . n 
A 1 123 ARG 123 123 123 ARG ARG A . n 
A 1 124 SER 124 124 124 SER SER A . n 
A 1 125 ALA 125 125 125 ALA ALA A . n 
A 1 126 ALA 126 126 126 ALA ALA A . n 
A 1 127 GLY 127 127 127 GLY GLY A . n 
A 1 128 ILE 128 128 128 ILE ILE A . n 
A 1 129 ARG 129 129 129 ARG ARG A . n 
A 1 130 GLY 130 130 130 GLY GLY A . n 
A 1 131 SER 131 131 131 SER SER A . n 
A 1 132 THR 132 132 132 THR THR A . n 
A 1 133 LEU 133 133 133 LEU LEU A . n 
A 1 134 ILE 134 134 134 ILE ILE A . n 
A 1 135 ILE 135 135 135 ILE ILE A . n 
A 1 136 ASN 136 136 136 ASN ASN A . n 
A 1 137 MET 137 137 137 MET MET A . n 
A 1 138 PRO 138 138 138 PRO PRO A . n 
A 1 139 GLY 139 139 139 GLY GLY A . n 
A 1 140 ASN 140 140 140 ASN ASN A . n 
A 1 141 PRO 141 141 141 PRO PRO A . n 
A 1 142 ASN 142 142 142 ASN ASN A . n 
A 1 143 ALA 143 143 143 ALA ALA A . n 
A 1 144 VAL 144 144 144 VAL VAL A . n 
A 1 145 ALA 145 145 145 ALA ALA A . n 
A 1 146 GLU 146 146 146 GLU GLU A . n 
A 1 147 CYS 147 147 147 CYS CYS A . n 
A 1 148 MET 148 148 148 MET MET A . n 
A 1 149 GLU 149 149 149 GLU GLU A . n 
A 1 150 ALA 150 150 150 ALA ALA A . n 
A 1 151 LEU 151 151 151 LEU LEU A . n 
A 1 152 LEU 152 152 152 LEU LEU A . n 
A 1 153 PRO 153 153 153 PRO PRO A . n 
A 1 154 ALA 154 154 154 ALA ALA A . n 
A 1 155 LEU 155 155 155 LEU LEU A . n 
A 1 156 LYS 156 156 156 LYS LYS A . n 
A 1 157 HIS 157 157 157 HIS HIS A . n 
A 1 158 ALA 158 158 158 ALA ALA A . n 
A 1 159 LEU 159 159 159 LEU LEU A . n 
A 1 160 LYS 160 160 160 LYS LYS A . n 
A 1 161 GLN 161 161 161 GLN GLN A . n 
A 1 162 ILE 162 162 162 ILE ILE A . n 
A 1 163 LYS 163 163 163 LYS LYS A . n 
A 1 164 GLY 164 164 ?   ?   ?   A . n 
A 1 165 ASP 165 165 ?   ?   ?   A . n 
A 1 166 LYS 166 166 ?   ?   ?   A . n 
A 1 167 ARG 167 167 ?   ?   ?   A . n 
# 
loop_
_pdbx_nonpoly_scheme.asym_id 
_pdbx_nonpoly_scheme.entity_id 
_pdbx_nonpoly_scheme.mon_id 
_pdbx_nonpoly_scheme.ndb_seq_num 
_pdbx_nonpoly_scheme.pdb_seq_num 
_pdbx_nonpoly_scheme.auth_seq_num 
_pdbx_nonpoly_scheme.pdb_mon_id 
_pdbx_nonpoly_scheme.auth_mon_id 
_pdbx_nonpoly_scheme.pdb_strand_id 
_pdbx_nonpoly_scheme.pdb_ins_code 
B 2 MTE 1   1164 1164 MTE MTE A . 
C 3 AMP 1   1165 1165 AMP AMP A . 
D 4 PPI 1   1166 1166 PPI PPI A . 
E 5 IMD 1   1167 1167 IMD IMD A . 
F 6 FMT 1   1168 1168 FMT FMT A . 
G 7 CU1 1   1169 1169 CU1 CU1 A . 
H 8 HOH 1   2001 2001 HOH HOH A . 
H 8 HOH 2   2002 2002 HOH HOH A . 
H 8 HOH 3   2003 2003 HOH HOH A . 
H 8 HOH 4   2004 2004 HOH HOH A . 
H 8 HOH 5   2005 2005 HOH HOH A . 
H 8 HOH 6   2006 2006 HOH HOH A . 
H 8 HOH 7   2007 2007 HOH HOH A . 
H 8 HOH 8   2008 2008 HOH HOH A . 
H 8 HOH 9   2009 2009 HOH HOH A . 
H 8 HOH 10  2010 2010 HOH HOH A . 
H 8 HOH 11  2011 2011 HOH HOH A . 
H 8 HOH 12  2012 2012 HOH HOH A . 
H 8 HOH 13  2013 2013 HOH HOH A . 
H 8 HOH 14  2014 2014 HOH HOH A . 
H 8 HOH 15  2015 2015 HOH HOH A . 
H 8 HOH 16  2016 2016 HOH HOH A . 
H 8 HOH 17  2017 2017 HOH HOH A . 
H 8 HOH 18  2018 2018 HOH HOH A . 
H 8 HOH 19  2019 2019 HOH HOH A . 
H 8 HOH 20  2020 2020 HOH HOH A . 
H 8 HOH 21  2021 2021 HOH HOH A . 
H 8 HOH 22  2022 2022 HOH HOH A . 
H 8 HOH 23  2023 2023 HOH HOH A . 
H 8 HOH 24  2024 2024 HOH HOH A . 
H 8 HOH 25  2025 2025 HOH HOH A . 
H 8 HOH 26  2026 2026 HOH HOH A . 
H 8 HOH 27  2027 2027 HOH HOH A . 
H 8 HOH 28  2028 2028 HOH HOH A . 
H 8 HOH 29  2029 2029 HOH HOH A . 
H 8 HOH 30  2030 2030 HOH HOH A . 
H 8 HOH 31  2031 2031 HOH HOH A . 
H 8 HOH 32  2032 2032 HOH HOH A . 
H 8 HOH 33  2033 2033 HOH HOH A . 
H 8 HOH 34  2034 2034 HOH HOH A . 
H 8 HOH 35  2035 2035 HOH HOH A . 
H 8 HOH 36  2036 2036 HOH HOH A . 
H 8 HOH 37  2037 2037 HOH HOH A . 
H 8 HOH 38  2038 2038 HOH HOH A . 
H 8 HOH 39  2039 2039 HOH HOH A . 
H 8 HOH 40  2040 2040 HOH HOH A . 
H 8 HOH 41  2041 2041 HOH HOH A . 
H 8 HOH 42  2042 2042 HOH HOH A . 
H 8 HOH 43  2043 2043 HOH HOH A . 
H 8 HOH 44  2044 2044 HOH HOH A . 
H 8 HOH 45  2045 2045 HOH HOH A . 
H 8 HOH 46  2046 2046 HOH HOH A . 
H 8 HOH 47  2047 2047 HOH HOH A . 
H 8 HOH 48  2048 2048 HOH HOH A . 
H 8 HOH 49  2049 2049 HOH HOH A . 
H 8 HOH 50  2050 2050 HOH HOH A . 
H 8 HOH 51  2051 2051 HOH HOH A . 
H 8 HOH 52  2052 2052 HOH HOH A . 
H 8 HOH 53  2053 2053 HOH HOH A . 
H 8 HOH 54  2054 2054 HOH HOH A . 
H 8 HOH 55  2055 2055 HOH HOH A . 
H 8 HOH 56  2056 2056 HOH HOH A . 
H 8 HOH 57  2057 2057 HOH HOH A . 
H 8 HOH 58  2058 2058 HOH HOH A . 
H 8 HOH 59  2059 2059 HOH HOH A . 
H 8 HOH 60  2060 2060 HOH HOH A . 
H 8 HOH 61  2061 2061 HOH HOH A . 
H 8 HOH 62  2062 2062 HOH HOH A . 
H 8 HOH 63  2063 2063 HOH HOH A . 
H 8 HOH 64  2064 2064 HOH HOH A . 
H 8 HOH 65  2065 2065 HOH HOH A . 
H 8 HOH 66  2066 2066 HOH HOH A . 
H 8 HOH 67  2067 2067 HOH HOH A . 
H 8 HOH 68  2068 2068 HOH HOH A . 
H 8 HOH 69  2069 2069 HOH HOH A . 
H 8 HOH 70  2070 2070 HOH HOH A . 
H 8 HOH 71  2071 2071 HOH HOH A . 
H 8 HOH 72  2072 2072 HOH HOH A . 
H 8 HOH 73  2073 2073 HOH HOH A . 
H 8 HOH 74  2074 2074 HOH HOH A . 
H 8 HOH 75  2075 2075 HOH HOH A . 
H 8 HOH 76  2076 2076 HOH HOH A . 
H 8 HOH 77  2077 2077 HOH HOH A . 
H 8 HOH 78  2078 2078 HOH HOH A . 
H 8 HOH 79  2079 2079 HOH HOH A . 
H 8 HOH 80  2080 2080 HOH HOH A . 
H 8 HOH 81  2081 2081 HOH HOH A . 
H 8 HOH 82  2082 2082 HOH HOH A . 
H 8 HOH 83  2083 2083 HOH HOH A . 
H 8 HOH 84  2084 2084 HOH HOH A . 
H 8 HOH 85  2085 2085 HOH HOH A . 
H 8 HOH 86  2086 2086 HOH HOH A . 
H 8 HOH 87  2087 2087 HOH HOH A . 
H 8 HOH 88  2088 2088 HOH HOH A . 
H 8 HOH 89  2089 2089 HOH HOH A . 
H 8 HOH 90  2090 2090 HOH HOH A . 
H 8 HOH 91  2091 2091 HOH HOH A . 
H 8 HOH 92  2092 2092 HOH HOH A . 
H 8 HOH 93  2093 2093 HOH HOH A . 
H 8 HOH 94  2094 2094 HOH HOH A . 
H 8 HOH 95  2095 2095 HOH HOH A . 
H 8 HOH 96  2096 2096 HOH HOH A . 
H 8 HOH 97  2097 2097 HOH HOH A . 
H 8 HOH 98  2098 2098 HOH HOH A . 
H 8 HOH 99  2099 2099 HOH HOH A . 
H 8 HOH 100 2100 2100 HOH HOH A . 
H 8 HOH 101 2101 2101 HOH HOH A . 
H 8 HOH 102 2102 2102 HOH HOH A . 
H 8 HOH 103 2103 2103 HOH HOH A . 
H 8 HOH 104 2104 2104 HOH HOH A . 
H 8 HOH 105 2105 2105 HOH HOH A . 
H 8 HOH 106 2106 2106 HOH HOH A . 
H 8 HOH 107 2107 2107 HOH HOH A . 
H 8 HOH 108 2108 2108 HOH HOH A . 
H 8 HOH 109 2109 2109 HOH HOH A . 
H 8 HOH 110 2110 2110 HOH HOH A . 
H 8 HOH 111 2111 2111 HOH HOH A . 
H 8 HOH 112 2112 2112 HOH HOH A . 
H 8 HOH 113 2113 2113 HOH HOH A . 
H 8 HOH 114 2114 2114 HOH HOH A . 
H 8 HOH 115 2115 2115 HOH HOH A . 
H 8 HOH 116 2116 2116 HOH HOH A . 
H 8 HOH 117 2117 2117 HOH HOH A . 
H 8 HOH 118 2118 2118 HOH HOH A . 
H 8 HOH 119 2119 2119 HOH HOH A . 
H 8 HOH 120 2120 2120 HOH HOH A . 
H 8 HOH 121 2121 2121 HOH HOH A . 
H 8 HOH 122 2122 2122 HOH HOH A . 
H 8 HOH 123 2123 2123 HOH HOH A . 
H 8 HOH 124 2124 2124 HOH HOH A . 
H 8 HOH 125 2125 2125 HOH HOH A . 
H 8 HOH 126 2126 2126 HOH HOH A . 
H 8 HOH 127 2127 2127 HOH HOH A . 
H 8 HOH 128 2128 2128 HOH HOH A . 
H 8 HOH 129 2129 2129 HOH HOH A . 
H 8 HOH 130 2130 2130 HOH HOH A . 
H 8 HOH 131 2131 2131 HOH HOH A . 
H 8 HOH 132 2132 2132 HOH HOH A . 
H 8 HOH 133 2133 2133 HOH HOH A . 
H 8 HOH 134 2134 2134 HOH HOH A . 
H 8 HOH 135 2135 2135 HOH HOH A . 
H 8 HOH 136 2136 2136 HOH HOH A . 
H 8 HOH 137 2137 2137 HOH HOH A . 
H 8 HOH 138 2138 2138 HOH HOH A . 
H 8 HOH 139 2139 2139 HOH HOH A . 
H 8 HOH 140 2140 2140 HOH HOH A . 
H 8 HOH 141 2141 2141 HOH HOH A . 
H 8 HOH 142 2142 2142 HOH HOH A . 
H 8 HOH 143 2143 2143 HOH HOH A . 
H 8 HOH 144 2144 2144 HOH HOH A . 
H 8 HOH 145 2145 2145 HOH HOH A . 
H 8 HOH 146 2146 2146 HOH HOH A . 
H 8 HOH 147 2147 2147 HOH HOH A . 
H 8 HOH 148 2148 2148 HOH HOH A . 
H 8 HOH 149 2149 2149 HOH HOH A . 
H 8 HOH 150 2150 2150 HOH HOH A . 
H 8 HOH 151 2151 2151 HOH HOH A . 
H 8 HOH 152 2152 2152 HOH HOH A . 
H 8 HOH 153 2153 2153 HOH HOH A . 
H 8 HOH 154 2154 2154 HOH HOH A . 
H 8 HOH 155 2155 2155 HOH HOH A . 
H 8 HOH 156 2156 2156 HOH HOH A . 
H 8 HOH 157 2157 2157 HOH HOH A . 
H 8 HOH 158 2158 2158 HOH HOH A . 
H 8 HOH 159 2159 2159 HOH HOH A . 
H 8 HOH 160 2160 2160 HOH HOH A . 
H 8 HOH 161 2161 2161 HOH HOH A . 
H 8 HOH 162 2162 2162 HOH HOH A . 
H 8 HOH 163 2163 2163 HOH HOH A . 
H 8 HOH 164 2164 2164 HOH HOH A . 
H 8 HOH 165 2165 2165 HOH HOH A . 
H 8 HOH 166 2166 2166 HOH HOH A . 
H 8 HOH 167 2167 2167 HOH HOH A . 
H 8 HOH 168 2168 2168 HOH HOH A . 
# 
_pdbx_struct_assembly.id                   1 
_pdbx_struct_assembly.details              author_and_software_defined_assembly 
_pdbx_struct_assembly.method_details       PQS 
_pdbx_struct_assembly.oligomeric_details   trimeric 
_pdbx_struct_assembly.oligomeric_count     3 
# 
_pdbx_struct_assembly_gen.assembly_id       1 
_pdbx_struct_assembly_gen.oper_expression   1,2,3 
_pdbx_struct_assembly_gen.asym_id_list      A,B,C,D,E,F,G,H 
# 
loop_
_pdbx_struct_oper_list.id 
_pdbx_struct_oper_list.type 
_pdbx_struct_oper_list.name 
_pdbx_struct_oper_list.symmetry_operation 
_pdbx_struct_oper_list.matrix[1][1] 
_pdbx_struct_oper_list.matrix[1][2] 
_pdbx_struct_oper_list.matrix[1][3] 
_pdbx_struct_oper_list.vector[1] 
_pdbx_struct_oper_list.matrix[2][1] 
_pdbx_struct_oper_list.matrix[2][2] 
_pdbx_struct_oper_list.matrix[2][3] 
_pdbx_struct_oper_list.vector[2] 
_pdbx_struct_oper_list.matrix[3][1] 
_pdbx_struct_oper_list.matrix[3][2] 
_pdbx_struct_oper_list.matrix[3][3] 
_pdbx_struct_oper_list.vector[3] 
1 'identity operation'         1_555  x,y,z             1.0000000000 0.0000000000  0.0000000000  0.0000000000  0.0000000000  1.0000000000  0.0000000000  0.0000000000  0.0000000000  0.0000000000  1.0000000000  0.0000000000  
2 'crystal symmetry operation' 56_656 -z+1,x+1/2,-y+3/2 0.6488612551 0.6361513639  -0.4174811538 5.0595481025  -0.1334581637 -0.4450106677 -0.8855249427 22.4901969277 -0.7491114671 0.6302990940  -0.2038505875 19.6564818105 
3 'crystal symmetry operation' 35_466 y-1/2,-z+3/2,-x+1 0.6488612551 -0.1334581637 -0.7491114671 14.4434515785 0.6361513639  -0.4450106677 0.6302990940  -5.5997235516 -0.4174811538 -0.8855249427 -0.2038505875 26.0348816909 
# 
loop_
_pdbx_struct_special_symmetry.id 
_pdbx_struct_special_symmetry.PDB_model_num 
_pdbx_struct_special_symmetry.auth_asym_id 
_pdbx_struct_special_symmetry.auth_comp_id 
_pdbx_struct_special_symmetry.auth_seq_id 
_pdbx_struct_special_symmetry.PDB_ins_code 
_pdbx_struct_special_symmetry.label_asym_id 
_pdbx_struct_special_symmetry.label_comp_id 
_pdbx_struct_special_symmetry.label_seq_id 
1 1 A HOH 2016 ? H HOH . 
2 1 A HOH 2043 ? H HOH . 
3 1 A HOH 2044 ? H HOH . 
4 1 A HOH 2125 ? H HOH . 
# 
loop_
_pdbx_struct_conn_angle.id 
_pdbx_struct_conn_angle.ptnr1_label_atom_id 
_pdbx_struct_conn_angle.ptnr1_label_alt_id 
_pdbx_struct_conn_angle.ptnr1_label_asym_id 
_pdbx_struct_conn_angle.ptnr1_label_comp_id 
_pdbx_struct_conn_angle.ptnr1_label_seq_id 
_pdbx_struct_conn_angle.ptnr1_auth_atom_id 
_pdbx_struct_conn_angle.ptnr1_auth_asym_id 
_pdbx_struct_conn_angle.ptnr1_auth_comp_id 
_pdbx_struct_conn_angle.ptnr1_auth_seq_id 
_pdbx_struct_conn_angle.ptnr1_PDB_ins_code 
_pdbx_struct_conn_angle.ptnr1_symmetry 
_pdbx_struct_conn_angle.ptnr2_label_atom_id 
_pdbx_struct_conn_angle.ptnr2_label_alt_id 
_pdbx_struct_conn_angle.ptnr2_label_asym_id 
_pdbx_struct_conn_angle.ptnr2_label_comp_id 
_pdbx_struct_conn_angle.ptnr2_label_seq_id 
_pdbx_struct_conn_angle.ptnr2_auth_atom_id 
_pdbx_struct_conn_angle.ptnr2_auth_asym_id 
_pdbx_struct_conn_angle.ptnr2_auth_comp_id 
_pdbx_struct_conn_angle.ptnr2_auth_seq_id 
_pdbx_struct_conn_angle.ptnr2_PDB_ins_code 
_pdbx_struct_conn_angle.ptnr2_symmetry 
_pdbx_struct_conn_angle.ptnr3_label_atom_id 
_pdbx_struct_conn_angle.ptnr3_label_alt_id 
_pdbx_struct_conn_angle.ptnr3_label_asym_id 
_pdbx_struct_conn_angle.ptnr3_label_comp_id 
_pdbx_struct_conn_angle.ptnr3_label_seq_id 
_pdbx_struct_conn_angle.ptnr3_auth_atom_id 
_pdbx_struct_conn_angle.ptnr3_auth_asym_id 
_pdbx_struct_conn_angle.ptnr3_auth_comp_id 
_pdbx_struct_conn_angle.ptnr3_auth_seq_id 
_pdbx_struct_conn_angle.ptnr3_PDB_ins_code 
_pdbx_struct_conn_angle.ptnr3_symmetry 
_pdbx_struct_conn_angle.value 
_pdbx_struct_conn_angle.value_esd 
1 "S2'" ? B MTE . ? A MTE 1164 ? 1_555 CU ? G CU1 . ? A CU1 1169 ? 1_555 "S1'" ? B MTE . ? A MTE 1164 ? 1_555  92.5  ? 
2 "S2'" ? B MTE . ? A MTE 1164 ? 1_555 CU ? G CU1 . ? A CU1 1169 ? 1_555 O     ? H HOH . ? A HOH 2161 ? 35_466 102.0 ? 
3 "S1'" ? B MTE . ? A MTE 1164 ? 1_555 CU ? G CU1 . ? A CU1 1169 ? 1_555 O     ? H HOH . ? A HOH 2161 ? 35_466 126.3 ? 
# 
loop_
_pdbx_audit_revision_history.ordinal 
_pdbx_audit_revision_history.data_content_type 
_pdbx_audit_revision_history.major_revision 
_pdbx_audit_revision_history.minor_revision 
_pdbx_audit_revision_history.revision_date 
1 'Structure model' 1 0 2004-08-09 
2 'Structure model' 1 1 2011-07-13 
3 'Structure model' 1 2 2023-12-13 
# 
_pdbx_audit_revision_details.ordinal             1 
_pdbx_audit_revision_details.revision_ordinal    1 
_pdbx_audit_revision_details.data_content_type   'Structure model' 
_pdbx_audit_revision_details.provider            repository 
_pdbx_audit_revision_details.type                'Initial release' 
_pdbx_audit_revision_details.description         ? 
_pdbx_audit_revision_details.details             ? 
# 
loop_
_pdbx_audit_revision_group.ordinal 
_pdbx_audit_revision_group.revision_ordinal 
_pdbx_audit_revision_group.data_content_type 
_pdbx_audit_revision_group.group 
1 2 'Structure model' Advisory                    
2 2 'Structure model' 'Version format compliance' 
3 3 'Structure model' 'Data collection'           
4 3 'Structure model' 'Database references'       
5 3 'Structure model' 'Derived calculations'      
6 3 'Structure model' Other                       
7 3 'Structure model' 'Refinement description'    
# 
loop_
_pdbx_audit_revision_category.ordinal 
_pdbx_audit_revision_category.revision_ordinal 
_pdbx_audit_revision_category.data_content_type 
_pdbx_audit_revision_category.category 
1 3 'Structure model' chem_comp_atom                
2 3 'Structure model' chem_comp_bond                
3 3 'Structure model' database_2                    
4 3 'Structure model' pdbx_database_status          
5 3 'Structure model' pdbx_initial_refinement_model 
6 3 'Structure model' pdbx_struct_conn_angle        
7 3 'Structure model' struct_conn                   
# 
loop_
_pdbx_audit_revision_item.ordinal 
_pdbx_audit_revision_item.revision_ordinal 
_pdbx_audit_revision_item.data_content_type 
_pdbx_audit_revision_item.item 
1  3 'Structure model' '_database_2.pdbx_DOI'                        
2  3 'Structure model' '_database_2.pdbx_database_accession'         
3  3 'Structure model' '_pdbx_database_status.status_code_sf'        
4  3 'Structure model' '_pdbx_struct_conn_angle.ptnr1_auth_comp_id'  
5  3 'Structure model' '_pdbx_struct_conn_angle.ptnr1_auth_seq_id'   
6  3 'Structure model' '_pdbx_struct_conn_angle.ptnr1_label_asym_id' 
7  3 'Structure model' '_pdbx_struct_conn_angle.ptnr1_label_atom_id' 
8  3 'Structure model' '_pdbx_struct_conn_angle.ptnr1_label_comp_id' 
9  3 'Structure model' '_pdbx_struct_conn_angle.ptnr1_symmetry'      
10 3 'Structure model' '_pdbx_struct_conn_angle.ptnr3_auth_comp_id'  
11 3 'Structure model' '_pdbx_struct_conn_angle.ptnr3_auth_seq_id'   
12 3 'Structure model' '_pdbx_struct_conn_angle.ptnr3_label_asym_id' 
13 3 'Structure model' '_pdbx_struct_conn_angle.ptnr3_label_atom_id' 
14 3 'Structure model' '_pdbx_struct_conn_angle.ptnr3_label_comp_id' 
15 3 'Structure model' '_pdbx_struct_conn_angle.ptnr3_symmetry'      
16 3 'Structure model' '_pdbx_struct_conn_angle.value'               
17 3 'Structure model' '_struct_conn.pdbx_dist_value'                
18 3 'Structure model' '_struct_conn.pdbx_leaving_atom_flag'         
19 3 'Structure model' '_struct_conn.ptnr1_auth_comp_id'             
20 3 'Structure model' '_struct_conn.ptnr1_auth_seq_id'              
21 3 'Structure model' '_struct_conn.ptnr1_label_asym_id'            
22 3 'Structure model' '_struct_conn.ptnr1_label_atom_id'            
23 3 'Structure model' '_struct_conn.ptnr1_label_comp_id'            
24 3 'Structure model' '_struct_conn.ptnr2_auth_comp_id'             
25 3 'Structure model' '_struct_conn.ptnr2_auth_seq_id'              
26 3 'Structure model' '_struct_conn.ptnr2_label_asym_id'            
27 3 'Structure model' '_struct_conn.ptnr2_label_atom_id'            
28 3 'Structure model' '_struct_conn.ptnr2_label_comp_id'            
29 3 'Structure model' '_struct_conn.ptnr2_symmetry'                 
# 
loop_
_pdbx_refine_tls.pdbx_refine_id 
_pdbx_refine_tls.id 
_pdbx_refine_tls.details 
_pdbx_refine_tls.method 
_pdbx_refine_tls.origin_x 
_pdbx_refine_tls.origin_y 
_pdbx_refine_tls.origin_z 
_pdbx_refine_tls.T[1][1] 
_pdbx_refine_tls.T[2][2] 
_pdbx_refine_tls.T[3][3] 
_pdbx_refine_tls.T[1][2] 
_pdbx_refine_tls.T[1][3] 
_pdbx_refine_tls.T[2][3] 
_pdbx_refine_tls.L[1][1] 
_pdbx_refine_tls.L[2][2] 
_pdbx_refine_tls.L[3][3] 
_pdbx_refine_tls.L[1][2] 
_pdbx_refine_tls.L[1][3] 
_pdbx_refine_tls.L[2][3] 
_pdbx_refine_tls.S[1][1] 
_pdbx_refine_tls.S[1][2] 
_pdbx_refine_tls.S[1][3] 
_pdbx_refine_tls.S[2][1] 
_pdbx_refine_tls.S[2][2] 
_pdbx_refine_tls.S[2][3] 
_pdbx_refine_tls.S[3][1] 
_pdbx_refine_tls.S[3][2] 
_pdbx_refine_tls.S[3][3] 
'X-RAY DIFFRACTION' 1 ? refined 0.2302  0.1010   0.1657 0.0351 0.0188 0.0325 -0.0116 -0.0116 0.0006  0.6230  0.7342  0.8677  -0.1259 0.2301  0.1953 0.0194  -0.0131 -0.0201 -0.0180 -0.0375 0.0523  0.0442 -0.0333 0.0182  
'X-RAY DIFFRACTION' 2 ? refined -0.4045 -9.2682  9.3000 0.1549 0.1091 0.0736 -0.0099 0.0077  0.0326  -2.9362 7.7248  -3.5597 -2.0287 6.8506  4.0660 -0.3724 -0.2199 -0.4013 0.4777  0.1036  -0.0527 0.1793 -0.0913 0.2690  
'X-RAY DIFFRACTION' 3 ? refined 0.6329  -14.0010 1.9755 0.1257 0.1321 0.1530 0.0073  0.0212  -0.0139 7.5298  35.9082 55.6367 9.0384  24.2578 6.3084 0.3739  -0.4921 -0.9144 0.9534  0.1938  0.1630  1.3930 -1.5058 -0.5678 
# 
loop_
_pdbx_refine_tls_group.pdbx_refine_id 
_pdbx_refine_tls_group.id 
_pdbx_refine_tls_group.refine_tls_id 
_pdbx_refine_tls_group.beg_auth_asym_id 
_pdbx_refine_tls_group.beg_auth_seq_id 
_pdbx_refine_tls_group.beg_label_asym_id 
_pdbx_refine_tls_group.beg_label_seq_id 
_pdbx_refine_tls_group.end_auth_asym_id 
_pdbx_refine_tls_group.end_auth_seq_id 
_pdbx_refine_tls_group.end_label_asym_id 
_pdbx_refine_tls_group.end_label_seq_id 
_pdbx_refine_tls_group.selection 
_pdbx_refine_tls_group.selection_details 
'X-RAY DIFFRACTION' 1 1 A 4    ? ? A 163  ? ? ? ? 
'X-RAY DIFFRACTION' 2 2 A 1164 ? ? A 1164 ? ? ? ? 
'X-RAY DIFFRACTION' 3 3 A 1165 ? ? A 1165 ? ? ? ? 
# 
loop_
_software.name 
_software.classification 
_software.version 
_software.citation_id 
_software.pdbx_ordinal 
REFMAC refinement       5.1.24 ? 1 
MOSFLM 'data reduction' .      ? 2 
SCALA  'data scaling'   .      ? 3 
AMoRE  phasing          .      ? 4 
# 
_pdbx_entry_details.entry_id                 1UUY 
_pdbx_entry_details.compound_details         'ENGINEERED RESIDUES SER 583 ALA' 
_pdbx_entry_details.source_details           ? 
_pdbx_entry_details.nonpolymer_details       ? 
_pdbx_entry_details.sequence_details         ? 
_pdbx_entry_details.has_ligand_of_interest   ? 
# 
loop_
_pdbx_validate_close_contact.id 
_pdbx_validate_close_contact.PDB_model_num 
_pdbx_validate_close_contact.auth_atom_id_1 
_pdbx_validate_close_contact.auth_asym_id_1 
_pdbx_validate_close_contact.auth_comp_id_1 
_pdbx_validate_close_contact.auth_seq_id_1 
_pdbx_validate_close_contact.PDB_ins_code_1 
_pdbx_validate_close_contact.label_alt_id_1 
_pdbx_validate_close_contact.auth_atom_id_2 
_pdbx_validate_close_contact.auth_asym_id_2 
_pdbx_validate_close_contact.auth_comp_id_2 
_pdbx_validate_close_contact.auth_seq_id_2 
_pdbx_validate_close_contact.PDB_ins_code_2 
_pdbx_validate_close_contact.label_alt_id_2 
_pdbx_validate_close_contact.dist 
1 1 O   A HOH 2109 ? ? O A HOH 2110 ? ? 1.96 
2 1 O   A HOH 2021 ? ? O A HOH 2055 ? ? 2.07 
3 1 O   A ASP 68   ? ? O A HOH 2082 ? ? 2.17 
4 1 O   A HOH 2021 ? ? O A HOH 2052 ? ? 2.19 
5 1 O1P A AMP 1165 ? ? O A HOH 2166 ? ? 2.19 
# 
loop_
_pdbx_validate_symm_contact.id 
_pdbx_validate_symm_contact.PDB_model_num 
_pdbx_validate_symm_contact.auth_atom_id_1 
_pdbx_validate_symm_contact.auth_asym_id_1 
_pdbx_validate_symm_contact.auth_comp_id_1 
_pdbx_validate_symm_contact.auth_seq_id_1 
_pdbx_validate_symm_contact.PDB_ins_code_1 
_pdbx_validate_symm_contact.label_alt_id_1 
_pdbx_validate_symm_contact.site_symmetry_1 
_pdbx_validate_symm_contact.auth_atom_id_2 
_pdbx_validate_symm_contact.auth_asym_id_2 
_pdbx_validate_symm_contact.auth_comp_id_2 
_pdbx_validate_symm_contact.auth_seq_id_2 
_pdbx_validate_symm_contact.PDB_ins_code_2 
_pdbx_validate_symm_contact.label_alt_id_2 
_pdbx_validate_symm_contact.site_symmetry_2 
_pdbx_validate_symm_contact.dist 
1 1 O A HOH 2079 ? ? 1_555 O A HOH 2082 ? ? 75_557 2.07 
2 1 O A HOH 2078 ? ? 1_555 O A HOH 2078 ? ? 75_557 2.11 
# 
_pdbx_validate_rmsd_angle.id                         1 
_pdbx_validate_rmsd_angle.PDB_model_num              1 
_pdbx_validate_rmsd_angle.auth_atom_id_1             CG1 
_pdbx_validate_rmsd_angle.auth_asym_id_1             A 
_pdbx_validate_rmsd_angle.auth_comp_id_1             ILE 
_pdbx_validate_rmsd_angle.auth_seq_id_1              162 
_pdbx_validate_rmsd_angle.PDB_ins_code_1             ? 
_pdbx_validate_rmsd_angle.label_alt_id_1             B 
_pdbx_validate_rmsd_angle.auth_atom_id_2             CB 
_pdbx_validate_rmsd_angle.auth_asym_id_2             A 
_pdbx_validate_rmsd_angle.auth_comp_id_2             ILE 
_pdbx_validate_rmsd_angle.auth_seq_id_2              162 
_pdbx_validate_rmsd_angle.PDB_ins_code_2             ? 
_pdbx_validate_rmsd_angle.label_alt_id_2             ? 
_pdbx_validate_rmsd_angle.auth_atom_id_3             CG2 
_pdbx_validate_rmsd_angle.auth_asym_id_3             A 
_pdbx_validate_rmsd_angle.auth_comp_id_3             ILE 
_pdbx_validate_rmsd_angle.auth_seq_id_3              162 
_pdbx_validate_rmsd_angle.PDB_ins_code_3             ? 
_pdbx_validate_rmsd_angle.label_alt_id_3             B 
_pdbx_validate_rmsd_angle.angle_value                128.76 
_pdbx_validate_rmsd_angle.angle_target_value         111.40 
_pdbx_validate_rmsd_angle.angle_deviation            17.36 
_pdbx_validate_rmsd_angle.angle_standard_deviation   2.20 
_pdbx_validate_rmsd_angle.linker_flag                N 
# 
_pdbx_validate_torsion.id              1 
_pdbx_validate_torsion.PDB_model_num   1 
_pdbx_validate_torsion.auth_comp_id    SER 
_pdbx_validate_torsion.auth_asym_id    A 
_pdbx_validate_torsion.auth_seq_id     14 
_pdbx_validate_torsion.PDB_ins_code    ? 
_pdbx_validate_torsion.label_alt_id    ? 
_pdbx_validate_torsion.phi             -167.29 
_pdbx_validate_torsion.psi             117.17 
# 
_pdbx_validate_chiral.id              1 
_pdbx_validate_chiral.PDB_model_num   1 
_pdbx_validate_chiral.auth_atom_id    CB 
_pdbx_validate_chiral.label_alt_id    ? 
_pdbx_validate_chiral.auth_asym_id    A 
_pdbx_validate_chiral.auth_comp_id    ILE 
_pdbx_validate_chiral.auth_seq_id     162 
_pdbx_validate_chiral.PDB_ins_code    ? 
_pdbx_validate_chiral.details         PLANAR 
_pdbx_validate_chiral.omega           . 
# 
loop_
_pdbx_distant_solvent_atoms.id 
_pdbx_distant_solvent_atoms.PDB_model_num 
_pdbx_distant_solvent_atoms.auth_atom_id 
_pdbx_distant_solvent_atoms.label_alt_id 
_pdbx_distant_solvent_atoms.auth_asym_id 
_pdbx_distant_solvent_atoms.auth_comp_id 
_pdbx_distant_solvent_atoms.auth_seq_id 
_pdbx_distant_solvent_atoms.PDB_ins_code 
_pdbx_distant_solvent_atoms.neighbor_macromolecule_distance 
_pdbx_distant_solvent_atoms.neighbor_ligand_distance 
1 1 O ? A HOH 2006 ? 5.96 . 
2 1 O ? A HOH 2007 ? 6.83 . 
3 1 O ? A HOH 2014 ? 6.07 . 
# 
loop_
_pdbx_unobs_or_zero_occ_atoms.id 
_pdbx_unobs_or_zero_occ_atoms.PDB_model_num 
_pdbx_unobs_or_zero_occ_atoms.polymer_flag 
_pdbx_unobs_or_zero_occ_atoms.occupancy_flag 
_pdbx_unobs_or_zero_occ_atoms.auth_asym_id 
_pdbx_unobs_or_zero_occ_atoms.auth_comp_id 
_pdbx_unobs_or_zero_occ_atoms.auth_seq_id 
_pdbx_unobs_or_zero_occ_atoms.PDB_ins_code 
_pdbx_unobs_or_zero_occ_atoms.auth_atom_id 
_pdbx_unobs_or_zero_occ_atoms.label_alt_id 
_pdbx_unobs_or_zero_occ_atoms.label_asym_id 
_pdbx_unobs_or_zero_occ_atoms.label_comp_id 
_pdbx_unobs_or_zero_occ_atoms.label_seq_id 
_pdbx_unobs_or_zero_occ_atoms.label_atom_id 
1 1 Y 1 A LYS 163 ? CG ? A LYS 163 CG 
2 1 Y 1 A LYS 163 ? CD ? A LYS 163 CD 
3 1 Y 1 A LYS 163 ? CE ? A LYS 163 CE 
4 1 Y 1 A LYS 163 ? NZ ? A LYS 163 NZ 
# 
loop_
_pdbx_unobs_or_zero_occ_residues.id 
_pdbx_unobs_or_zero_occ_residues.PDB_model_num 
_pdbx_unobs_or_zero_occ_residues.polymer_flag 
_pdbx_unobs_or_zero_occ_residues.occupancy_flag 
_pdbx_unobs_or_zero_occ_residues.auth_asym_id 
_pdbx_unobs_or_zero_occ_residues.auth_comp_id 
_pdbx_unobs_or_zero_occ_residues.auth_seq_id 
_pdbx_unobs_or_zero_occ_residues.PDB_ins_code 
_pdbx_unobs_or_zero_occ_residues.label_asym_id 
_pdbx_unobs_or_zero_occ_residues.label_comp_id 
_pdbx_unobs_or_zero_occ_residues.label_seq_id 
1 1 Y 1 A VAL 1   ? A VAL 1   
2 1 Y 1 A PRO 2   ? A PRO 2   
3 1 Y 1 A GLY 164 ? A GLY 164 
4 1 Y 1 A ASP 165 ? A ASP 165 
5 1 Y 1 A LYS 166 ? A LYS 166 
6 1 Y 1 A ARG 167 ? A ARG 167 
# 
loop_
_chem_comp_atom.comp_id 
_chem_comp_atom.atom_id 
_chem_comp_atom.type_symbol 
_chem_comp_atom.pdbx_aromatic_flag 
_chem_comp_atom.pdbx_stereo_config 
_chem_comp_atom.pdbx_ordinal 
ALA N      N  N N 1   
ALA CA     C  N S 2   
ALA C      C  N N 3   
ALA O      O  N N 4   
ALA CB     C  N N 5   
ALA OXT    O  N N 6   
ALA H      H  N N 7   
ALA H2     H  N N 8   
ALA HA     H  N N 9   
ALA HB1    H  N N 10  
ALA HB2    H  N N 11  
ALA HB3    H  N N 12  
ALA HXT    H  N N 13  
AMP P      P  N N 14  
AMP O1P    O  N N 15  
AMP O2P    O  N N 16  
AMP O3P    O  N N 17  
AMP "O5'"  O  N N 18  
AMP "C5'"  C  N N 19  
AMP "C4'"  C  N R 20  
AMP "O4'"  O  N N 21  
AMP "C3'"  C  N S 22  
AMP "O3'"  O  N N 23  
AMP "C2'"  C  N R 24  
AMP "O2'"  O  N N 25  
AMP "C1'"  C  N R 26  
AMP N9     N  Y N 27  
AMP C8     C  Y N 28  
AMP N7     N  Y N 29  
AMP C5     C  Y N 30  
AMP C6     C  Y N 31  
AMP N6     N  N N 32  
AMP N1     N  Y N 33  
AMP C2     C  Y N 34  
AMP N3     N  Y N 35  
AMP C4     C  Y N 36  
AMP HOP2   H  N N 37  
AMP HOP3   H  N N 38  
AMP "H5'1" H  N N 39  
AMP "H5'2" H  N N 40  
AMP "H4'"  H  N N 41  
AMP "H3'"  H  N N 42  
AMP "HO3'" H  N N 43  
AMP "H2'"  H  N N 44  
AMP "HO2'" H  N N 45  
AMP "H1'"  H  N N 46  
AMP H8     H  N N 47  
AMP HN61   H  N N 48  
AMP HN62   H  N N 49  
AMP H2     H  N N 50  
ARG N      N  N N 51  
ARG CA     C  N S 52  
ARG C      C  N N 53  
ARG O      O  N N 54  
ARG CB     C  N N 55  
ARG CG     C  N N 56  
ARG CD     C  N N 57  
ARG NE     N  N N 58  
ARG CZ     C  N N 59  
ARG NH1    N  N N 60  
ARG NH2    N  N N 61  
ARG OXT    O  N N 62  
ARG H      H  N N 63  
ARG H2     H  N N 64  
ARG HA     H  N N 65  
ARG HB2    H  N N 66  
ARG HB3    H  N N 67  
ARG HG2    H  N N 68  
ARG HG3    H  N N 69  
ARG HD2    H  N N 70  
ARG HD3    H  N N 71  
ARG HE     H  N N 72  
ARG HH11   H  N N 73  
ARG HH12   H  N N 74  
ARG HH21   H  N N 75  
ARG HH22   H  N N 76  
ARG HXT    H  N N 77  
ASN N      N  N N 78  
ASN CA     C  N S 79  
ASN C      C  N N 80  
ASN O      O  N N 81  
ASN CB     C  N N 82  
ASN CG     C  N N 83  
ASN OD1    O  N N 84  
ASN ND2    N  N N 85  
ASN OXT    O  N N 86  
ASN H      H  N N 87  
ASN H2     H  N N 88  
ASN HA     H  N N 89  
ASN HB2    H  N N 90  
ASN HB3    H  N N 91  
ASN HD21   H  N N 92  
ASN HD22   H  N N 93  
ASN HXT    H  N N 94  
ASP N      N  N N 95  
ASP CA     C  N S 96  
ASP C      C  N N 97  
ASP O      O  N N 98  
ASP CB     C  N N 99  
ASP CG     C  N N 100 
ASP OD1    O  N N 101 
ASP OD2    O  N N 102 
ASP OXT    O  N N 103 
ASP H      H  N N 104 
ASP H2     H  N N 105 
ASP HA     H  N N 106 
ASP HB2    H  N N 107 
ASP HB3    H  N N 108 
ASP HD2    H  N N 109 
ASP HXT    H  N N 110 
CU1 CU     CU N N 111 
CYS N      N  N N 112 
CYS CA     C  N R 113 
CYS C      C  N N 114 
CYS O      O  N N 115 
CYS CB     C  N N 116 
CYS SG     S  N N 117 
CYS OXT    O  N N 118 
CYS H      H  N N 119 
CYS H2     H  N N 120 
CYS HA     H  N N 121 
CYS HB2    H  N N 122 
CYS HB3    H  N N 123 
CYS HG     H  N N 124 
CYS HXT    H  N N 125 
FMT C      C  N N 126 
FMT O1     O  N N 127 
FMT O2     O  N N 128 
FMT H      H  N N 129 
FMT HO2    H  N N 130 
GLN N      N  N N 131 
GLN CA     C  N S 132 
GLN C      C  N N 133 
GLN O      O  N N 134 
GLN CB     C  N N 135 
GLN CG     C  N N 136 
GLN CD     C  N N 137 
GLN OE1    O  N N 138 
GLN NE2    N  N N 139 
GLN OXT    O  N N 140 
GLN H      H  N N 141 
GLN H2     H  N N 142 
GLN HA     H  N N 143 
GLN HB2    H  N N 144 
GLN HB3    H  N N 145 
GLN HG2    H  N N 146 
GLN HG3    H  N N 147 
GLN HE21   H  N N 148 
GLN HE22   H  N N 149 
GLN HXT    H  N N 150 
GLU N      N  N N 151 
GLU CA     C  N S 152 
GLU C      C  N N 153 
GLU O      O  N N 154 
GLU CB     C  N N 155 
GLU CG     C  N N 156 
GLU CD     C  N N 157 
GLU OE1    O  N N 158 
GLU OE2    O  N N 159 
GLU OXT    O  N N 160 
GLU H      H  N N 161 
GLU H2     H  N N 162 
GLU HA     H  N N 163 
GLU HB2    H  N N 164 
GLU HB3    H  N N 165 
GLU HG2    H  N N 166 
GLU HG3    H  N N 167 
GLU HE2    H  N N 168 
GLU HXT    H  N N 169 
GLY N      N  N N 170 
GLY CA     C  N N 171 
GLY C      C  N N 172 
GLY O      O  N N 173 
GLY OXT    O  N N 174 
GLY H      H  N N 175 
GLY H2     H  N N 176 
GLY HA2    H  N N 177 
GLY HA3    H  N N 178 
GLY HXT    H  N N 179 
HIS N      N  N N 180 
HIS CA     C  N S 181 
HIS C      C  N N 182 
HIS O      O  N N 183 
HIS CB     C  N N 184 
HIS CG     C  Y N 185 
HIS ND1    N  Y N 186 
HIS CD2    C  Y N 187 
HIS CE1    C  Y N 188 
HIS NE2    N  Y N 189 
HIS OXT    O  N N 190 
HIS H      H  N N 191 
HIS H2     H  N N 192 
HIS HA     H  N N 193 
HIS HB2    H  N N 194 
HIS HB3    H  N N 195 
HIS HD1    H  N N 196 
HIS HD2    H  N N 197 
HIS HE1    H  N N 198 
HIS HE2    H  N N 199 
HIS HXT    H  N N 200 
HOH O      O  N N 201 
HOH H1     H  N N 202 
HOH H2     H  N N 203 
ILE N      N  N N 204 
ILE CA     C  N S 205 
ILE C      C  N N 206 
ILE O      O  N N 207 
ILE CB     C  N S 208 
ILE CG1    C  N N 209 
ILE CG2    C  N N 210 
ILE CD1    C  N N 211 
ILE OXT    O  N N 212 
ILE H      H  N N 213 
ILE H2     H  N N 214 
ILE HA     H  N N 215 
ILE HB     H  N N 216 
ILE HG12   H  N N 217 
ILE HG13   H  N N 218 
ILE HG21   H  N N 219 
ILE HG22   H  N N 220 
ILE HG23   H  N N 221 
ILE HD11   H  N N 222 
ILE HD12   H  N N 223 
ILE HD13   H  N N 224 
ILE HXT    H  N N 225 
IMD N1     N  Y N 226 
IMD C2     C  Y N 227 
IMD N3     N  Y N 228 
IMD C4     C  Y N 229 
IMD C5     C  Y N 230 
IMD HN1    H  N N 231 
IMD H2     H  N N 232 
IMD HN3    H  N N 233 
IMD H4     H  N N 234 
IMD H5     H  N N 235 
LEU N      N  N N 236 
LEU CA     C  N S 237 
LEU C      C  N N 238 
LEU O      O  N N 239 
LEU CB     C  N N 240 
LEU CG     C  N N 241 
LEU CD1    C  N N 242 
LEU CD2    C  N N 243 
LEU OXT    O  N N 244 
LEU H      H  N N 245 
LEU H2     H  N N 246 
LEU HA     H  N N 247 
LEU HB2    H  N N 248 
LEU HB3    H  N N 249 
LEU HG     H  N N 250 
LEU HD11   H  N N 251 
LEU HD12   H  N N 252 
LEU HD13   H  N N 253 
LEU HD21   H  N N 254 
LEU HD22   H  N N 255 
LEU HD23   H  N N 256 
LEU HXT    H  N N 257 
LYS N      N  N N 258 
LYS CA     C  N S 259 
LYS C      C  N N 260 
LYS O      O  N N 261 
LYS CB     C  N N 262 
LYS CG     C  N N 263 
LYS CD     C  N N 264 
LYS CE     C  N N 265 
LYS NZ     N  N N 266 
LYS OXT    O  N N 267 
LYS H      H  N N 268 
LYS H2     H  N N 269 
LYS HA     H  N N 270 
LYS HB2    H  N N 271 
LYS HB3    H  N N 272 
LYS HG2    H  N N 273 
LYS HG3    H  N N 274 
LYS HD2    H  N N 275 
LYS HD3    H  N N 276 
LYS HE2    H  N N 277 
LYS HE3    H  N N 278 
LYS HZ1    H  N N 279 
LYS HZ2    H  N N 280 
LYS HZ3    H  N N 281 
LYS HXT    H  N N 282 
MET N      N  N N 283 
MET CA     C  N S 284 
MET C      C  N N 285 
MET O      O  N N 286 
MET CB     C  N N 287 
MET CG     C  N N 288 
MET SD     S  N N 289 
MET CE     C  N N 290 
MET OXT    O  N N 291 
MET H      H  N N 292 
MET H2     H  N N 293 
MET HA     H  N N 294 
MET HB2    H  N N 295 
MET HB3    H  N N 296 
MET HG2    H  N N 297 
MET HG3    H  N N 298 
MET HE1    H  N N 299 
MET HE2    H  N N 300 
MET HE3    H  N N 301 
MET HXT    H  N N 302 
MTE N1     N  Y N 303 
MTE C2     C  Y N 304 
MTE N2     N  N N 305 
MTE N3     N  Y N 306 
MTE C4     C  Y N 307 
MTE O4     O  N N 308 
MTE N5     N  N N 309 
MTE C6     C  N R 310 
MTE C7     C  N R 311 
MTE N8     N  N N 312 
MTE C9     C  Y N 313 
MTE C10    C  Y N 314 
MTE "C1'"  C  N N 315 
MTE "S1'"  S  N N 316 
MTE "C2'"  C  N N 317 
MTE "S2'"  S  N N 318 
MTE "C3'"  C  N R 319 
MTE "O3'"  O  N N 320 
MTE "C4'"  C  N N 321 
MTE "O4'"  O  N N 322 
MTE P      P  N N 323 
MTE O1P    O  N N 324 
MTE O2P    O  N N 325 
MTE O3P    O  N N 326 
MTE HN21   H  N N 327 
MTE HN22   H  N N 328 
MTE HN3    H  N N 329 
MTE HN5    H  N N 330 
MTE H6     H  N N 331 
MTE H7     H  N N 332 
MTE HN8    H  N N 333 
MTE H1S    H  N N 334 
MTE H2S    H  N N 335 
MTE "H3'"  H  N N 336 
MTE "H4'1" H  N N 337 
MTE "H4'2" H  N N 338 
MTE HOP2   H  N N 339 
MTE HOP3   H  N N 340 
PHE N      N  N N 341 
PHE CA     C  N S 342 
PHE C      C  N N 343 
PHE O      O  N N 344 
PHE CB     C  N N 345 
PHE CG     C  Y N 346 
PHE CD1    C  Y N 347 
PHE CD2    C  Y N 348 
PHE CE1    C  Y N 349 
PHE CE2    C  Y N 350 
PHE CZ     C  Y N 351 
PHE OXT    O  N N 352 
PHE H      H  N N 353 
PHE H2     H  N N 354 
PHE HA     H  N N 355 
PHE HB2    H  N N 356 
PHE HB3    H  N N 357 
PHE HD1    H  N N 358 
PHE HD2    H  N N 359 
PHE HE1    H  N N 360 
PHE HE2    H  N N 361 
PHE HZ     H  N N 362 
PHE HXT    H  N N 363 
PPI C1     C  N N 364 
PPI C2     C  N N 365 
PPI C3     C  N N 366 
PPI O1     O  N N 367 
PPI O2     O  N N 368 
PPI H21    H  N N 369 
PPI H22    H  N N 370 
PPI H31    H  N N 371 
PPI H32    H  N N 372 
PPI H33    H  N N 373 
PPI HO2    H  N N 374 
PRO N      N  N N 375 
PRO CA     C  N S 376 
PRO C      C  N N 377 
PRO O      O  N N 378 
PRO CB     C  N N 379 
PRO CG     C  N N 380 
PRO CD     C  N N 381 
PRO OXT    O  N N 382 
PRO H      H  N N 383 
PRO HA     H  N N 384 
PRO HB2    H  N N 385 
PRO HB3    H  N N 386 
PRO HG2    H  N N 387 
PRO HG3    H  N N 388 
PRO HD2    H  N N 389 
PRO HD3    H  N N 390 
PRO HXT    H  N N 391 
SER N      N  N N 392 
SER CA     C  N S 393 
SER C      C  N N 394 
SER O      O  N N 395 
SER CB     C  N N 396 
SER OG     O  N N 397 
SER OXT    O  N N 398 
SER H      H  N N 399 
SER H2     H  N N 400 
SER HA     H  N N 401 
SER HB2    H  N N 402 
SER HB3    H  N N 403 
SER HG     H  N N 404 
SER HXT    H  N N 405 
THR N      N  N N 406 
THR CA     C  N S 407 
THR C      C  N N 408 
THR O      O  N N 409 
THR CB     C  N R 410 
THR OG1    O  N N 411 
THR CG2    C  N N 412 
THR OXT    O  N N 413 
THR H      H  N N 414 
THR H2     H  N N 415 
THR HA     H  N N 416 
THR HB     H  N N 417 
THR HG1    H  N N 418 
THR HG21   H  N N 419 
THR HG22   H  N N 420 
THR HG23   H  N N 421 
THR HXT    H  N N 422 
TRP N      N  N N 423 
TRP CA     C  N S 424 
TRP C      C  N N 425 
TRP O      O  N N 426 
TRP CB     C  N N 427 
TRP CG     C  Y N 428 
TRP CD1    C  Y N 429 
TRP CD2    C  Y N 430 
TRP NE1    N  Y N 431 
TRP CE2    C  Y N 432 
TRP CE3    C  Y N 433 
TRP CZ2    C  Y N 434 
TRP CZ3    C  Y N 435 
TRP CH2    C  Y N 436 
TRP OXT    O  N N 437 
TRP H      H  N N 438 
TRP H2     H  N N 439 
TRP HA     H  N N 440 
TRP HB2    H  N N 441 
TRP HB3    H  N N 442 
TRP HD1    H  N N 443 
TRP HE1    H  N N 444 
TRP HE3    H  N N 445 
TRP HZ2    H  N N 446 
TRP HZ3    H  N N 447 
TRP HH2    H  N N 448 
TRP HXT    H  N N 449 
TYR N      N  N N 450 
TYR CA     C  N S 451 
TYR C      C  N N 452 
TYR O      O  N N 453 
TYR CB     C  N N 454 
TYR CG     C  Y N 455 
TYR CD1    C  Y N 456 
TYR CD2    C  Y N 457 
TYR CE1    C  Y N 458 
TYR CE2    C  Y N 459 
TYR CZ     C  Y N 460 
TYR OH     O  N N 461 
TYR OXT    O  N N 462 
TYR H      H  N N 463 
TYR H2     H  N N 464 
TYR HA     H  N N 465 
TYR HB2    H  N N 466 
TYR HB3    H  N N 467 
TYR HD1    H  N N 468 
TYR HD2    H  N N 469 
TYR HE1    H  N N 470 
TYR HE2    H  N N 471 
TYR HH     H  N N 472 
TYR HXT    H  N N 473 
VAL N      N  N N 474 
VAL CA     C  N S 475 
VAL C      C  N N 476 
VAL O      O  N N 477 
VAL CB     C  N N 478 
VAL CG1    C  N N 479 
VAL CG2    C  N N 480 
VAL OXT    O  N N 481 
VAL H      H  N N 482 
VAL H2     H  N N 483 
VAL HA     H  N N 484 
VAL HB     H  N N 485 
VAL HG11   H  N N 486 
VAL HG12   H  N N 487 
VAL HG13   H  N N 488 
VAL HG21   H  N N 489 
VAL HG22   H  N N 490 
VAL HG23   H  N N 491 
VAL HXT    H  N N 492 
# 
loop_
_chem_comp_bond.comp_id 
_chem_comp_bond.atom_id_1 
_chem_comp_bond.atom_id_2 
_chem_comp_bond.value_order 
_chem_comp_bond.pdbx_aromatic_flag 
_chem_comp_bond.pdbx_stereo_config 
_chem_comp_bond.pdbx_ordinal 
ALA N     CA     sing N N 1   
ALA N     H      sing N N 2   
ALA N     H2     sing N N 3   
ALA CA    C      sing N N 4   
ALA CA    CB     sing N N 5   
ALA CA    HA     sing N N 6   
ALA C     O      doub N N 7   
ALA C     OXT    sing N N 8   
ALA CB    HB1    sing N N 9   
ALA CB    HB2    sing N N 10  
ALA CB    HB3    sing N N 11  
ALA OXT   HXT    sing N N 12  
AMP P     O1P    doub N N 13  
AMP P     O2P    sing N N 14  
AMP P     O3P    sing N N 15  
AMP P     "O5'"  sing N N 16  
AMP O2P   HOP2   sing N N 17  
AMP O3P   HOP3   sing N N 18  
AMP "O5'" "C5'"  sing N N 19  
AMP "C5'" "C4'"  sing N N 20  
AMP "C5'" "H5'1" sing N N 21  
AMP "C5'" "H5'2" sing N N 22  
AMP "C4'" "O4'"  sing N N 23  
AMP "C4'" "C3'"  sing N N 24  
AMP "C4'" "H4'"  sing N N 25  
AMP "O4'" "C1'"  sing N N 26  
AMP "C3'" "O3'"  sing N N 27  
AMP "C3'" "C2'"  sing N N 28  
AMP "C3'" "H3'"  sing N N 29  
AMP "O3'" "HO3'" sing N N 30  
AMP "C2'" "O2'"  sing N N 31  
AMP "C2'" "C1'"  sing N N 32  
AMP "C2'" "H2'"  sing N N 33  
AMP "O2'" "HO2'" sing N N 34  
AMP "C1'" N9     sing N N 35  
AMP "C1'" "H1'"  sing N N 36  
AMP N9    C8     sing Y N 37  
AMP N9    C4     sing Y N 38  
AMP C8    N7     doub Y N 39  
AMP C8    H8     sing N N 40  
AMP N7    C5     sing Y N 41  
AMP C5    C6     sing Y N 42  
AMP C5    C4     doub Y N 43  
AMP C6    N6     sing N N 44  
AMP C6    N1     doub Y N 45  
AMP N6    HN61   sing N N 46  
AMP N6    HN62   sing N N 47  
AMP N1    C2     sing Y N 48  
AMP C2    N3     doub Y N 49  
AMP C2    H2     sing N N 50  
AMP N3    C4     sing Y N 51  
ARG N     CA     sing N N 52  
ARG N     H      sing N N 53  
ARG N     H2     sing N N 54  
ARG CA    C      sing N N 55  
ARG CA    CB     sing N N 56  
ARG CA    HA     sing N N 57  
ARG C     O      doub N N 58  
ARG C     OXT    sing N N 59  
ARG CB    CG     sing N N 60  
ARG CB    HB2    sing N N 61  
ARG CB    HB3    sing N N 62  
ARG CG    CD     sing N N 63  
ARG CG    HG2    sing N N 64  
ARG CG    HG3    sing N N 65  
ARG CD    NE     sing N N 66  
ARG CD    HD2    sing N N 67  
ARG CD    HD3    sing N N 68  
ARG NE    CZ     sing N N 69  
ARG NE    HE     sing N N 70  
ARG CZ    NH1    sing N N 71  
ARG CZ    NH2    doub N N 72  
ARG NH1   HH11   sing N N 73  
ARG NH1   HH12   sing N N 74  
ARG NH2   HH21   sing N N 75  
ARG NH2   HH22   sing N N 76  
ARG OXT   HXT    sing N N 77  
ASN N     CA     sing N N 78  
ASN N     H      sing N N 79  
ASN N     H2     sing N N 80  
ASN CA    C      sing N N 81  
ASN CA    CB     sing N N 82  
ASN CA    HA     sing N N 83  
ASN C     O      doub N N 84  
ASN C     OXT    sing N N 85  
ASN CB    CG     sing N N 86  
ASN CB    HB2    sing N N 87  
ASN CB    HB3    sing N N 88  
ASN CG    OD1    doub N N 89  
ASN CG    ND2    sing N N 90  
ASN ND2   HD21   sing N N 91  
ASN ND2   HD22   sing N N 92  
ASN OXT   HXT    sing N N 93  
ASP N     CA     sing N N 94  
ASP N     H      sing N N 95  
ASP N     H2     sing N N 96  
ASP CA    C      sing N N 97  
ASP CA    CB     sing N N 98  
ASP CA    HA     sing N N 99  
ASP C     O      doub N N 100 
ASP C     OXT    sing N N 101 
ASP CB    CG     sing N N 102 
ASP CB    HB2    sing N N 103 
ASP CB    HB3    sing N N 104 
ASP CG    OD1    doub N N 105 
ASP CG    OD2    sing N N 106 
ASP OD2   HD2    sing N N 107 
ASP OXT   HXT    sing N N 108 
CYS N     CA     sing N N 109 
CYS N     H      sing N N 110 
CYS N     H2     sing N N 111 
CYS CA    C      sing N N 112 
CYS CA    CB     sing N N 113 
CYS CA    HA     sing N N 114 
CYS C     O      doub N N 115 
CYS C     OXT    sing N N 116 
CYS CB    SG     sing N N 117 
CYS CB    HB2    sing N N 118 
CYS CB    HB3    sing N N 119 
CYS SG    HG     sing N N 120 
CYS OXT   HXT    sing N N 121 
FMT C     O1     doub N N 122 
FMT C     O2     sing N N 123 
FMT C     H      sing N N 124 
FMT O2    HO2    sing N N 125 
GLN N     CA     sing N N 126 
GLN N     H      sing N N 127 
GLN N     H2     sing N N 128 
GLN CA    C      sing N N 129 
GLN CA    CB     sing N N 130 
GLN CA    HA     sing N N 131 
GLN C     O      doub N N 132 
GLN C     OXT    sing N N 133 
GLN CB    CG     sing N N 134 
GLN CB    HB2    sing N N 135 
GLN CB    HB3    sing N N 136 
GLN CG    CD     sing N N 137 
GLN CG    HG2    sing N N 138 
GLN CG    HG3    sing N N 139 
GLN CD    OE1    doub N N 140 
GLN CD    NE2    sing N N 141 
GLN NE2   HE21   sing N N 142 
GLN NE2   HE22   sing N N 143 
GLN OXT   HXT    sing N N 144 
GLU N     CA     sing N N 145 
GLU N     H      sing N N 146 
GLU N     H2     sing N N 147 
GLU CA    C      sing N N 148 
GLU CA    CB     sing N N 149 
GLU CA    HA     sing N N 150 
GLU C     O      doub N N 151 
GLU C     OXT    sing N N 152 
GLU CB    CG     sing N N 153 
GLU CB    HB2    sing N N 154 
GLU CB    HB3    sing N N 155 
GLU CG    CD     sing N N 156 
GLU CG    HG2    sing N N 157 
GLU CG    HG3    sing N N 158 
GLU CD    OE1    doub N N 159 
GLU CD    OE2    sing N N 160 
GLU OE2   HE2    sing N N 161 
GLU OXT   HXT    sing N N 162 
GLY N     CA     sing N N 163 
GLY N     H      sing N N 164 
GLY N     H2     sing N N 165 
GLY CA    C      sing N N 166 
GLY CA    HA2    sing N N 167 
GLY CA    HA3    sing N N 168 
GLY C     O      doub N N 169 
GLY C     OXT    sing N N 170 
GLY OXT   HXT    sing N N 171 
HIS N     CA     sing N N 172 
HIS N     H      sing N N 173 
HIS N     H2     sing N N 174 
HIS CA    C      sing N N 175 
HIS CA    CB     sing N N 176 
HIS CA    HA     sing N N 177 
HIS C     O      doub N N 178 
HIS C     OXT    sing N N 179 
HIS CB    CG     sing N N 180 
HIS CB    HB2    sing N N 181 
HIS CB    HB3    sing N N 182 
HIS CG    ND1    sing Y N 183 
HIS CG    CD2    doub Y N 184 
HIS ND1   CE1    doub Y N 185 
HIS ND1   HD1    sing N N 186 
HIS CD2   NE2    sing Y N 187 
HIS CD2   HD2    sing N N 188 
HIS CE1   NE2    sing Y N 189 
HIS CE1   HE1    sing N N 190 
HIS NE2   HE2    sing N N 191 
HIS OXT   HXT    sing N N 192 
HOH O     H1     sing N N 193 
HOH O     H2     sing N N 194 
ILE N     CA     sing N N 195 
ILE N     H      sing N N 196 
ILE N     H2     sing N N 197 
ILE CA    C      sing N N 198 
ILE CA    CB     sing N N 199 
ILE CA    HA     sing N N 200 
ILE C     O      doub N N 201 
ILE C     OXT    sing N N 202 
ILE CB    CG1    sing N N 203 
ILE CB    CG2    sing N N 204 
ILE CB    HB     sing N N 205 
ILE CG1   CD1    sing N N 206 
ILE CG1   HG12   sing N N 207 
ILE CG1   HG13   sing N N 208 
ILE CG2   HG21   sing N N 209 
ILE CG2   HG22   sing N N 210 
ILE CG2   HG23   sing N N 211 
ILE CD1   HD11   sing N N 212 
ILE CD1   HD12   sing N N 213 
ILE CD1   HD13   sing N N 214 
ILE OXT   HXT    sing N N 215 
IMD N1    C2     sing Y N 216 
IMD N1    C5     sing Y N 217 
IMD N1    HN1    sing N N 218 
IMD C2    N3     doub Y N 219 
IMD C2    H2     sing N N 220 
IMD N3    C4     sing Y N 221 
IMD N3    HN3    sing N N 222 
IMD C4    C5     doub Y N 223 
IMD C4    H4     sing N N 224 
IMD C5    H5     sing N N 225 
LEU N     CA     sing N N 226 
LEU N     H      sing N N 227 
LEU N     H2     sing N N 228 
LEU CA    C      sing N N 229 
LEU CA    CB     sing N N 230 
LEU CA    HA     sing N N 231 
LEU C     O      doub N N 232 
LEU C     OXT    sing N N 233 
LEU CB    CG     sing N N 234 
LEU CB    HB2    sing N N 235 
LEU CB    HB3    sing N N 236 
LEU CG    CD1    sing N N 237 
LEU CG    CD2    sing N N 238 
LEU CG    HG     sing N N 239 
LEU CD1   HD11   sing N N 240 
LEU CD1   HD12   sing N N 241 
LEU CD1   HD13   sing N N 242 
LEU CD2   HD21   sing N N 243 
LEU CD2   HD22   sing N N 244 
LEU CD2   HD23   sing N N 245 
LEU OXT   HXT    sing N N 246 
LYS N     CA     sing N N 247 
LYS N     H      sing N N 248 
LYS N     H2     sing N N 249 
LYS CA    C      sing N N 250 
LYS CA    CB     sing N N 251 
LYS CA    HA     sing N N 252 
LYS C     O      doub N N 253 
LYS C     OXT    sing N N 254 
LYS CB    CG     sing N N 255 
LYS CB    HB2    sing N N 256 
LYS CB    HB3    sing N N 257 
LYS CG    CD     sing N N 258 
LYS CG    HG2    sing N N 259 
LYS CG    HG3    sing N N 260 
LYS CD    CE     sing N N 261 
LYS CD    HD2    sing N N 262 
LYS CD    HD3    sing N N 263 
LYS CE    NZ     sing N N 264 
LYS CE    HE2    sing N N 265 
LYS CE    HE3    sing N N 266 
LYS NZ    HZ1    sing N N 267 
LYS NZ    HZ2    sing N N 268 
LYS NZ    HZ3    sing N N 269 
LYS OXT   HXT    sing N N 270 
MET N     CA     sing N N 271 
MET N     H      sing N N 272 
MET N     H2     sing N N 273 
MET CA    C      sing N N 274 
MET CA    CB     sing N N 275 
MET CA    HA     sing N N 276 
MET C     O      doub N N 277 
MET C     OXT    sing N N 278 
MET CB    CG     sing N N 279 
MET CB    HB2    sing N N 280 
MET CB    HB3    sing N N 281 
MET CG    SD     sing N N 282 
MET CG    HG2    sing N N 283 
MET CG    HG3    sing N N 284 
MET SD    CE     sing N N 285 
MET CE    HE1    sing N N 286 
MET CE    HE2    sing N N 287 
MET CE    HE3    sing N N 288 
MET OXT   HXT    sing N N 289 
MTE N1    C2     doub Y N 290 
MTE N1    C10    sing Y N 291 
MTE C2    N2     sing N N 292 
MTE C2    N3     sing Y N 293 
MTE N2    HN21   sing N N 294 
MTE N2    HN22   sing N N 295 
MTE N3    C4     sing Y N 296 
MTE N3    HN3    sing N N 297 
MTE C4    O4     doub N N 298 
MTE C4    C9     sing Y N 299 
MTE N5    C6     sing N N 300 
MTE N5    C9     sing N N 301 
MTE N5    HN5    sing N N 302 
MTE C6    C7     sing N N 303 
MTE C6    "C1'"  sing N N 304 
MTE C6    H6     sing N N 305 
MTE C7    N8     sing N N 306 
MTE C7    "O3'"  sing N N 307 
MTE C7    H7     sing N N 308 
MTE N8    C10    sing N N 309 
MTE N8    HN8    sing N N 310 
MTE C9    C10    doub Y N 311 
MTE "C1'" "S1'"  sing N N 312 
MTE "C1'" "C2'"  doub N N 313 
MTE "S1'" H1S    sing N N 314 
MTE "C2'" "S2'"  sing N N 315 
MTE "C2'" "C3'"  sing N N 316 
MTE "S2'" H2S    sing N N 317 
MTE "C3'" "O3'"  sing N N 318 
MTE "C3'" "C4'"  sing N N 319 
MTE "C3'" "H3'"  sing N N 320 
MTE "C4'" "O4'"  sing N N 321 
MTE "C4'" "H4'1" sing N N 322 
MTE "C4'" "H4'2" sing N N 323 
MTE "O4'" P      sing N N 324 
MTE P     O1P    doub N N 325 
MTE P     O2P    sing N N 326 
MTE P     O3P    sing N N 327 
MTE O2P   HOP2   sing N N 328 
MTE O3P   HOP3   sing N N 329 
PHE N     CA     sing N N 330 
PHE N     H      sing N N 331 
PHE N     H2     sing N N 332 
PHE CA    C      sing N N 333 
PHE CA    CB     sing N N 334 
PHE CA    HA     sing N N 335 
PHE C     O      doub N N 336 
PHE C     OXT    sing N N 337 
PHE CB    CG     sing N N 338 
PHE CB    HB2    sing N N 339 
PHE CB    HB3    sing N N 340 
PHE CG    CD1    doub Y N 341 
PHE CG    CD2    sing Y N 342 
PHE CD1   CE1    sing Y N 343 
PHE CD1   HD1    sing N N 344 
PHE CD2   CE2    doub Y N 345 
PHE CD2   HD2    sing N N 346 
PHE CE1   CZ     doub Y N 347 
PHE CE1   HE1    sing N N 348 
PHE CE2   CZ     sing Y N 349 
PHE CE2   HE2    sing N N 350 
PHE CZ    HZ     sing N N 351 
PHE OXT   HXT    sing N N 352 
PPI C1    C2     sing N N 353 
PPI C1    O1     doub N N 354 
PPI C1    O2     sing N N 355 
PPI C2    C3     sing N N 356 
PPI C2    H21    sing N N 357 
PPI C2    H22    sing N N 358 
PPI C3    H31    sing N N 359 
PPI C3    H32    sing N N 360 
PPI C3    H33    sing N N 361 
PPI O2    HO2    sing N N 362 
PRO N     CA     sing N N 363 
PRO N     CD     sing N N 364 
PRO N     H      sing N N 365 
PRO CA    C      sing N N 366 
PRO CA    CB     sing N N 367 
PRO CA    HA     sing N N 368 
PRO C     O      doub N N 369 
PRO C     OXT    sing N N 370 
PRO CB    CG     sing N N 371 
PRO CB    HB2    sing N N 372 
PRO CB    HB3    sing N N 373 
PRO CG    CD     sing N N 374 
PRO CG    HG2    sing N N 375 
PRO CG    HG3    sing N N 376 
PRO CD    HD2    sing N N 377 
PRO CD    HD3    sing N N 378 
PRO OXT   HXT    sing N N 379 
SER N     CA     sing N N 380 
SER N     H      sing N N 381 
SER N     H2     sing N N 382 
SER CA    C      sing N N 383 
SER CA    CB     sing N N 384 
SER CA    HA     sing N N 385 
SER C     O      doub N N 386 
SER C     OXT    sing N N 387 
SER CB    OG     sing N N 388 
SER CB    HB2    sing N N 389 
SER CB    HB3    sing N N 390 
SER OG    HG     sing N N 391 
SER OXT   HXT    sing N N 392 
THR N     CA     sing N N 393 
THR N     H      sing N N 394 
THR N     H2     sing N N 395 
THR CA    C      sing N N 396 
THR CA    CB     sing N N 397 
THR CA    HA     sing N N 398 
THR C     O      doub N N 399 
THR C     OXT    sing N N 400 
THR CB    OG1    sing N N 401 
THR CB    CG2    sing N N 402 
THR CB    HB     sing N N 403 
THR OG1   HG1    sing N N 404 
THR CG2   HG21   sing N N 405 
THR CG2   HG22   sing N N 406 
THR CG2   HG23   sing N N 407 
THR OXT   HXT    sing N N 408 
TRP N     CA     sing N N 409 
TRP N     H      sing N N 410 
TRP N     H2     sing N N 411 
TRP CA    C      sing N N 412 
TRP CA    CB     sing N N 413 
TRP CA    HA     sing N N 414 
TRP C     O      doub N N 415 
TRP C     OXT    sing N N 416 
TRP CB    CG     sing N N 417 
TRP CB    HB2    sing N N 418 
TRP CB    HB3    sing N N 419 
TRP CG    CD1    doub Y N 420 
TRP CG    CD2    sing Y N 421 
TRP CD1   NE1    sing Y N 422 
TRP CD1   HD1    sing N N 423 
TRP CD2   CE2    doub Y N 424 
TRP CD2   CE3    sing Y N 425 
TRP NE1   CE2    sing Y N 426 
TRP NE1   HE1    sing N N 427 
TRP CE2   CZ2    sing Y N 428 
TRP CE3   CZ3    doub Y N 429 
TRP CE3   HE3    sing N N 430 
TRP CZ2   CH2    doub Y N 431 
TRP CZ2   HZ2    sing N N 432 
TRP CZ3   CH2    sing Y N 433 
TRP CZ3   HZ3    sing N N 434 
TRP CH2   HH2    sing N N 435 
TRP OXT   HXT    sing N N 436 
TYR N     CA     sing N N 437 
TYR N     H      sing N N 438 
TYR N     H2     sing N N 439 
TYR CA    C      sing N N 440 
TYR CA    CB     sing N N 441 
TYR CA    HA     sing N N 442 
TYR C     O      doub N N 443 
TYR C     OXT    sing N N 444 
TYR CB    CG     sing N N 445 
TYR CB    HB2    sing N N 446 
TYR CB    HB3    sing N N 447 
TYR CG    CD1    doub Y N 448 
TYR CG    CD2    sing Y N 449 
TYR CD1   CE1    sing Y N 450 
TYR CD1   HD1    sing N N 451 
TYR CD2   CE2    doub Y N 452 
TYR CD2   HD2    sing N N 453 
TYR CE1   CZ     doub Y N 454 
TYR CE1   HE1    sing N N 455 
TYR CE2   CZ     sing Y N 456 
TYR CE2   HE2    sing N N 457 
TYR CZ    OH     sing N N 458 
TYR OH    HH     sing N N 459 
TYR OXT   HXT    sing N N 460 
VAL N     CA     sing N N 461 
VAL N     H      sing N N 462 
VAL N     H2     sing N N 463 
VAL CA    C      sing N N 464 
VAL CA    CB     sing N N 465 
VAL CA    HA     sing N N 466 
VAL C     O      doub N N 467 
VAL C     OXT    sing N N 468 
VAL CB    CG1    sing N N 469 
VAL CB    CG2    sing N N 470 
VAL CB    HB     sing N N 471 
VAL CG1   HG11   sing N N 472 
VAL CG1   HG12   sing N N 473 
VAL CG1   HG13   sing N N 474 
VAL CG2   HG21   sing N N 475 
VAL CG2   HG22   sing N N 476 
VAL CG2   HG23   sing N N 477 
VAL OXT   HXT    sing N N 478 
# 
loop_
_pdbx_entity_nonpoly.entity_id 
_pdbx_entity_nonpoly.name 
_pdbx_entity_nonpoly.comp_id 
2 
'PHOSPHONIC ACIDMONO-(2-AMINO-5,6-DIMERCAPTO-4-OXO-3,7,8A,9,10,10A-HEXAHYDRO-4H-8-OXA-1,3,9,10-TETRAAZA-ANTHRACEN-7-YLMETHYL)ESTER' 
MTE 
3 'ADENOSINE MONOPHOSPHATE' AMP 
4 'PROPANOIC ACID' PPI 
5 IMIDAZOLE IMD 
6 'FORMIC ACID' FMT 
7 'COPPER (I) ION' CU1 
8 water HOH 
# 
_pdbx_initial_refinement_model.id               1 
_pdbx_initial_refinement_model.entity_id_list   ? 
_pdbx_initial_refinement_model.type             'experimental model' 
_pdbx_initial_refinement_model.source_name      PDB 
_pdbx_initial_refinement_model.accession_code   1UUX 
_pdbx_initial_refinement_model.details          'PDB ENTRY 1UUX' 
# 
